data_7V4M
# 
_entry.id   7V4M 
# 
_audit_conform.dict_name       mmcif_pdbx.dic 
_audit_conform.dict_version    5.380 
_audit_conform.dict_location   http://mmcif.pdb.org/dictionaries/ascii/mmcif_pdbx.dic 
# 
loop_
_database_2.database_id 
_database_2.database_code 
_database_2.pdbx_database_accession 
_database_2.pdbx_DOI 
PDB   7V4M         pdb_00007v4m 10.2210/pdb7v4m/pdb 
WWPDB D_1300023980 ?            ?                   
# 
_pdbx_database_status.status_code                     REL 
_pdbx_database_status.status_code_sf                  REL 
_pdbx_database_status.status_code_mr                  ? 
_pdbx_database_status.entry_id                        7V4M 
_pdbx_database_status.recvd_initial_deposition_date   2021-08-13 
_pdbx_database_status.SG_entry                        N 
_pdbx_database_status.deposit_site                    PDBJ 
_pdbx_database_status.process_site                    PDBJ 
_pdbx_database_status.status_code_cs                  ? 
_pdbx_database_status.status_code_nmr_data            ? 
_pdbx_database_status.methods_development_category    ? 
_pdbx_database_status.pdb_format_compatible           Y 
# 
loop_
_audit_author.name 
_audit_author.pdbx_ordinal 
_audit_author.identifier_ORCID 
'Li, T.L.'    1 ? 
'Saeid, M.Z.' 2 ? 
# 
_citation.abstract                  ? 
_citation.abstract_id_CAS           ? 
_citation.book_id_ISBN              ? 
_citation.book_publisher            ? 
_citation.book_publisher_city       ? 
_citation.book_title                ? 
_citation.coordinate_linkage        ? 
_citation.country                   UK 
_citation.database_id_Medline       ? 
_citation.details                   ? 
_citation.id                        primary 
_citation.journal_abbrev            'Commun Chem' 
_citation.journal_id_ASTM           ? 
_citation.journal_id_CSD            ? 
_citation.journal_id_ISSN           2399-3669 
_citation.journal_full              ? 
_citation.journal_issue             ? 
_citation.journal_volume            5 
_citation.language                  ? 
_citation.page_first                87 
_citation.page_last                 ? 
_citation.title                     
;beta-Hydroxylation of alpha-amino-beta-hydroxylbutanoyl-glycyluridine catalyzed by a nonheme hydroxylase ensures the maturation of caprazamycin
;
_citation.year                      2022 
_citation.database_id_CSD           ? 
_citation.pdbx_database_id_DOI      10.1038/s42004-022-00703-6 
_citation.pdbx_database_id_PubMed   ? 
_citation.pdbx_database_id_patent   ? 
_citation.unpublished_flag          ? 
# 
loop_
_citation_author.citation_id 
_citation_author.name 
_citation_author.ordinal 
_citation_author.identifier_ORCID 
primary 'Zadeh, S.M.'  1  ? 
primary 'Chen, M.H.'   2  ? 
primary 'Wang, Z.C.'   3  ? 
primary 'Astani, E.K.' 4  ? 
primary 'Lo, I.W.'     5  ? 
primary 'Lin, K.H.'    6  ? 
primary 'Hsu, N.S.'    7  ? 
primary 'Adhikari, K.' 8  ? 
primary 'Lyu, S.Y.'    9  ? 
primary 'Tsai, H.Y.'   10 ? 
primary 'Terasawa, Y.' 11 ? 
primary 'Yabe, M.'     12 ? 
primary 'Yamamoto, K.' 13 ? 
primary 'Ichikawa, S.' 14 ? 
primary 'Li, T.L.'     15 ? 
# 
_cell.angle_alpha                  90.00 
_cell.angle_alpha_esd              ? 
_cell.angle_beta                   90.00 
_cell.angle_beta_esd               ? 
_cell.angle_gamma                  90.00 
_cell.angle_gamma_esd              ? 
_cell.entry_id                     7V4M 
_cell.details                      ? 
_cell.formula_units_Z              ? 
_cell.length_a                     75.184 
_cell.length_a_esd                 ? 
_cell.length_b                     77.568 
_cell.length_b_esd                 ? 
_cell.length_c                     68.118 
_cell.length_c_esd                 ? 
_cell.volume                       ? 
_cell.volume_esd                   ? 
_cell.Z_PDB                        8 
_cell.reciprocal_angle_alpha       ? 
_cell.reciprocal_angle_beta        ? 
_cell.reciprocal_angle_gamma       ? 
_cell.reciprocal_angle_alpha_esd   ? 
_cell.reciprocal_angle_beta_esd    ? 
_cell.reciprocal_angle_gamma_esd   ? 
_cell.reciprocal_length_a          ? 
_cell.reciprocal_length_b          ? 
_cell.reciprocal_length_c          ? 
_cell.reciprocal_length_a_esd      ? 
_cell.reciprocal_length_b_esd      ? 
_cell.reciprocal_length_c_esd      ? 
_cell.pdbx_unique_axis             ? 
# 
_symmetry.entry_id                         7V4M 
_symmetry.cell_setting                     ? 
_symmetry.Int_Tables_number                20 
_symmetry.space_group_name_Hall            ? 
_symmetry.space_group_name_H-M             'C 2 2 21' 
_symmetry.pdbx_full_space_group_name_H-M   ? 
# 
loop_
_entity.id 
_entity.type 
_entity.src_method 
_entity.pdbx_description 
_entity.formula_weight 
_entity.pdbx_number_of_molecules 
_entity.pdbx_ec 
_entity.pdbx_mutation 
_entity.pdbx_fragment 
_entity.details 
1 polymer     man Beta-hydroxylase     21090.766 1   ? ? ? ? 
2 non-polymer syn '2-OXOGLUTARIC ACID' 146.098   1   ? ? ? ? 
3 non-polymer syn 'POTASSIUM ION'      39.098    1   ? ? ? ? 
4 non-polymer syn 'FE (III) ION'       55.845    2   ? ? ? ? 
5 non-polymer syn 'PHOSPHATE ION'      94.971    1   ? ? ? ? 
6 water       nat water                18.015    135 ? ? ? ? 
# 
_entity_poly.entity_id                      1 
_entity_poly.type                           'polypeptide(L)' 
_entity_poly.nstd_linkage                   no 
_entity_poly.nstd_monomer                   no 
_entity_poly.pdbx_seq_one_letter_code       
;MPGRRKACFVTALTSRTELDIDPDKLRESVVELLERHPLVFEGTRQLALQHRPEATDPWYEGCQRQSLISSDSDFTEVHG
ELRDTYLGEVFDRLPFKPIRTRIMALDPKYCYSVHRDLTPRYHLAVTTSEHARFVFIEHDKVLHIPADGDLYYVDTRQLH
SAFNGGDDMRIHIVFGTDGESK
;
_entity_poly.pdbx_seq_one_letter_code_can   
;MPGRRKACFVTALTSRTELDIDPDKLRESVVELLERHPLVFEGTRQLALQHRPEATDPWYEGCQRQSLISSDSDFTEVHG
ELRDTYLGEVFDRLPFKPIRTRIMALDPKYCYSVHRDLTPRYHLAVTTSEHARFVFIEHDKVLHIPADGDLYYVDTRQLH
SAFNGGDDMRIHIVFGTDGESK
;
_entity_poly.pdbx_strand_id                 B 
_entity_poly.pdbx_target_identifier         ? 
# 
loop_
_entity_poly_seq.entity_id 
_entity_poly_seq.num 
_entity_poly_seq.mon_id 
_entity_poly_seq.hetero 
1 1   MET n 
1 2   PRO n 
1 3   GLY n 
1 4   ARG n 
1 5   ARG n 
1 6   LYS n 
1 7   ALA n 
1 8   CYS n 
1 9   PHE n 
1 10  VAL n 
1 11  THR n 
1 12  ALA n 
1 13  LEU n 
1 14  THR n 
1 15  SER n 
1 16  ARG n 
1 17  THR n 
1 18  GLU n 
1 19  LEU n 
1 20  ASP n 
1 21  ILE n 
1 22  ASP n 
1 23  PRO n 
1 24  ASP n 
1 25  LYS n 
1 26  LEU n 
1 27  ARG n 
1 28  GLU n 
1 29  SER n 
1 30  VAL n 
1 31  VAL n 
1 32  GLU n 
1 33  LEU n 
1 34  LEU n 
1 35  GLU n 
1 36  ARG n 
1 37  HIS n 
1 38  PRO n 
1 39  LEU n 
1 40  VAL n 
1 41  PHE n 
1 42  GLU n 
1 43  GLY n 
1 44  THR n 
1 45  ARG n 
1 46  GLN n 
1 47  LEU n 
1 48  ALA n 
1 49  LEU n 
1 50  GLN n 
1 51  HIS n 
1 52  ARG n 
1 53  PRO n 
1 54  GLU n 
1 55  ALA n 
1 56  THR n 
1 57  ASP n 
1 58  PRO n 
1 59  TRP n 
1 60  TYR n 
1 61  GLU n 
1 62  GLY n 
1 63  CYS n 
1 64  GLN n 
1 65  ARG n 
1 66  GLN n 
1 67  SER n 
1 68  LEU n 
1 69  ILE n 
1 70  SER n 
1 71  SER n 
1 72  ASP n 
1 73  SER n 
1 74  ASP n 
1 75  PHE n 
1 76  THR n 
1 77  GLU n 
1 78  VAL n 
1 79  HIS n 
1 80  GLY n 
1 81  GLU n 
1 82  LEU n 
1 83  ARG n 
1 84  ASP n 
1 85  THR n 
1 86  TYR n 
1 87  LEU n 
1 88  GLY n 
1 89  GLU n 
1 90  VAL n 
1 91  PHE n 
1 92  ASP n 
1 93  ARG n 
1 94  LEU n 
1 95  PRO n 
1 96  PHE n 
1 97  LYS n 
1 98  PRO n 
1 99  ILE n 
1 100 ARG n 
1 101 THR n 
1 102 ARG n 
1 103 ILE n 
1 104 MET n 
1 105 ALA n 
1 106 LEU n 
1 107 ASP n 
1 108 PRO n 
1 109 LYS n 
1 110 TYR n 
1 111 CYS n 
1 112 TYR n 
1 113 SER n 
1 114 VAL n 
1 115 HIS n 
1 116 ARG n 
1 117 ASP n 
1 118 LEU n 
1 119 THR n 
1 120 PRO n 
1 121 ARG n 
1 122 TYR n 
1 123 HIS n 
1 124 LEU n 
1 125 ALA n 
1 126 VAL n 
1 127 THR n 
1 128 THR n 
1 129 SER n 
1 130 GLU n 
1 131 HIS n 
1 132 ALA n 
1 133 ARG n 
1 134 PHE n 
1 135 VAL n 
1 136 PHE n 
1 137 ILE n 
1 138 GLU n 
1 139 HIS n 
1 140 ASP n 
1 141 LYS n 
1 142 VAL n 
1 143 LEU n 
1 144 HIS n 
1 145 ILE n 
1 146 PRO n 
1 147 ALA n 
1 148 ASP n 
1 149 GLY n 
1 150 ASP n 
1 151 LEU n 
1 152 TYR n 
1 153 TYR n 
1 154 VAL n 
1 155 ASP n 
1 156 THR n 
1 157 ARG n 
1 158 GLN n 
1 159 LEU n 
1 160 HIS n 
1 161 SER n 
1 162 ALA n 
1 163 PHE n 
1 164 ASN n 
1 165 GLY n 
1 166 GLY n 
1 167 ASP n 
1 168 ASP n 
1 169 MET n 
1 170 ARG n 
1 171 ILE n 
1 172 HIS n 
1 173 ILE n 
1 174 VAL n 
1 175 PHE n 
1 176 GLY n 
1 177 THR n 
1 178 ASP n 
1 179 GLY n 
1 180 GLU n 
1 181 SER n 
1 182 LYS n 
# 
_entity_src_gen.entity_id                          1 
_entity_src_gen.pdbx_src_id                        1 
_entity_src_gen.pdbx_alt_source_flag               sample 
_entity_src_gen.pdbx_seq_type                      'Biological sequence' 
_entity_src_gen.pdbx_beg_seq_num                   1 
_entity_src_gen.pdbx_end_seq_num                   182 
_entity_src_gen.gene_src_common_name               ? 
_entity_src_gen.gene_src_genus                     ? 
_entity_src_gen.pdbx_gene_src_gene                 cpz10 
_entity_src_gen.gene_src_species                   ? 
_entity_src_gen.gene_src_strain                    ? 
_entity_src_gen.gene_src_tissue                    ? 
_entity_src_gen.gene_src_tissue_fraction           ? 
_entity_src_gen.gene_src_details                   ? 
_entity_src_gen.pdbx_gene_src_fragment             ? 
_entity_src_gen.pdbx_gene_src_scientific_name      'Streptomyces sp. MK730-62F2' 
_entity_src_gen.pdbx_gene_src_ncbi_taxonomy_id     643403 
_entity_src_gen.pdbx_gene_src_variant              ? 
_entity_src_gen.pdbx_gene_src_cell_line            ? 
_entity_src_gen.pdbx_gene_src_atcc                 ? 
_entity_src_gen.pdbx_gene_src_organ                ? 
_entity_src_gen.pdbx_gene_src_organelle            ? 
_entity_src_gen.pdbx_gene_src_cell                 ? 
_entity_src_gen.pdbx_gene_src_cellular_location    ? 
_entity_src_gen.host_org_common_name               ? 
_entity_src_gen.pdbx_host_org_scientific_name      'Escherichia coli-Pichia pastoris shuttle vector pPpGUT1' 
_entity_src_gen.pdbx_host_org_ncbi_taxonomy_id     1182037 
_entity_src_gen.host_org_genus                     ? 
_entity_src_gen.pdbx_host_org_gene                 ? 
_entity_src_gen.pdbx_host_org_organ                ? 
_entity_src_gen.host_org_species                   ? 
_entity_src_gen.pdbx_host_org_tissue               ? 
_entity_src_gen.pdbx_host_org_tissue_fraction      ? 
_entity_src_gen.pdbx_host_org_strain               ? 
_entity_src_gen.pdbx_host_org_variant              ? 
_entity_src_gen.pdbx_host_org_cell_line            ? 
_entity_src_gen.pdbx_host_org_atcc                 ? 
_entity_src_gen.pdbx_host_org_culture_collection   ? 
_entity_src_gen.pdbx_host_org_cell                 ? 
_entity_src_gen.pdbx_host_org_organelle            ? 
_entity_src_gen.pdbx_host_org_cellular_location    ? 
_entity_src_gen.pdbx_host_org_vector_type          ? 
_entity_src_gen.pdbx_host_org_vector               ? 
_entity_src_gen.host_org_details                   ? 
_entity_src_gen.expression_system_id               ? 
_entity_src_gen.plasmid_name                       ? 
_entity_src_gen.plasmid_details                    ? 
_entity_src_gen.pdbx_description                   ? 
# 
_struct_ref.id                         1 
_struct_ref.db_name                    UNP 
_struct_ref.db_code                    C4NCJ7_9ACTN 
_struct_ref.pdbx_db_accession          C4NCJ7 
_struct_ref.pdbx_db_isoform            ? 
_struct_ref.entity_id                  1 
_struct_ref.pdbx_seq_one_letter_code   
;MPGRRKACFVTALTSRTELDIDPDKLRESVVELLERHPLVFEGTRQLALQHRPEATDPWYEGCQRQSLISSDSDFTEVHG
ELRDTYLGEVFDRLPFKPIRTRIMALDPKYCYSVHRDLTPRYHLAVTTSEHARFVFIEHDKVLHIPADGDLYYVDTRQLH
SAFNGGDDMRIHIVFGTDGESK
;
_struct_ref.pdbx_align_begin           1 
# 
_struct_ref_seq.align_id                      1 
_struct_ref_seq.ref_id                        1 
_struct_ref_seq.pdbx_PDB_id_code              7V4M 
_struct_ref_seq.pdbx_strand_id                B 
_struct_ref_seq.seq_align_beg                 1 
_struct_ref_seq.pdbx_seq_align_beg_ins_code   ? 
_struct_ref_seq.seq_align_end                 182 
_struct_ref_seq.pdbx_seq_align_end_ins_code   ? 
_struct_ref_seq.pdbx_db_accession             C4NCJ7 
_struct_ref_seq.db_align_beg                  1 
_struct_ref_seq.pdbx_db_align_beg_ins_code    ? 
_struct_ref_seq.db_align_end                  182 
_struct_ref_seq.pdbx_db_align_end_ins_code    ? 
_struct_ref_seq.pdbx_auth_seq_align_beg       1 
_struct_ref_seq.pdbx_auth_seq_align_end       182 
# 
loop_
_chem_comp.id 
_chem_comp.type 
_chem_comp.mon_nstd_flag 
_chem_comp.name 
_chem_comp.pdbx_synonyms 
_chem_comp.formula 
_chem_comp.formula_weight 
AKG non-polymer         . '2-OXOGLUTARIC ACID' ? 'C5 H6 O5'       146.098 
ALA 'L-peptide linking' y ALANINE              ? 'C3 H7 N O2'     89.093  
ARG 'L-peptide linking' y ARGININE             ? 'C6 H15 N4 O2 1' 175.209 
ASN 'L-peptide linking' y ASPARAGINE           ? 'C4 H8 N2 O3'    132.118 
ASP 'L-peptide linking' y 'ASPARTIC ACID'      ? 'C4 H7 N O4'     133.103 
CYS 'L-peptide linking' y CYSTEINE             ? 'C3 H7 N O2 S'   121.158 
FE  non-polymer         . 'FE (III) ION'       ? 'Fe 3'           55.845  
GLN 'L-peptide linking' y GLUTAMINE            ? 'C5 H10 N2 O3'   146.144 
GLU 'L-peptide linking' y 'GLUTAMIC ACID'      ? 'C5 H9 N O4'     147.129 
GLY 'peptide linking'   y GLYCINE              ? 'C2 H5 N O2'     75.067  
HIS 'L-peptide linking' y HISTIDINE            ? 'C6 H10 N3 O2 1' 156.162 
HOH non-polymer         . WATER                ? 'H2 O'           18.015  
ILE 'L-peptide linking' y ISOLEUCINE           ? 'C6 H13 N O2'    131.173 
K   non-polymer         . 'POTASSIUM ION'      ? 'K 1'            39.098  
LEU 'L-peptide linking' y LEUCINE              ? 'C6 H13 N O2'    131.173 
LYS 'L-peptide linking' y LYSINE               ? 'C6 H15 N2 O2 1' 147.195 
MET 'L-peptide linking' y METHIONINE           ? 'C5 H11 N O2 S'  149.211 
PHE 'L-peptide linking' y PHENYLALANINE        ? 'C9 H11 N O2'    165.189 
PO4 non-polymer         . 'PHOSPHATE ION'      ? 'O4 P -3'        94.971  
PRO 'L-peptide linking' y PROLINE              ? 'C5 H9 N O2'     115.130 
SER 'L-peptide linking' y SERINE               ? 'C3 H7 N O3'     105.093 
THR 'L-peptide linking' y THREONINE            ? 'C4 H9 N O3'     119.119 
TRP 'L-peptide linking' y TRYPTOPHAN           ? 'C11 H12 N2 O2'  204.225 
TYR 'L-peptide linking' y TYROSINE             ? 'C9 H11 N O3'    181.189 
VAL 'L-peptide linking' y VALINE               ? 'C5 H11 N O2'    117.146 
# 
_exptl.absorpt_coefficient_mu     ? 
_exptl.absorpt_correction_T_max   ? 
_exptl.absorpt_correction_T_min   ? 
_exptl.absorpt_correction_type    ? 
_exptl.absorpt_process_details    ? 
_exptl.entry_id                   7V4M 
_exptl.crystals_number            1 
_exptl.details                    ? 
_exptl.method                     'X-RAY DIFFRACTION' 
_exptl.method_details             ? 
# 
_exptl_crystal.colour                      ? 
_exptl_crystal.density_diffrn              ? 
_exptl_crystal.density_Matthews            2.35 
_exptl_crystal.density_method              ? 
_exptl_crystal.density_percent_sol         47.76 
_exptl_crystal.description                 ? 
_exptl_crystal.F_000                       ? 
_exptl_crystal.id                          1 
_exptl_crystal.preparation                 ? 
_exptl_crystal.size_max                    ? 
_exptl_crystal.size_mid                    ? 
_exptl_crystal.size_min                    ? 
_exptl_crystal.size_rad                    ? 
_exptl_crystal.colour_lustre               ? 
_exptl_crystal.colour_modifier             ? 
_exptl_crystal.colour_primary              ? 
_exptl_crystal.density_meas                ? 
_exptl_crystal.density_meas_esd            ? 
_exptl_crystal.density_meas_gt             ? 
_exptl_crystal.density_meas_lt             ? 
_exptl_crystal.density_meas_temp           ? 
_exptl_crystal.density_meas_temp_esd       ? 
_exptl_crystal.density_meas_temp_gt        ? 
_exptl_crystal.density_meas_temp_lt        ? 
_exptl_crystal.pdbx_crystal_image_url      ? 
_exptl_crystal.pdbx_crystal_image_format   ? 
_exptl_crystal.pdbx_mosaicity              ? 
_exptl_crystal.pdbx_mosaicity_esd          ? 
# 
_exptl_crystal_grow.apparatus       ? 
_exptl_crystal_grow.atmosphere      ? 
_exptl_crystal_grow.crystal_id      1 
_exptl_crystal_grow.details         ? 
_exptl_crystal_grow.method          'VAPOR DIFFUSION, HANGING DROP' 
_exptl_crystal_grow.method_ref      ? 
_exptl_crystal_grow.pH              ? 
_exptl_crystal_grow.pressure        ? 
_exptl_crystal_grow.pressure_esd    ? 
_exptl_crystal_grow.seeding         ? 
_exptl_crystal_grow.seeding_ref     ? 
_exptl_crystal_grow.temp            293 
_exptl_crystal_grow.temp_details    ? 
_exptl_crystal_grow.temp_esd        ? 
_exptl_crystal_grow.time            ? 
_exptl_crystal_grow.pdbx_details    
;0.1M Calcium acetate 
0.1M MES pH 6.4
9% V/V PEG 4K
10 mg
;
_exptl_crystal_grow.pdbx_pH_range   ? 
# 
_diffrn.ambient_environment              ? 
_diffrn.ambient_temp                     80 
_diffrn.ambient_temp_details             ? 
_diffrn.ambient_temp_esd                 ? 
_diffrn.crystal_id                       1 
_diffrn.crystal_support                  ? 
_diffrn.crystal_treatment                ? 
_diffrn.details                          ? 
_diffrn.id                               1 
_diffrn.ambient_pressure                 ? 
_diffrn.ambient_pressure_esd             ? 
_diffrn.ambient_pressure_gt              ? 
_diffrn.ambient_pressure_lt              ? 
_diffrn.ambient_temp_gt                  ? 
_diffrn.ambient_temp_lt                  ? 
_diffrn.pdbx_serial_crystal_experiment   N 
# 
_diffrn_detector.details                      ? 
_diffrn_detector.detector                     CCD 
_diffrn_detector.diffrn_id                    1 
_diffrn_detector.type                         'RAYONIX MX300HE' 
_diffrn_detector.area_resol_mean              ? 
_diffrn_detector.dtime                        ? 
_diffrn_detector.pdbx_frames_total            ? 
_diffrn_detector.pdbx_collection_time_total   ? 
_diffrn_detector.pdbx_collection_date         2021-04-17 
_diffrn_detector.pdbx_frequency               ? 
# 
_diffrn_radiation.collimation                      ? 
_diffrn_radiation.diffrn_id                        1 
_diffrn_radiation.filter_edge                      ? 
_diffrn_radiation.inhomogeneity                    ? 
_diffrn_radiation.monochromator                    ? 
_diffrn_radiation.polarisn_norm                    ? 
_diffrn_radiation.polarisn_ratio                   ? 
_diffrn_radiation.probe                            ? 
_diffrn_radiation.type                             ? 
_diffrn_radiation.xray_symbol                      ? 
_diffrn_radiation.wavelength_id                    1 
_diffrn_radiation.pdbx_monochromatic_or_laue_m_l   M 
_diffrn_radiation.pdbx_wavelength_list             ? 
_diffrn_radiation.pdbx_wavelength                  ? 
_diffrn_radiation.pdbx_diffrn_protocol             'SINGLE WAVELENGTH' 
_diffrn_radiation.pdbx_analyzer                    ? 
_diffrn_radiation.pdbx_scattering_type             x-ray 
# 
_diffrn_radiation_wavelength.id           1 
_diffrn_radiation_wavelength.wavelength   0.9 
_diffrn_radiation_wavelength.wt           1.0 
# 
_diffrn_source.current                     ? 
_diffrn_source.details                     ? 
_diffrn_source.diffrn_id                   1 
_diffrn_source.power                       ? 
_diffrn_source.size                        ? 
_diffrn_source.source                      SYNCHROTRON 
_diffrn_source.target                      ? 
_diffrn_source.type                        'NSRRC BEAMLINE BL15A1' 
_diffrn_source.voltage                     ? 
_diffrn_source.take-off_angle              ? 
_diffrn_source.pdbx_wavelength_list        0.9 
_diffrn_source.pdbx_wavelength             ? 
_diffrn_source.pdbx_synchrotron_beamline   BL15A1 
_diffrn_source.pdbx_synchrotron_site       NSRRC 
# 
_reflns.B_iso_Wilson_estimate                          ? 
_reflns.entry_id                                       7V4M 
_reflns.data_reduction_details                         ? 
_reflns.data_reduction_method                          ? 
_reflns.d_resolution_high                              1.90 
_reflns.d_resolution_low                               19.86 
_reflns.details                                        ? 
_reflns.limit_h_max                                    ? 
_reflns.limit_h_min                                    ? 
_reflns.limit_k_max                                    ? 
_reflns.limit_k_min                                    ? 
_reflns.limit_l_max                                    ? 
_reflns.limit_l_min                                    ? 
_reflns.number_all                                     ? 
_reflns.number_obs                                     16089 
_reflns.observed_criterion                             ? 
_reflns.observed_criterion_F_max                       ? 
_reflns.observed_criterion_F_min                       ? 
_reflns.observed_criterion_I_max                       ? 
_reflns.observed_criterion_I_min                       ? 
_reflns.observed_criterion_sigma_F                     ? 
_reflns.observed_criterion_sigma_I                     ? 
_reflns.percent_possible_obs                           100 
_reflns.R_free_details                                 ? 
_reflns.Rmerge_F_all                                   ? 
_reflns.Rmerge_F_obs                                   ? 
_reflns.Friedel_coverage                               ? 
_reflns.number_gt                                      ? 
_reflns.threshold_expression                           ? 
_reflns.pdbx_redundancy                                5.3 
_reflns.pdbx_Rmerge_I_obs                              ? 
_reflns.pdbx_Rmerge_I_all                              ? 
_reflns.pdbx_Rsym_value                                ? 
_reflns.pdbx_netI_over_av_sigmaI                       ? 
_reflns.pdbx_netI_over_sigmaI                          23.6 
_reflns.pdbx_res_netI_over_av_sigmaI_2                 ? 
_reflns.pdbx_res_netI_over_sigmaI_2                    ? 
_reflns.pdbx_chi_squared                               ? 
_reflns.pdbx_scaling_rejects                           ? 
_reflns.pdbx_d_res_high_opt                            ? 
_reflns.pdbx_d_res_low_opt                             ? 
_reflns.pdbx_d_res_opt_method                          ? 
_reflns.phase_calculation_details                      ? 
_reflns.pdbx_Rrim_I_all                                ? 
_reflns.pdbx_Rpim_I_all                                ? 
_reflns.pdbx_d_opt                                     ? 
_reflns.pdbx_number_measured_all                       ? 
_reflns.pdbx_diffrn_id                                 1 
_reflns.pdbx_ordinal                                   1 
_reflns.pdbx_CC_half                                   0.780 
_reflns.pdbx_CC_star                                   ? 
_reflns.pdbx_R_split                                   ? 
_reflns.pdbx_aniso_diffraction_limit_axis_1_ortho[1]   ? 
_reflns.pdbx_aniso_diffraction_limit_axis_1_ortho[2]   ? 
_reflns.pdbx_aniso_diffraction_limit_axis_1_ortho[3]   ? 
_reflns.pdbx_aniso_diffraction_limit_axis_2_ortho[1]   ? 
_reflns.pdbx_aniso_diffraction_limit_axis_2_ortho[2]   ? 
_reflns.pdbx_aniso_diffraction_limit_axis_2_ortho[3]   ? 
_reflns.pdbx_aniso_diffraction_limit_axis_3_ortho[1]   ? 
_reflns.pdbx_aniso_diffraction_limit_axis_3_ortho[2]   ? 
_reflns.pdbx_aniso_diffraction_limit_axis_3_ortho[3]   ? 
_reflns.pdbx_aniso_diffraction_limit_1                 ? 
_reflns.pdbx_aniso_diffraction_limit_2                 ? 
_reflns.pdbx_aniso_diffraction_limit_3                 ? 
_reflns.pdbx_aniso_B_tensor_eigenvector_1_ortho[1]     ? 
_reflns.pdbx_aniso_B_tensor_eigenvector_1_ortho[2]     ? 
_reflns.pdbx_aniso_B_tensor_eigenvector_1_ortho[3]     ? 
_reflns.pdbx_aniso_B_tensor_eigenvector_2_ortho[1]     ? 
_reflns.pdbx_aniso_B_tensor_eigenvector_2_ortho[2]     ? 
_reflns.pdbx_aniso_B_tensor_eigenvector_2_ortho[3]     ? 
_reflns.pdbx_aniso_B_tensor_eigenvector_3_ortho[1]     ? 
_reflns.pdbx_aniso_B_tensor_eigenvector_3_ortho[2]     ? 
_reflns.pdbx_aniso_B_tensor_eigenvector_3_ortho[3]     ? 
_reflns.pdbx_aniso_B_tensor_eigenvalue_1               ? 
_reflns.pdbx_aniso_B_tensor_eigenvalue_2               ? 
_reflns.pdbx_aniso_B_tensor_eigenvalue_3               ? 
_reflns.pdbx_orthogonalization_convention              ? 
_reflns.pdbx_percent_possible_ellipsoidal              ? 
_reflns.pdbx_percent_possible_spherical                ? 
_reflns.pdbx_percent_possible_ellipsoidal_anomalous    ? 
_reflns.pdbx_percent_possible_spherical_anomalous      ? 
_reflns.pdbx_redundancy_anomalous                      ? 
_reflns.pdbx_CC_half_anomalous                         ? 
_reflns.pdbx_absDiff_over_sigma_anomalous              ? 
_reflns.pdbx_percent_possible_anomalous                ? 
_reflns.pdbx_observed_signal_threshold                 ? 
_reflns.pdbx_signal_type                               ? 
_reflns.pdbx_signal_details                            ? 
_reflns.pdbx_signal_software_id                        ? 
# 
_reflns_shell.d_res_high                                    1.90 
_reflns_shell.d_res_low                                     1.97 
_reflns_shell.meanI_over_sigI_all                           ? 
_reflns_shell.meanI_over_sigI_obs                           ? 
_reflns_shell.number_measured_all                           ? 
_reflns_shell.number_measured_obs                           ? 
_reflns_shell.number_possible                               ? 
_reflns_shell.number_unique_all                             ? 
_reflns_shell.number_unique_obs                             1596 
_reflns_shell.percent_possible_all                          ? 
_reflns_shell.percent_possible_obs                          ? 
_reflns_shell.Rmerge_F_all                                  ? 
_reflns_shell.Rmerge_F_obs                                  ? 
_reflns_shell.Rmerge_I_all                                  ? 
_reflns_shell.Rmerge_I_obs                                  ? 
_reflns_shell.meanI_over_sigI_gt                            ? 
_reflns_shell.meanI_over_uI_all                             ? 
_reflns_shell.meanI_over_uI_gt                              ? 
_reflns_shell.number_measured_gt                            ? 
_reflns_shell.number_unique_gt                              ? 
_reflns_shell.percent_possible_gt                           ? 
_reflns_shell.Rmerge_F_gt                                   ? 
_reflns_shell.Rmerge_I_gt                                   ? 
_reflns_shell.pdbx_redundancy                               ? 
_reflns_shell.pdbx_Rsym_value                               ? 
_reflns_shell.pdbx_chi_squared                              ? 
_reflns_shell.pdbx_netI_over_sigmaI_all                     ? 
_reflns_shell.pdbx_netI_over_sigmaI_obs                     ? 
_reflns_shell.pdbx_Rrim_I_all                               ? 
_reflns_shell.pdbx_Rpim_I_all                               ? 
_reflns_shell.pdbx_rejects                                  ? 
_reflns_shell.pdbx_ordinal                                  1 
_reflns_shell.pdbx_diffrn_id                                1 
_reflns_shell.pdbx_CC_half                                  0.780 
_reflns_shell.pdbx_CC_star                                  ? 
_reflns_shell.pdbx_R_split                                  ? 
_reflns_shell.pdbx_percent_possible_ellipsoidal             ? 
_reflns_shell.pdbx_percent_possible_spherical               ? 
_reflns_shell.pdbx_percent_possible_ellipsoidal_anomalous   ? 
_reflns_shell.pdbx_percent_possible_spherical_anomalous     ? 
_reflns_shell.pdbx_redundancy_anomalous                     ? 
_reflns_shell.pdbx_CC_half_anomalous                        ? 
_reflns_shell.pdbx_absDiff_over_sigma_anomalous             ? 
_reflns_shell.pdbx_percent_possible_anomalous               ? 
# 
_refine.aniso_B[1][1]                            ? 
_refine.aniso_B[1][2]                            ? 
_refine.aniso_B[1][3]                            ? 
_refine.aniso_B[2][2]                            ? 
_refine.aniso_B[2][3]                            ? 
_refine.aniso_B[3][3]                            ? 
_refine.B_iso_max                                ? 
_refine.B_iso_mean                               ? 
_refine.B_iso_min                                ? 
_refine.correlation_coeff_Fo_to_Fc               ? 
_refine.correlation_coeff_Fo_to_Fc_free          ? 
_refine.details                                  ? 
_refine.diff_density_max                         ? 
_refine.diff_density_max_esd                     ? 
_refine.diff_density_min                         ? 
_refine.diff_density_min_esd                     ? 
_refine.diff_density_rms                         ? 
_refine.diff_density_rms_esd                     ? 
_refine.entry_id                                 7V4M 
_refine.pdbx_refine_id                           'X-RAY DIFFRACTION' 
_refine.ls_abs_structure_details                 ? 
_refine.ls_abs_structure_Flack                   ? 
_refine.ls_abs_structure_Flack_esd               ? 
_refine.ls_abs_structure_Rogers                  ? 
_refine.ls_abs_structure_Rogers_esd              ? 
_refine.ls_d_res_high                            1.9 
_refine.ls_d_res_low                             19.86 
_refine.ls_extinction_coef                       ? 
_refine.ls_extinction_coef_esd                   ? 
_refine.ls_extinction_expression                 ? 
_refine.ls_extinction_method                     ? 
_refine.ls_goodness_of_fit_all                   ? 
_refine.ls_goodness_of_fit_all_esd               ? 
_refine.ls_goodness_of_fit_obs                   ? 
_refine.ls_goodness_of_fit_obs_esd               ? 
_refine.ls_hydrogen_treatment                    ? 
_refine.ls_matrix_type                           ? 
_refine.ls_number_constraints                    ? 
_refine.ls_number_parameters                     ? 
_refine.ls_number_reflns_all                     ? 
_refine.ls_number_reflns_obs                     15444 
_refine.ls_number_reflns_R_free                  1557 
_refine.ls_number_reflns_R_work                  ? 
_refine.ls_number_restraints                     ? 
_refine.ls_percent_reflns_obs                    96.00 
_refine.ls_percent_reflns_R_free                 10.08 
_refine.ls_R_factor_all                          ? 
_refine.ls_R_factor_obs                          0.1911 
_refine.ls_R_factor_R_free                       0.2331 
_refine.ls_R_factor_R_free_error                 ? 
_refine.ls_R_factor_R_free_error_details         ? 
_refine.ls_R_factor_R_work                       0.1865 
_refine.ls_R_Fsqd_factor_obs                     ? 
_refine.ls_R_I_factor_obs                        ? 
_refine.ls_redundancy_reflns_all                 ? 
_refine.ls_redundancy_reflns_obs                 ? 
_refine.ls_restrained_S_all                      ? 
_refine.ls_restrained_S_obs                      ? 
_refine.ls_shift_over_esd_max                    ? 
_refine.ls_shift_over_esd_mean                   ? 
_refine.ls_structure_factor_coef                 ? 
_refine.ls_weighting_details                     ? 
_refine.ls_weighting_scheme                      ? 
_refine.ls_wR_factor_all                         ? 
_refine.ls_wR_factor_obs                         ? 
_refine.ls_wR_factor_R_free                      ? 
_refine.ls_wR_factor_R_work                      ? 
_refine.occupancy_max                            ? 
_refine.occupancy_min                            ? 
_refine.solvent_model_details                    'FLAT BULK SOLVENT MODEL' 
_refine.solvent_model_param_bsol                 ? 
_refine.solvent_model_param_ksol                 ? 
_refine.pdbx_R_complete                          ? 
_refine.ls_R_factor_gt                           ? 
_refine.ls_goodness_of_fit_gt                    ? 
_refine.ls_goodness_of_fit_ref                   ? 
_refine.ls_shift_over_su_max                     ? 
_refine.ls_shift_over_su_max_lt                  ? 
_refine.ls_shift_over_su_mean                    ? 
_refine.ls_shift_over_su_mean_lt                 ? 
_refine.pdbx_ls_sigma_I                          ? 
_refine.pdbx_ls_sigma_F                          1.36 
_refine.pdbx_ls_sigma_Fsqd                       ? 
_refine.pdbx_data_cutoff_high_absF               ? 
_refine.pdbx_data_cutoff_high_rms_absF           ? 
_refine.pdbx_data_cutoff_low_absF                ? 
_refine.pdbx_isotropic_thermal_model             ? 
_refine.pdbx_ls_cross_valid_method               'FREE R-VALUE' 
_refine.pdbx_method_to_determine_struct          'MOLECULAR REPLACEMENT' 
_refine.pdbx_starting_model                      7V4F 
_refine.pdbx_stereochemistry_target_values       ML 
_refine.pdbx_R_Free_selection_details            ? 
_refine.pdbx_stereochem_target_val_spec_case     ? 
_refine.pdbx_overall_ESU_R                       ? 
_refine.pdbx_overall_ESU_R_Free                  ? 
_refine.pdbx_solvent_vdw_probe_radii             1.11 
_refine.pdbx_solvent_ion_probe_radii             ? 
_refine.pdbx_solvent_shrinkage_radii             0.90 
_refine.pdbx_real_space_R                        ? 
_refine.pdbx_density_correlation                 ? 
_refine.pdbx_pd_number_of_powder_patterns        ? 
_refine.pdbx_pd_number_of_points                 ? 
_refine.pdbx_pd_meas_number_of_points            ? 
_refine.pdbx_pd_proc_ls_prof_R_factor            ? 
_refine.pdbx_pd_proc_ls_prof_wR_factor           ? 
_refine.pdbx_pd_Marquardt_correlation_coeff      ? 
_refine.pdbx_pd_Fsqrd_R_factor                   ? 
_refine.pdbx_pd_ls_matrix_band_width             ? 
_refine.pdbx_overall_phase_error                 22.13 
_refine.pdbx_overall_SU_R_free_Cruickshank_DPI   ? 
_refine.pdbx_overall_SU_R_free_Blow_DPI          ? 
_refine.pdbx_overall_SU_R_Blow_DPI               ? 
_refine.pdbx_TLS_residual_ADP_flag               ? 
_refine.pdbx_diffrn_id                           1 
_refine.overall_SU_B                             ? 
_refine.overall_SU_ML                            0.20 
_refine.overall_SU_R_Cruickshank_DPI             ? 
_refine.overall_SU_R_free                        ? 
_refine.overall_FOM_free_R_set                   ? 
_refine.overall_FOM_work_R_set                   ? 
_refine.pdbx_average_fsc_overall                 ? 
_refine.pdbx_average_fsc_work                    ? 
_refine.pdbx_average_fsc_free                    ? 
# 
_refine_hist.pdbx_refine_id                   'X-RAY DIFFRACTION' 
_refine_hist.cycle_id                         LAST 
_refine_hist.details                          ? 
_refine_hist.d_res_high                       1.9 
_refine_hist.d_res_low                        19.86 
_refine_hist.number_atoms_solvent             135 
_refine_hist.number_atoms_total               1527 
_refine_hist.number_reflns_all                ? 
_refine_hist.number_reflns_obs                ? 
_refine_hist.number_reflns_R_free             ? 
_refine_hist.number_reflns_R_work             ? 
_refine_hist.R_factor_all                     ? 
_refine_hist.R_factor_obs                     ? 
_refine_hist.R_factor_R_free                  ? 
_refine_hist.R_factor_R_work                  ? 
_refine_hist.pdbx_number_residues_total       ? 
_refine_hist.pdbx_B_iso_mean_ligand           ? 
_refine_hist.pdbx_B_iso_mean_solvent          ? 
_refine_hist.pdbx_number_atoms_protein        1374 
_refine_hist.pdbx_number_atoms_nucleic_acid   0 
_refine_hist.pdbx_number_atoms_ligand         18 
_refine_hist.pdbx_number_atoms_lipid          ? 
_refine_hist.pdbx_number_atoms_carb           ? 
_refine_hist.pdbx_pseudo_atom_details         ? 
# 
loop_
_refine_ls_restr.pdbx_refine_id 
_refine_ls_restr.criterion 
_refine_ls_restr.dev_ideal 
_refine_ls_restr.dev_ideal_target 
_refine_ls_restr.number 
_refine_ls_restr.rejects 
_refine_ls_restr.type 
_refine_ls_restr.weight 
_refine_ls_restr.pdbx_restraint_function 
'X-RAY DIFFRACTION' ? 0.007  ? 1422 ? f_bond_d           ? ? 
'X-RAY DIFFRACTION' ? 0.919  ? 1930 ? f_angle_d          ? ? 
'X-RAY DIFFRACTION' ? 12.756 ? 845  ? f_dihedral_angle_d ? ? 
'X-RAY DIFFRACTION' ? 0.056  ? 208  ? f_chiral_restr     ? ? 
'X-RAY DIFFRACTION' ? 0.006  ? 254  ? f_plane_restr      ? ? 
# 
loop_
_refine_ls_shell.pdbx_refine_id 
_refine_ls_shell.d_res_high 
_refine_ls_shell.d_res_low 
_refine_ls_shell.number_reflns_all 
_refine_ls_shell.number_reflns_obs 
_refine_ls_shell.number_reflns_R_free 
_refine_ls_shell.number_reflns_R_work 
_refine_ls_shell.percent_reflns_obs 
_refine_ls_shell.percent_reflns_R_free 
_refine_ls_shell.R_factor_all 
_refine_ls_shell.R_factor_obs 
_refine_ls_shell.R_factor_R_free 
_refine_ls_shell.R_factor_R_free_error 
_refine_ls_shell.R_factor_R_work 
_refine_ls_shell.redundancy_reflns_all 
_refine_ls_shell.redundancy_reflns_obs 
_refine_ls_shell.wR_factor_all 
_refine_ls_shell.wR_factor_obs 
_refine_ls_shell.wR_factor_R_free 
_refine_ls_shell.wR_factor_R_work 
_refine_ls_shell.pdbx_R_complete 
_refine_ls_shell.pdbx_total_number_of_bins_used 
_refine_ls_shell.pdbx_phase_error 
_refine_ls_shell.pdbx_fsc_work 
_refine_ls_shell.pdbx_fsc_free 
'X-RAY DIFFRACTION' 1.9    1.9595 . . 110 972  75.00  . . . 0.2416 . 0.2382 . . . . . . . . . . . 
'X-RAY DIFFRACTION' 1.9595 2.0295 . . 133 1107 85.00  . . . 0.2694 . 0.2073 . . . . . . . . . . . 
'X-RAY DIFFRACTION' 2.0295 2.1107 . . 137 1238 96.00  . . . 0.2367 . 0.1975 . . . . . . . . . . . 
'X-RAY DIFFRACTION' 2.1107 2.2066 . . 142 1300 99.00  . . . 0.2696 . 0.1987 . . . . . . . . . . . 
'X-RAY DIFFRACTION' 2.2066 2.3228 . . 148 1285 100.00 . . . 0.2858 . 0.2003 . . . . . . . . . . . 
'X-RAY DIFFRACTION' 2.3228 2.4681 . . 139 1310 100.00 . . . 0.2548 . 0.2026 . . . . . . . . . . . 
'X-RAY DIFFRACTION' 2.4681 2.6582 . . 143 1306 100.00 . . . 0.2641 . 0.2033 . . . . . . . . . . . 
'X-RAY DIFFRACTION' 2.6582 2.9250 . . 152 1306 100.00 . . . 0.2214 . 0.1894 . . . . . . . . . . . 
'X-RAY DIFFRACTION' 2.9250 3.3465 . . 145 1333 100.00 . . . 0.2194 . 0.1857 . . . . . . . . . . . 
'X-RAY DIFFRACTION' 3.3465 4.2096 . . 150 1335 100.00 . . . 0.1897 . 0.1556 . . . . . . . . . . . 
# 
_struct.entry_id                     7V4M 
_struct.title                        
'Unique non-heme hydroxylase in biosynthesis of nucleoside antibiotic pathway uncover mechanism of reaction' 
_struct.pdbx_model_details           ? 
_struct.pdbx_formula_weight          ? 
_struct.pdbx_formula_weight_method   ? 
_struct.pdbx_model_type_details      ? 
_struct.pdbx_CASP_flag               N 
# 
_struct_keywords.entry_id        7V4M 
_struct_keywords.text            'caprazamycin, MraY, beta-hydroxylase, ANTIBIOTIC' 
_struct_keywords.pdbx_keywords   ANTIBIOTIC 
# 
loop_
_struct_asym.id 
_struct_asym.pdbx_blank_PDB_chainid_flag 
_struct_asym.pdbx_modified 
_struct_asym.entity_id 
_struct_asym.details 
A N N 1 ? 
B N N 2 ? 
C N N 3 ? 
D N N 4 ? 
E N N 4 ? 
F N N 5 ? 
G N N 6 ? 
# 
loop_
_struct_conf.conf_type_id 
_struct_conf.id 
_struct_conf.pdbx_PDB_helix_id 
_struct_conf.beg_label_comp_id 
_struct_conf.beg_label_asym_id 
_struct_conf.beg_label_seq_id 
_struct_conf.pdbx_beg_PDB_ins_code 
_struct_conf.end_label_comp_id 
_struct_conf.end_label_asym_id 
_struct_conf.end_label_seq_id 
_struct_conf.pdbx_end_PDB_ins_code 
_struct_conf.beg_auth_comp_id 
_struct_conf.beg_auth_asym_id 
_struct_conf.beg_auth_seq_id 
_struct_conf.end_auth_comp_id 
_struct_conf.end_auth_asym_id 
_struct_conf.end_auth_seq_id 
_struct_conf.pdbx_PDB_helix_class 
_struct_conf.details 
_struct_conf.pdbx_PDB_helix_length 
HELX_P HELX_P1 AA1 ASP A 22 ? HIS A 37 ? ASP B 22 HIS B 37 1 ? 16 
HELX_P HELX_P2 AA2 TYR A 60 ? GLN A 64 ? TYR B 60 GLN B 64 5 ? 5  
HELX_P HELX_P3 AA3 ARG A 65 ? ILE A 69 ? ARG B 65 ILE B 69 5 ? 5  
HELX_P HELX_P4 AA4 SER A 71 ? PHE A 75 ? SER B 71 PHE B 75 5 ? 5  
HELX_P HELX_P5 AA5 GLY A 80 ? ARG A 83 ? GLY B 80 ARG B 83 5 ? 4  
HELX_P HELX_P6 AA6 THR A 85 ? LEU A 94 ? THR B 85 LEU B 94 1 ? 10 
# 
_struct_conf_type.id          HELX_P 
_struct_conf_type.criteria    ? 
_struct_conf_type.reference   ? 
# 
loop_
_struct_conn.id 
_struct_conn.conn_type_id 
_struct_conn.pdbx_leaving_atom_flag 
_struct_conn.pdbx_PDB_id 
_struct_conn.ptnr1_label_asym_id 
_struct_conn.ptnr1_label_comp_id 
_struct_conn.ptnr1_label_seq_id 
_struct_conn.ptnr1_label_atom_id 
_struct_conn.pdbx_ptnr1_label_alt_id 
_struct_conn.pdbx_ptnr1_PDB_ins_code 
_struct_conn.pdbx_ptnr1_standard_comp_id 
_struct_conn.ptnr1_symmetry 
_struct_conn.ptnr2_label_asym_id 
_struct_conn.ptnr2_label_comp_id 
_struct_conn.ptnr2_label_seq_id 
_struct_conn.ptnr2_label_atom_id 
_struct_conn.pdbx_ptnr2_label_alt_id 
_struct_conn.pdbx_ptnr2_PDB_ins_code 
_struct_conn.ptnr1_auth_asym_id 
_struct_conn.ptnr1_auth_comp_id 
_struct_conn.ptnr1_auth_seq_id 
_struct_conn.ptnr2_auth_asym_id 
_struct_conn.ptnr2_auth_comp_id 
_struct_conn.ptnr2_auth_seq_id 
_struct_conn.ptnr2_symmetry 
_struct_conn.pdbx_ptnr3_label_atom_id 
_struct_conn.pdbx_ptnr3_label_seq_id 
_struct_conn.pdbx_ptnr3_label_comp_id 
_struct_conn.pdbx_ptnr3_label_asym_id 
_struct_conn.pdbx_ptnr3_label_alt_id 
_struct_conn.pdbx_ptnr3_PDB_ins_code 
_struct_conn.details 
_struct_conn.pdbx_dist_value 
_struct_conn.pdbx_value_order 
_struct_conn.pdbx_role 
metalc1 metalc ? ? A HIS 115 NE2 ? ? ? 1_555 D FE . FE ? ? B HIS 115 B FE 303 1_555 ? ? ? ? ? ? ? 2.265 ? ? 
metalc2 metalc ? ? A ASP 117 OD2 ? ? ? 1_555 D FE . FE ? ? B ASP 117 B FE 303 1_555 ? ? ? ? ? ? ? 2.079 ? ? 
metalc3 metalc ? ? A HIS 160 NE2 ? ? ? 1_555 D FE . FE ? ? B HIS 160 B FE 303 1_555 ? ? ? ? ? ? ? 2.310 ? ? 
metalc4 metalc ? ? B AKG .   O1  ? ? ? 1_555 D FE . FE ? ? B AKG 301 B FE 303 1_555 ? ? ? ? ? ? ? 2.146 ? ? 
metalc5 metalc ? ? B AKG .   O5  ? ? ? 1_555 D FE . FE ? ? B AKG 301 B FE 303 1_555 ? ? ? ? ? ? ? 2.032 ? ? 
# 
_struct_conn_type.id          metalc 
_struct_conn_type.criteria    ? 
_struct_conn_type.reference   ? 
# 
loop_
_struct_sheet.id 
_struct_sheet.type 
_struct_sheet.number_strands 
_struct_sheet.details 
AA1 ? 6 ? 
AA2 ? 2 ? 
AA3 ? 4 ? 
# 
loop_
_struct_sheet_order.sheet_id 
_struct_sheet_order.range_id_1 
_struct_sheet_order.range_id_2 
_struct_sheet_order.offset 
_struct_sheet_order.sense 
AA1 1 2 ? anti-parallel 
AA1 2 3 ? anti-parallel 
AA1 3 4 ? anti-parallel 
AA1 4 5 ? anti-parallel 
AA1 5 6 ? anti-parallel 
AA2 1 2 ? anti-parallel 
AA3 1 2 ? anti-parallel 
AA3 2 3 ? anti-parallel 
AA3 3 4 ? anti-parallel 
# 
loop_
_struct_sheet_range.sheet_id 
_struct_sheet_range.id 
_struct_sheet_range.beg_label_comp_id 
_struct_sheet_range.beg_label_asym_id 
_struct_sheet_range.beg_label_seq_id 
_struct_sheet_range.pdbx_beg_PDB_ins_code 
_struct_sheet_range.end_label_comp_id 
_struct_sheet_range.end_label_asym_id 
_struct_sheet_range.end_label_seq_id 
_struct_sheet_range.pdbx_end_PDB_ins_code 
_struct_sheet_range.beg_auth_comp_id 
_struct_sheet_range.beg_auth_asym_id 
_struct_sheet_range.beg_auth_seq_id 
_struct_sheet_range.end_auth_comp_id 
_struct_sheet_range.end_auth_asym_id 
_struct_sheet_range.end_auth_seq_id 
AA1 1 THR A 14  ? THR A 17  ? THR B 14  THR B 17  
AA1 2 LEU A 151 ? VAL A 154 ? LEU B 151 VAL B 154 
AA1 3 ARG A 121 ? THR A 127 ? ARG B 121 THR B 127 
AA1 4 ARG A 170 ? THR A 177 ? ARG B 170 THR B 177 
AA1 5 PRO A 98  ? LEU A 106 ? PRO B 98  LEU B 106 
AA1 6 THR A 44  ? ALA A 48  ? THR B 44  ALA B 48  
AA2 1 GLN A 50  ? HIS A 51  ? GLN B 50  HIS B 51  
AA2 2 GLU A 77  ? VAL A 78  ? GLU B 77  VAL B 78  
AA3 1 TYR A 110 ? CYS A 111 ? TYR B 110 CYS B 111 
AA3 2 HIS A 160 ? ASN A 164 ? HIS B 160 ASN B 164 
AA3 3 ALA A 132 ? PHE A 136 ? ALA B 132 PHE B 136 
AA3 4 LYS A 141 ? LEU A 143 ? LYS B 141 LEU B 143 
# 
loop_
_pdbx_struct_sheet_hbond.sheet_id 
_pdbx_struct_sheet_hbond.range_id_1 
_pdbx_struct_sheet_hbond.range_id_2 
_pdbx_struct_sheet_hbond.range_1_label_atom_id 
_pdbx_struct_sheet_hbond.range_1_label_comp_id 
_pdbx_struct_sheet_hbond.range_1_label_asym_id 
_pdbx_struct_sheet_hbond.range_1_label_seq_id 
_pdbx_struct_sheet_hbond.range_1_PDB_ins_code 
_pdbx_struct_sheet_hbond.range_1_auth_atom_id 
_pdbx_struct_sheet_hbond.range_1_auth_comp_id 
_pdbx_struct_sheet_hbond.range_1_auth_asym_id 
_pdbx_struct_sheet_hbond.range_1_auth_seq_id 
_pdbx_struct_sheet_hbond.range_2_label_atom_id 
_pdbx_struct_sheet_hbond.range_2_label_comp_id 
_pdbx_struct_sheet_hbond.range_2_label_asym_id 
_pdbx_struct_sheet_hbond.range_2_label_seq_id 
_pdbx_struct_sheet_hbond.range_2_PDB_ins_code 
_pdbx_struct_sheet_hbond.range_2_auth_atom_id 
_pdbx_struct_sheet_hbond.range_2_auth_comp_id 
_pdbx_struct_sheet_hbond.range_2_auth_asym_id 
_pdbx_struct_sheet_hbond.range_2_auth_seq_id 
AA1 1 2 N THR A 17  ? N THR B 17  O LEU A 151 ? O LEU B 151 
AA1 2 3 O TYR A 152 ? O TYR B 152 N HIS A 123 ? N HIS B 123 
AA1 3 4 N VAL A 126 ? N VAL B 126 O ILE A 171 ? O ILE B 171 
AA1 4 5 O HIS A 172 ? O HIS B 172 N MET A 104 ? N MET B 104 
AA1 5 6 O ALA A 105 ? O ALA B 105 N ARG A 45  ? N ARG B 45  
AA2 1 2 N HIS A 51  ? N HIS B 51  O GLU A 77  ? O GLU B 77  
AA3 1 2 N TYR A 110 ? N TYR B 110 O ASN A 164 ? O ASN B 164 
AA3 2 3 O SER A 161 ? O SER B 161 N VAL A 135 ? N VAL B 135 
AA3 3 4 N PHE A 134 ? N PHE B 134 O LEU A 143 ? O LEU B 143 
# 
_atom_sites.entry_id                    7V4M 
_atom_sites.Cartn_transf_matrix[1][1]   ? 
_atom_sites.Cartn_transf_matrix[1][2]   ? 
_atom_sites.Cartn_transf_matrix[1][3]   ? 
_atom_sites.Cartn_transf_matrix[2][1]   ? 
_atom_sites.Cartn_transf_matrix[2][2]   ? 
_atom_sites.Cartn_transf_matrix[2][3]   ? 
_atom_sites.Cartn_transf_matrix[3][1]   ? 
_atom_sites.Cartn_transf_matrix[3][2]   ? 
_atom_sites.Cartn_transf_matrix[3][3]   ? 
_atom_sites.Cartn_transf_vector[1]      ? 
_atom_sites.Cartn_transf_vector[2]      ? 
_atom_sites.Cartn_transf_vector[3]      ? 
_atom_sites.fract_transf_matrix[1][1]   0.00637684 
_atom_sites.fract_transf_matrix[1][2]   -0.00099159 
_atom_sites.fract_transf_matrix[1][3]   0.01163053 
_atom_sites.fract_transf_matrix[2][1]   -0.00461173 
_atom_sites.fract_transf_matrix[2][2]   0.01151577 
_atom_sites.fract_transf_matrix[2][3]   0.00351035 
_atom_sites.fract_transf_matrix[3][1]   -0.01176405 
_atom_sites.fract_transf_matrix[3][2]   -0.00650818 
_atom_sites.fract_transf_matrix[3][3]   0.00589518 
_atom_sites.fract_transf_vector[1]      0.149355 
_atom_sites.fract_transf_vector[2]      0.212323 
_atom_sites.fract_transf_vector[3]      -0.057055 
_atom_sites.solution_primary            ? 
_atom_sites.solution_secondary          ? 
_atom_sites.solution_hydrogens          ? 
_atom_sites.special_details             ? 
# 
loop_
_atom_type.symbol 
C  
FE 
K  
N  
O  
P  
S  
# 
loop_
_atom_site.group_PDB 
_atom_site.id 
_atom_site.type_symbol 
_atom_site.label_atom_id 
_atom_site.label_alt_id 
_atom_site.label_comp_id 
_atom_site.label_asym_id 
_atom_site.label_entity_id 
_atom_site.label_seq_id 
_atom_site.pdbx_PDB_ins_code 
_atom_site.Cartn_x 
_atom_site.Cartn_y 
_atom_site.Cartn_z 
_atom_site.occupancy 
_atom_site.B_iso_or_equiv 
_atom_site.pdbx_formal_charge 
_atom_site.auth_seq_id 
_atom_site.auth_comp_id 
_atom_site.auth_asym_id 
_atom_site.auth_atom_id 
_atom_site.pdbx_PDB_model_num 
ATOM   1    N  N   . ALA A 1 12  ? 10.187  -15.221 -5.292  1.00 23.17 ? 12  ALA B N   1 
ATOM   2    C  CA  . ALA A 1 12  ? 11.388  -14.393 -5.244  1.00 25.60 ? 12  ALA B CA  1 
ATOM   3    C  C   . ALA A 1 12  ? 11.034  -12.937 -5.525  1.00 17.12 ? 12  ALA B C   1 
ATOM   4    O  O   . ALA A 1 12  ? 10.852  -12.155 -4.597  1.00 20.69 ? 12  ALA B O   1 
ATOM   5    C  CB  . ALA A 1 12  ? 12.425  -14.894 -6.239  1.00 36.21 ? 12  ALA B CB  1 
ATOM   6    N  N   . LEU A 1 13  ? 10.923  -12.602 -6.808  1.00 15.20 ? 13  LEU B N   1 
ATOM   7    C  CA  . LEU A 1 13  ? 10.605  -11.239 -7.218  1.00 14.25 ? 13  LEU B CA  1 
ATOM   8    C  C   . LEU A 1 13  ? 9.168   -10.876 -6.877  1.00 12.45 ? 13  LEU B C   1 
ATOM   9    O  O   . LEU A 1 13  ? 8.899   -9.777  -6.382  1.00 12.80 ? 13  LEU B O   1 
ATOM   10   C  CB  . LEU A 1 13  ? 10.815  -11.074 -8.723  1.00 17.71 ? 13  LEU B CB  1 
ATOM   11   C  CG  . LEU A 1 13  ? 12.115  -10.535 -9.325  1.00 24.79 ? 13  LEU B CG  1 
ATOM   12   C  CD1 . LEU A 1 13  ? 11.891  -10.150 -10.794 1.00 21.92 ? 13  LEU B CD1 1 
ATOM   13   C  CD2 . LEU A 1 13  ? 12.629  -9.358  -8.546  1.00 21.54 ? 13  LEU B CD2 1 
ATOM   14   N  N   . THR A 1 14  ? 8.227   -11.758 -7.205  1.00 12.71 ? 14  THR B N   1 
ATOM   15   C  CA  . THR A 1 14  ? 6.813   -11.517 -6.977  1.00 11.43 ? 14  THR B CA  1 
ATOM   16   C  C   . THR A 1 14  ? 6.127   -12.799 -6.514  1.00 12.30 ? 14  THR B C   1 
ATOM   17   O  O   . THR A 1 14  ? 6.640   -13.911 -6.671  1.00 12.11 ? 14  THR B O   1 
ATOM   18   C  CB  . THR A 1 14  ? 6.082   -11.019 -8.226  1.00 12.56 ? 14  THR B CB  1 
ATOM   19   O  OG1 . THR A 1 14  ? 6.083   -12.059 -9.213  1.00 16.35 ? 14  THR B OG1 1 
ATOM   20   C  CG2 . THR A 1 14  ? 6.727   -9.717  -8.804  1.00 12.02 ? 14  THR B CG2 1 
ATOM   21   N  N   . SER A 1 15  ? 4.931   -12.623 -5.969  1.00 11.15 ? 15  SER B N   1 
ATOM   22   C  CA  . SER A 1 15  ? 4.057   -13.745 -5.648  1.00 8.23  ? 15  SER B CA  1 
ATOM   23   C  C   . SER A 1 15  ? 2.637   -13.220 -5.559  1.00 10.23 ? 15  SER B C   1 
ATOM   24   O  O   . SER A 1 15  ? 2.409   -12.018 -5.404  1.00 9.76  ? 15  SER B O   1 
ATOM   25   C  CB  . SER A 1 15  ? 4.481   -14.451 -4.350  1.00 10.61 ? 15  SER B CB  1 
ATOM   26   O  OG  . SER A 1 15  ? 4.178   -13.703 -3.184  1.00 10.73 ? 15  SER B OG  1 
ATOM   27   N  N   . ARG A 1 16  ? 1.679   -14.133 -5.687  1.00 9.73  ? 16  ARG B N   1 
ATOM   28   C  CA  . ARG A 1 16  ? 0.267   -13.804 -5.518  1.00 8.92  ? 16  ARG B CA  1 
ATOM   29   C  C   . ARG A 1 16  ? -0.298  -14.761 -4.483  1.00 9.82  ? 16  ARG B C   1 
ATOM   30   O  O   . ARG A 1 16  ? -0.160  -15.978 -4.638  1.00 9.72  ? 16  ARG B O   1 
ATOM   31   C  CB  . ARG A 1 16  ? -0.495  -13.935 -6.834  1.00 7.76  ? 16  ARG B CB  1 
ATOM   32   C  CG  . ARG A 1 16  ? -2.025  -13.828 -6.688  1.00 9.41  ? 16  ARG B CG  1 
ATOM   33   C  CD  . ARG A 1 16  ? -2.739  -14.132 -8.016  1.00 12.17 ? 16  ARG B CD  1 
ATOM   34   N  NE  . ARG A 1 16  ? -4.197  -14.099 -7.868  1.00 13.80 ? 16  ARG B NE  1 
ATOM   35   C  CZ  . ARG A 1 16  ? -5.044  -14.250 -8.879  1.00 18.23 ? 16  ARG B CZ  1 
ATOM   36   N  NH1 . ARG A 1 16  ? -4.573  -14.429 -10.110 1.00 21.89 ? 16  ARG B NH1 1 
ATOM   37   N  NH2 . ARG A 1 16  ? -6.358  -14.206 -8.669  1.00 16.90 ? 16  ARG B NH2 1 
ATOM   38   N  N   . THR A 1 17  ? -0.913  -14.221 -3.436  1.00 9.30  ? 17  THR B N   1 
ATOM   39   C  CA  . THR A 1 17  ? -1.468  -15.028 -2.353  1.00 9.40  ? 17  THR B CA  1 
ATOM   40   C  C   . THR A 1 17  ? -2.985  -14.870 -2.323  1.00 11.02 ? 17  THR B C   1 
ATOM   41   O  O   . THR A 1 17  ? -3.498  -13.752 -2.390  1.00 9.19  ? 17  THR B O   1 
ATOM   42   C  CB  . THR A 1 17  ? -0.849  -14.624 -1.010  1.00 10.36 ? 17  THR B CB  1 
ATOM   43   O  OG1 . THR A 1 17  ? 0.577   -14.854 -1.043  1.00 10.28 ? 17  THR B OG1 1 
ATOM   44   C  CG2 . THR A 1 17  ? -1.456  -15.439 0.133   1.00 14.46 ? 17  THR B CG2 1 
ATOM   45   N  N   . GLU A 1 18  ? -3.702  -15.990 -2.246  1.00 12.98 ? 18  GLU B N   1 
ATOM   46   C  CA  . GLU A 1 18  ? -5.160  -15.948 -2.287  1.00 13.38 ? 18  GLU B CA  1 
ATOM   47   C  C   . GLU A 1 18  ? -5.669  -15.349 -0.985  1.00 13.90 ? 18  GLU B C   1 
ATOM   48   O  O   . GLU A 1 18  ? -5.452  -15.922 0.084   1.00 16.84 ? 18  GLU B O   1 
ATOM   49   C  CB  . GLU A 1 18  ? -5.727  -17.349 -2.502  1.00 14.58 ? 18  GLU B CB  1 
ATOM   50   C  CG  . GLU A 1 18  ? -7.240  -17.404 -2.391  1.00 18.95 ? 18  GLU B CG  1 
ATOM   51   C  CD  . GLU A 1 18  ? -7.811  -18.779 -2.681  1.00 23.23 ? 18  GLU B CD  1 
ATOM   52   O  OE1 . GLU A 1 18  ? -7.025  -19.732 -2.904  1.00 17.07 ? 18  GLU B OE1 1 
ATOM   53   O  OE2 . GLU A 1 18  ? -9.060  -18.903 -2.688  1.00 21.45 ? 18  GLU B OE2 1 
ATOM   54   N  N   . LEU A 1 19  ? -6.312  -14.179 -1.062  1.00 14.05 ? 19  LEU B N   1 
ATOM   55   C  CA  . LEU A 1 19  ? -7.018  -13.606 0.084   1.00 16.51 ? 19  LEU B CA  1 
ATOM   56   C  C   . LEU A 1 19  ? -8.532  -13.641 -0.063  1.00 18.35 ? 19  LEU B C   1 
ATOM   57   O  O   . LEU A 1 19  ? -9.232  -13.615 0.944   1.00 20.06 ? 19  LEU B O   1 
ATOM   58   C  CB  . LEU A 1 19  ? -6.603  -12.148 0.316   1.00 14.90 ? 19  LEU B CB  1 
ATOM   59   C  CG  . LEU A 1 19  ? -5.338  -11.754 1.078   1.00 27.30 ? 19  LEU B CG  1 
ATOM   60   C  CD1 . LEU A 1 19  ? -5.480  -10.302 1.546   1.00 26.66 ? 19  LEU B CD1 1 
ATOM   61   C  CD2 . LEU A 1 19  ? -5.051  -12.674 2.251   1.00 23.71 ? 19  LEU B CD2 1 
ATOM   62   N  N   . ASP A 1 20  ? -9.041  -13.649 -1.289  1.00 19.77 ? 20  ASP B N   1 
ATOM   63   C  CA  . ASP A 1 20  ? -10.476 -13.680 -1.567  1.00 23.92 ? 20  ASP B CA  1 
ATOM   64   C  C   . ASP A 1 20  ? -11.216 -12.496 -0.955  1.00 22.58 ? 20  ASP B C   1 
ATOM   65   O  O   . ASP A 1 20  ? -12.366 -12.619 -0.527  1.00 25.04 ? 20  ASP B O   1 
ATOM   66   C  CB  . ASP A 1 20  ? -11.087 -15.007 -1.113  1.00 24.23 ? 20  ASP B CB  1 
ATOM   67   C  CG  . ASP A 1 20  ? -10.591 -16.163 -1.947  1.00 22.28 ? 20  ASP B CG  1 
ATOM   68   O  OD1 . ASP A 1 20  ? -10.442 -15.992 -3.180  1.00 28.50 ? 20  ASP B OD1 1 
ATOM   69   O  OD2 . ASP A 1 20  ? -10.338 -17.233 -1.375  1.00 25.33 ? 20  ASP B OD2 1 
ATOM   70   N  N   . ILE A 1 21  ? -10.556 -11.341 -0.915  1.00 20.53 ? 21  ILE B N   1 
ATOM   71   C  CA  . ILE A 1 21  ? -11.221 -10.092 -0.577  1.00 20.61 ? 21  ILE B CA  1 
ATOM   72   C  C   . ILE A 1 21  ? -12.184 -9.723  -1.696  1.00 16.98 ? 21  ILE B C   1 
ATOM   73   O  O   . ILE A 1 21  ? -11.877 -9.896  -2.883  1.00 17.94 ? 21  ILE B O   1 
ATOM   74   C  CB  . ILE A 1 21  ? -10.166 -8.990  -0.355  1.00 18.20 ? 21  ILE B CB  1 
ATOM   75   C  CG1 . ILE A 1 21  ? -9.283  -9.341  0.844   1.00 19.34 ? 21  ILE B CG1 1 
ATOM   76   C  CG2 . ILE A 1 21  ? -10.809 -7.638  -0.175  1.00 14.46 ? 21  ILE B CG2 1 
ATOM   77   C  CD1 . ILE A 1 21  ? -10.048 -9.604  2.119   1.00 22.70 ? 21  ILE B CD1 1 
ATOM   78   N  N   . ASP A 1 22  ? -13.368 -9.232  -1.337  1.00 17.63 ? 22  ASP B N   1 
ATOM   79   C  CA  . ASP A 1 22  ? -14.287 -8.770  -2.364  1.00 17.28 ? 22  ASP B CA  1 
ATOM   80   C  C   . ASP A 1 22  ? -13.884 -7.366  -2.795  1.00 18.64 ? 22  ASP B C   1 
ATOM   81   O  O   . ASP A 1 22  ? -13.861 -6.459  -1.956  1.00 19.62 ? 22  ASP B O   1 
ATOM   82   C  CB  . ASP A 1 22  ? -15.731 -8.752  -1.887  1.00 23.60 ? 22  ASP B CB  1 
ATOM   83   C  CG  . ASP A 1 22  ? -16.645 -8.049  -2.886  1.00 29.50 ? 22  ASP B CG  1 
ATOM   84   O  OD1 . ASP A 1 22  ? -17.015 -8.667  -3.904  1.00 35.23 ? 22  ASP B OD1 1 
ATOM   85   O  OD2 . ASP A 1 22  ? -16.939 -6.857  -2.694  1.00 29.23 ? 22  ASP B OD2 1 
ATOM   86   N  N   . PRO A 1 23  ? -13.569 -7.143  -4.074  1.00 18.70 ? 23  PRO B N   1 
ATOM   87   C  CA  . PRO A 1 23  ? -13.036 -5.830  -4.481  1.00 21.34 ? 23  PRO B CA  1 
ATOM   88   C  C   . PRO A 1 23  ? -14.013 -4.687  -4.303  1.00 21.43 ? 23  PRO B C   1 
ATOM   89   O  O   . PRO A 1 23  ? -13.583 -3.570  -3.984  1.00 17.80 ? 23  PRO B O   1 
ATOM   90   C  CB  . PRO A 1 23  ? -12.683 -6.046  -5.958  1.00 18.76 ? 23  PRO B CB  1 
ATOM   91   C  CG  . PRO A 1 23  ? -12.477 -7.514  -6.074  1.00 19.90 ? 23  PRO B CG  1 
ATOM   92   C  CD  . PRO A 1 23  ? -13.487 -8.125  -5.161  1.00 20.36 ? 23  PRO B CD  1 
ATOM   93   N  N   . ASP A 1 24  ? -15.318 -4.929  -4.490  1.00 21.15 ? 24  ASP B N   1 
ATOM   94   C  CA  . ASP A 1 24  ? -16.305 -3.861  -4.328  1.00 21.96 ? 24  ASP B CA  1 
ATOM   95   C  C   . ASP A 1 24  ? -16.412 -3.411  -2.878  1.00 22.95 ? 24  ASP B C   1 
ATOM   96   O  O   . ASP A 1 24  ? -16.465 -2.206  -2.594  1.00 20.71 ? 24  ASP B O   1 
ATOM   97   C  CB  . ASP A 1 24  ? -17.666 -4.321  -4.830  1.00 24.13 ? 24  ASP B CB  1 
ATOM   98   C  CG  . ASP A 1 24  ? -17.676 -4.582  -6.312  1.00 31.17 ? 24  ASP B CG  1 
ATOM   99   O  OD1 . ASP A 1 24  ? -17.181 -3.722  -7.075  1.00 35.86 ? 24  ASP B OD1 1 
ATOM   100  O  OD2 . ASP A 1 24  ? -18.180 -5.648  -6.714  1.00 36.08 ? 24  ASP B OD2 1 
ATOM   101  N  N   . LYS A 1 25  ? -16.480 -4.364  -1.948  1.00 19.06 ? 25  LYS B N   1 
ATOM   102  C  CA  . LYS A 1 25  ? -16.565 -3.997  -0.539  1.00 24.42 ? 25  LYS B CA  1 
ATOM   103  C  C   . LYS A 1 25  ? -15.273 -3.349  -0.057  1.00 23.39 ? 25  LYS B C   1 
ATOM   104  O  O   . LYS A 1 25  ? -15.300 -2.441  0.779   1.00 19.71 ? 25  LYS B O   1 
ATOM   105  C  CB  . LYS A 1 25  ? -16.904 -5.224  0.299   1.00 25.82 ? 25  LYS B CB  1 
ATOM   106  C  CG  . LYS A 1 25  ? -18.330 -5.701  0.135   1.00 35.58 ? 25  LYS B CG  1 
ATOM   107  C  CD  . LYS A 1 25  ? -18.963 -5.936  1.493   1.00 45.27 ? 25  LYS B CD  1 
ATOM   108  C  CE  . LYS A 1 25  ? -18.360 -7.158  2.166   1.00 41.99 ? 25  LYS B CE  1 
ATOM   109  N  NZ  . LYS A 1 25  ? -19.176 -8.379  1.893   1.00 51.41 ? 25  LYS B NZ  1 
ATOM   110  N  N   . LEU A 1 26  ? -14.126 -3.797  -0.573  1.00 20.01 ? 26  LEU B N   1 
ATOM   111  C  CA  . LEU A 1 26  ? -12.874 -3.128  -0.239  1.00 20.50 ? 26  LEU B CA  1 
ATOM   112  C  C   . LEU A 1 26  ? -12.885 -1.685  -0.725  1.00 16.88 ? 26  LEU B C   1 
ATOM   113  O  O   . LEU A 1 26  ? -12.505 -0.765  0.006   1.00 20.23 ? 26  LEU B O   1 
ATOM   114  C  CB  . LEU A 1 26  ? -11.698 -3.885  -0.852  1.00 17.45 ? 26  LEU B CB  1 
ATOM   115  C  CG  . LEU A 1 26  ? -10.305 -3.318  -0.594  1.00 15.79 ? 26  LEU B CG  1 
ATOM   116  C  CD1 . LEU A 1 26  ? -9.941  -3.455  0.867   1.00 14.73 ? 26  LEU B CD1 1 
ATOM   117  C  CD2 . LEU A 1 26  ? -9.279  -4.047  -1.496  1.00 12.85 ? 26  LEU B CD2 1 
ATOM   118  N  N   . ARG A 1 27  ? -13.318 -1.475  -1.968  1.00 16.30 ? 27  ARG B N   1 
ATOM   119  C  CA  . ARG A 1 27  ? -13.401 -0.130  -2.526  1.00 19.52 ? 27  ARG B CA  1 
ATOM   120  C  C   . ARG A 1 27  ? -14.337 0.747   -1.698  1.00 22.35 ? 27  ARG B C   1 
ATOM   121  O  O   . ARG A 1 27  ? -13.990 1.876   -1.334  1.00 20.29 ? 27  ARG B O   1 
ATOM   122  C  CB  . ARG A 1 27  ? -13.874 -0.224  -3.976  1.00 19.35 ? 27  ARG B CB  1 
ATOM   123  C  CG  . ARG A 1 27  ? -13.789 1.039   -4.776  1.00 24.14 ? 27  ARG B CG  1 
ATOM   124  C  CD  . ARG A 1 27  ? -13.993 0.726   -6.252  1.00 27.91 ? 27  ARG B CD  1 
ATOM   125  N  NE  . ARG A 1 27  ? -12.982 -0.212  -6.740  1.00 28.09 ? 27  ARG B NE  1 
ATOM   126  C  CZ  . ARG A 1 27  ? -13.237 -1.454  -7.135  1.00 26.02 ? 27  ARG B CZ  1 
ATOM   127  N  NH1 . ARG A 1 27  ? -14.480 -1.914  -7.109  1.00 26.42 ? 27  ARG B NH1 1 
ATOM   128  N  NH2 . ARG A 1 27  ? -12.245 -2.233  -7.560  1.00 21.32 ? 27  ARG B NH2 1 
ATOM   129  N  N   . GLU A 1 28  ? -15.525 0.228   -1.373  1.00 24.94 ? 28  GLU B N   1 
ATOM   130  C  CA  . GLU A 1 28  ? -16.473 0.980   -0.552  1.00 25.86 ? 28  GLU B CA  1 
ATOM   131  C  C   . GLU A 1 28  ? -15.854 1.363   0.788   1.00 25.58 ? 28  GLU B C   1 
ATOM   132  O  O   . GLU A 1 28  ? -15.942 2.517   1.222   1.00 26.47 ? 28  GLU B O   1 
ATOM   133  C  CB  . GLU A 1 28  ? -17.748 0.156   -0.343  1.00 24.59 ? 28  GLU B CB  1 
ATOM   134  C  CG  . GLU A 1 28  ? -18.964 0.975   0.077   1.00 43.09 ? 28  GLU B CG  1 
ATOM   135  C  CD  . GLU A 1 28  ? -18.891 2.430   -0.376  1.00 49.12 ? 28  GLU B CD  1 
ATOM   136  O  OE1 . GLU A 1 28  ? -18.694 3.318   0.485   1.00 47.94 ? 28  GLU B OE1 1 
ATOM   137  O  OE2 . GLU A 1 28  ? -19.037 2.688   -1.592  1.00 51.65 ? 28  GLU B OE2 1 
ATOM   138  N  N   . SER A 1 29  ? -15.191 0.414   1.440   1.00 20.72 ? 29  SER B N   1 
ATOM   139  C  CA  . SER A 1 29  ? -14.631 0.684   2.759   1.00 21.40 ? 29  SER B CA  1 
ATOM   140  C  C   . SER A 1 29  ? -13.497 1.705   2.698   1.00 25.96 ? 29  SER B C   1 
ATOM   141  O  O   . SER A 1 29  ? -13.379 2.562   3.582   1.00 21.21 ? 29  SER B O   1 
ATOM   142  C  CB  . SER A 1 29  ? -14.151 -0.626  3.384   1.00 23.66 ? 29  SER B CB  1 
ATOM   143  O  OG  . SER A 1 29  ? -13.426 -0.388  4.573   1.00 32.42 ? 29  SER B OG  1 
ATOM   144  N  N   . VAL A 1 30  ? -12.643 1.633   1.670   1.00 20.94 ? 30  VAL B N   1 
ATOM   145  C  CA  . VAL A 1 30  ? -11.567 2.611   1.557   1.00 18.41 ? 30  VAL B CA  1 
ATOM   146  C  C   . VAL A 1 30  ? -12.140 3.998   1.301   1.00 21.04 ? 30  VAL B C   1 
ATOM   147  O  O   . VAL A 1 30  ? -11.679 4.994   1.878   1.00 19.90 ? 30  VAL B O   1 
ATOM   148  C  CB  . VAL A 1 30  ? -10.567 2.198   0.456   1.00 19.06 ? 30  VAL B CB  1 
ATOM   149  C  CG1 . VAL A 1 30  ? -9.622  3.364   0.127   1.00 15.91 ? 30  VAL B CG1 1 
ATOM   150  C  CG2 . VAL A 1 30  ? -9.753  0.976   0.896   1.00 15.83 ? 30  VAL B CG2 1 
ATOM   151  N  N   . VAL A 1 31  ? -13.166 4.090   0.454   1.00 22.85 ? 31  VAL B N   1 
ATOM   152  C  CA  . VAL A 1 31  ? -13.734 5.400   0.145   1.00 26.78 ? 31  VAL B CA  1 
ATOM   153  C  C   . VAL A 1 31  ? -14.336 6.032   1.398   1.00 26.57 ? 31  VAL B C   1 
ATOM   154  O  O   . VAL A 1 31  ? -14.103 7.212   1.685   1.00 33.69 ? 31  VAL B O   1 
ATOM   155  C  CB  . VAL A 1 31  ? -14.759 5.288   -0.999  1.00 26.82 ? 31  VAL B CB  1 
ATOM   156  C  CG1 . VAL A 1 31  ? -15.533 6.585   -1.157  1.00 31.68 ? 31  VAL B CG1 1 
ATOM   157  C  CG2 . VAL A 1 31  ? -14.053 4.943   -2.294  1.00 27.00 ? 31  VAL B CG2 1 
ATOM   158  N  N   . GLU A 1 32  ? -15.087 5.257   2.186   1.00 29.30 ? 32  GLU B N   1 
ATOM   159  C  CA  . GLU A 1 32  ? -15.665 5.837   3.398   1.00 30.15 ? 32  GLU B CA  1 
ATOM   160  C  C   . GLU A 1 32  ? -14.576 6.257   4.378   1.00 28.00 ? 32  GLU B C   1 
ATOM   161  O  O   . GLU A 1 32  ? -14.699 7.294   5.039   1.00 27.50 ? 32  GLU B O   1 
ATOM   162  C  CB  . GLU A 1 32  ? -16.653 4.872   4.063   1.00 30.12 ? 32  GLU B CB  1 
ATOM   163  C  CG  . GLU A 1 32  ? -16.089 3.510   4.499   1.00 32.88 ? 32  GLU B CG  1 
ATOM   164  C  CD  . GLU A 1 32  ? -15.535 3.489   5.931   1.00 40.82 ? 32  GLU B CD  1 
ATOM   165  O  OE1 . GLU A 1 32  ? -14.656 2.621   6.230   1.00 30.59 ? 32  GLU B OE1 1 
ATOM   166  O  OE2 . GLU A 1 32  ? -15.980 4.334   6.755   1.00 41.49 ? 32  GLU B OE2 1 
ATOM   167  N  N   . LEU A 1 33  ? -13.482 5.494   4.455   1.00 24.99 ? 33  LEU B N   1 
ATOM   168  C  CA  . LEU A 1 33  ? -12.406 5.856   5.369   1.00 24.57 ? 33  LEU B CA  1 
ATOM   169  C  C   . LEU A 1 33  ? -11.727 7.148   4.936   1.00 25.29 ? 33  LEU B C   1 
ATOM   170  O  O   . LEU A 1 33  ? -11.430 8.010   5.770   1.00 25.28 ? 33  LEU B O   1 
ATOM   171  C  CB  . LEU A 1 33  ? -11.382 4.720   5.467   1.00 23.14 ? 33  LEU B CB  1 
ATOM   172  C  CG  . LEU A 1 33  ? -10.130 5.080   6.272   1.00 22.00 ? 33  LEU B CG  1 
ATOM   173  C  CD1 . LEU A 1 33  ? -10.479 5.253   7.747   1.00 23.72 ? 33  LEU B CD1 1 
ATOM   174  C  CD2 . LEU A 1 33  ? -9.001  4.049   6.111   1.00 20.69 ? 33  LEU B CD2 1 
ATOM   175  N  N   . LEU A 1 34  ? -11.474 7.308   3.637   1.00 22.11 ? 34  LEU B N   1 
ATOM   176  C  CA  . LEU A 1 34  ? -10.776 8.507   3.184   1.00 24.99 ? 34  LEU B CA  1 
ATOM   177  C  C   . LEU A 1 34  ? -11.633 9.755   3.366   1.00 26.65 ? 34  LEU B C   1 
ATOM   178  O  O   . LEU A 1 34  ? -11.093 10.859  3.526   1.00 27.39 ? 34  LEU B O   1 
ATOM   179  C  CB  . LEU A 1 34  ? -10.340 8.341   1.731   1.00 24.44 ? 34  LEU B CB  1 
ATOM   180  C  CG  . LEU A 1 34  ? -9.274  7.259   1.501   1.00 19.92 ? 34  LEU B CG  1 
ATOM   181  C  CD1 . LEU A 1 34  ? -8.941  7.159   0.016   1.00 24.93 ? 34  LEU B CD1 1 
ATOM   182  C  CD2 . LEU A 1 34  ? -8.012  7.547   2.332   1.00 18.06 ? 34  LEU B CD2 1 
ATOM   183  N  N   . GLU A 1 35  ? -12.958 9.592   3.380   1.00 25.28 ? 35  GLU B N   1 
ATOM   184  C  CA  . GLU A 1 35  ? -13.850 10.705  3.694   1.00 32.97 ? 35  GLU B CA  1 
ATOM   185  C  C   . GLU A 1 35  ? -13.593 11.243  5.090   1.00 32.57 ? 35  GLU B C   1 
ATOM   186  O  O   . GLU A 1 35  ? -13.718 12.450  5.325   1.00 37.12 ? 35  GLU B O   1 
ATOM   187  C  CB  . GLU A 1 35  ? -15.309 10.269  3.575   1.00 33.79 ? 35  GLU B CB  1 
ATOM   188  C  CG  . GLU A 1 35  ? -15.770 10.012  2.149   1.00 35.37 ? 35  GLU B CG  1 
ATOM   189  C  CD  . GLU A 1 35  ? -17.140 9.363   2.094   1.00 39.69 ? 35  GLU B CD  1 
ATOM   190  O  OE1 . GLU A 1 35  ? -17.666 8.976   3.163   1.00 39.32 ? 35  GLU B OE1 1 
ATOM   191  O  OE2 . GLU A 1 35  ? -17.692 9.236   0.981   1.00 47.04 ? 35  GLU B OE2 1 
ATOM   192  N  N   . ARG A 1 36  ? -13.233 10.372  6.027   1.00 32.11 ? 36  ARG B N   1 
ATOM   193  C  CA  . ARG A 1 36  ? -13.001 10.789  7.401   1.00 29.58 ? 36  ARG B CA  1 
ATOM   194  C  C   . ARG A 1 36  ? -11.538 11.079  7.684   1.00 31.07 ? 36  ARG B C   1 
ATOM   195  O  O   . ARG A 1 36  ? -11.234 11.897  8.558   1.00 32.24 ? 36  ARG B O   1 
ATOM   196  C  CB  . ARG A 1 36  ? -13.526 9.717   8.354   1.00 32.50 ? 36  ARG B CB  1 
ATOM   197  C  CG  . ARG A 1 36  ? -15.015 9.479   8.162   1.00 36.82 ? 36  ARG B CG  1 
ATOM   198  C  CD  . ARG A 1 36  ? -15.566 8.476   9.141   1.00 35.40 ? 36  ARG B CD  1 
ATOM   199  N  NE  . ARG A 1 36  ? -15.373 7.114   8.667   1.00 35.56 ? 36  ARG B NE  1 
ATOM   200  C  CZ  . ARG A 1 36  ? -14.452 6.290   9.148   1.00 34.70 ? 36  ARG B CZ  1 
ATOM   201  N  NH1 . ARG A 1 36  ? -13.653 6.700   10.117  1.00 35.90 ? 36  ARG B NH1 1 
ATOM   202  N  NH2 . ARG A 1 36  ? -14.333 5.059   8.661   1.00 37.79 ? 36  ARG B NH2 1 
ATOM   203  N  N   . HIS A 1 37  ? -10.625 10.437  6.960   1.00 27.83 ? 37  HIS B N   1 
ATOM   204  C  CA  . HIS A 1 37  ? -9.191  10.679  7.109   1.00 29.10 ? 37  HIS B CA  1 
ATOM   205  C  C   . HIS A 1 37  ? -8.615  10.824  5.711   1.00 25.83 ? 37  HIS B C   1 
ATOM   206  O  O   . HIS A 1 37  ? -8.334  9.809   5.048   1.00 25.13 ? 37  HIS B O   1 
ATOM   207  C  CB  . HIS A 1 37  ? -8.499  9.553   7.866   1.00 22.84 ? 37  HIS B CB  1 
ATOM   208  C  CG  . HIS A 1 37  ? -9.055  9.307   9.234   1.00 25.92 ? 37  HIS B CG  1 
ATOM   209  N  ND1 . HIS A 1 37  ? -8.678  10.047  10.333  1.00 29.89 ? 37  HIS B ND1 1 
ATOM   210  C  CD2 . HIS A 1 37  ? -9.951  8.395   9.682   1.00 27.92 ? 37  HIS B CD2 1 
ATOM   211  C  CE1 . HIS A 1 37  ? -9.323  9.606   11.398  1.00 33.29 ? 37  HIS B CE1 1 
ATOM   212  N  NE2 . HIS A 1 37  ? -10.100 8.602   11.030  1.00 34.16 ? 37  HIS B NE2 1 
ATOM   213  N  N   . PRO A 1 38  ? -8.446  12.049  5.225   1.00 27.25 ? 38  PRO B N   1 
ATOM   214  C  CA  . PRO A 1 38  ? -8.040  12.248  3.832   1.00 25.79 ? 38  PRO B CA  1 
ATOM   215  C  C   . PRO A 1 38  ? -6.566  11.951  3.615   1.00 27.56 ? 38  PRO B C   1 
ATOM   216  O  O   . PRO A 1 38  ? -5.755  11.927  4.541   1.00 20.28 ? 38  PRO B O   1 
ATOM   217  C  CB  . PRO A 1 38  ? -8.342  13.730  3.574   1.00 30.05 ? 38  PRO B CB  1 
ATOM   218  C  CG  . PRO A 1 38  ? -9.336  14.107  4.648   1.00 36.13 ? 38  PRO B CG  1 
ATOM   219  C  CD  . PRO A 1 38  ? -8.921  13.297  5.842   1.00 31.25 ? 38  PRO B CD  1 
ATOM   220  N  N   . LEU A 1 39  ? -6.239  11.707  2.350   1.00 25.01 ? 39  LEU B N   1 
ATOM   221  C  CA  . LEU A 1 39  ? -4.860  11.477  1.973   1.00 19.78 ? 39  LEU B CA  1 
ATOM   222  C  C   . LEU A 1 39  ? -4.080  12.778  2.064   1.00 22.53 ? 39  LEU B C   1 
ATOM   223  O  O   . LEU A 1 39  ? -4.603  13.861  1.783   1.00 22.77 ? 39  LEU B O   1 
ATOM   224  C  CB  . LEU A 1 39  ? -4.794  10.915  0.554   1.00 23.18 ? 39  LEU B CB  1 
ATOM   225  C  CG  . LEU A 1 39  ? -5.569  9.622   0.240   1.00 18.35 ? 39  LEU B CG  1 
ATOM   226  C  CD1 . LEU A 1 39  ? -5.916  9.558   -1.247  1.00 19.37 ? 39  LEU B CD1 1 
ATOM   227  C  CD2 . LEU A 1 39  ? -4.741  8.441   0.633   1.00 17.42 ? 39  LEU B CD2 1 
ATOM   228  N  N   . VAL A 1 40  ? -2.818  12.673  2.461   1.00 20.13 ? 40  VAL B N   1 
ATOM   229  C  CA  . VAL A 1 40  ? -1.909  13.801  2.418   1.00 28.17 ? 40  VAL B CA  1 
ATOM   230  C  C   . VAL A 1 40  ? -0.998  13.670  1.205   1.00 24.16 ? 40  VAL B C   1 
ATOM   231  O  O   . VAL A 1 40  ? -0.871  12.602  0.610   1.00 21.46 ? 40  VAL B O   1 
ATOM   232  C  CB  . VAL A 1 40  ? -1.082  13.939  3.711   1.00 28.35 ? 40  VAL B CB  1 
ATOM   233  C  CG1 . VAL A 1 40  ? -1.984  14.353  4.873   1.00 34.98 ? 40  VAL B CG1 1 
ATOM   234  C  CG2 . VAL A 1 40  ? -0.277  12.659  3.996   1.00 20.51 ? 40  VAL B CG2 1 
ATOM   235  N  N   . PHE A 1 41  ? -0.332  14.776  0.855   1.00 20.54 ? 41  PHE B N   1 
ATOM   236  C  CA  . PHE A 1 41  ? 0.594   14.903  -0.270  1.00 24.23 ? 41  PHE B CA  1 
ATOM   237  C  C   . PHE A 1 41  ? -0.165  15.001  -1.587  1.00 26.13 ? 41  PHE B C   1 
ATOM   238  O  O   . PHE A 1 41  ? -1.367  14.730  -1.638  1.00 24.80 ? 41  PHE B O   1 
ATOM   239  C  CB  . PHE A 1 41  ? 1.600   13.744  -0.336  1.00 28.04 ? 41  PHE B CB  1 
ATOM   240  C  CG  . PHE A 1 41  ? 2.362   13.511  0.937   1.00 31.58 ? 41  PHE B CG  1 
ATOM   241  C  CD1 . PHE A 1 41  ? 2.682   14.564  1.781   1.00 31.23 ? 41  PHE B CD1 1 
ATOM   242  C  CD2 . PHE A 1 41  ? 2.768   12.228  1.284   1.00 27.81 ? 41  PHE B CD2 1 
ATOM   243  C  CE1 . PHE A 1 41  ? 3.392   14.345  2.952   1.00 34.29 ? 41  PHE B CE1 1 
ATOM   244  C  CE2 . PHE A 1 41  ? 3.478   12.001  2.451   1.00 30.02 ? 41  PHE B CE2 1 
ATOM   245  C  CZ  . PHE A 1 41  ? 3.793   13.063  3.288   1.00 30.33 ? 41  PHE B CZ  1 
ATOM   246  N  N   . GLU A 1 42  ? 0.508   15.391  -2.668  1.00 27.95 ? 42  GLU B N   1 
ATOM   247  C  CA  . GLU A 1 42  ? -0.200  15.551  -3.931  1.00 31.30 ? 42  GLU B CA  1 
ATOM   248  C  C   . GLU A 1 42  ? 0.077   14.445  -4.943  1.00 31.96 ? 42  GLU B C   1 
ATOM   249  O  O   . GLU A 1 42  ? -0.870  13.824  -5.421  1.00 38.80 ? 42  GLU B O   1 
ATOM   250  C  CB  . GLU A 1 42  ? 0.090   16.931  -4.538  1.00 36.56 ? 42  GLU B CB  1 
ATOM   251  C  CG  . GLU A 1 42  ? -0.336  18.100  -3.637  1.00 43.73 ? 42  GLU B CG  1 
ATOM   252  C  CD  . GLU A 1 42  ? -1.850  18.385  -3.660  1.00 54.59 ? 42  GLU B CD  1 
ATOM   253  O  OE1 . GLU A 1 42  ? -2.507  18.131  -4.697  1.00 55.20 ? 42  GLU B OE1 1 
ATOM   254  O  OE2 . GLU A 1 42  ? -2.384  18.870  -2.628  1.00 55.39 ? 42  GLU B OE2 1 
ATOM   255  N  N   . GLY A 1 43  ? 1.321   14.147  -5.289  1.00 28.10 ? 43  GLY B N   1 
ATOM   256  C  CA  . GLY A 1 43  ? 1.508   13.185  -6.381  1.00 29.93 ? 43  GLY B CA  1 
ATOM   257  C  C   . GLY A 1 43  ? 1.232   11.731  -6.027  1.00 24.05 ? 43  GLY B C   1 
ATOM   258  O  O   . GLY A 1 43  ? 0.410   11.039  -6.661  1.00 16.41 ? 43  GLY B O   1 
ATOM   259  N  N   . THR A 1 44  ? 1.972   11.241  -5.037  1.00 23.95 ? 44  THR B N   1 
ATOM   260  C  CA  . THR A 1 44  ? 1.620   10.030  -4.308  1.00 20.88 ? 44  THR B CA  1 
ATOM   261  C  C   . THR A 1 44  ? 0.925   10.468  -3.031  1.00 18.12 ? 44  THR B C   1 
ATOM   262  O  O   . THR A 1 44  ? 1.565   11.012  -2.125  1.00 26.37 ? 44  THR B O   1 
ATOM   263  C  CB  . THR A 1 44  ? 2.834   9.175   -3.961  1.00 22.00 ? 44  THR B CB  1 
ATOM   264  O  OG1 . THR A 1 44  ? 3.617   8.940   -5.131  1.00 33.21 ? 44  THR B OG1 1 
ATOM   265  C  CG2 . THR A 1 44  ? 2.366   7.847   -3.379  1.00 24.43 ? 44  THR B CG2 1 
ATOM   266  N  N   . ARG A 1 45  ? -0.373  10.251  -2.961  1.00 14.82 ? 45  ARG B N   1 
ATOM   267  C  CA  . ARG A 1 45  ? -1.135  10.601  -1.771  1.00 18.01 ? 45  ARG B CA  1 
ATOM   268  C  C   . ARG A 1 45  ? -1.179  9.387   -0.850  1.00 19.09 ? 45  ARG B C   1 
ATOM   269  O  O   . ARG A 1 45  ? -1.265  8.253   -1.323  1.00 16.02 ? 45  ARG B O   1 
ATOM   270  C  CB  . ARG A 1 45  ? -2.535  11.055  -2.171  1.00 22.23 ? 45  ARG B CB  1 
ATOM   271  C  CG  . ARG A 1 45  ? -2.509  12.040  -3.359  1.00 22.21 ? 45  ARG B CG  1 
ATOM   272  C  CD  . ARG A 1 45  ? -3.819  12.780  -3.492  1.00 26.16 ? 45  ARG B CD  1 
ATOM   273  N  NE  . ARG A 1 45  ? -3.859  13.562  -4.720  1.00 32.34 ? 45  ARG B NE  1 
ATOM   274  C  CZ  . ARG A 1 45  ? -3.926  14.889  -4.768  1.00 36.21 ? 45  ARG B CZ  1 
ATOM   275  N  NH1 . ARG A 1 45  ? -3.974  15.601  -3.646  1.00 33.73 ? 45  ARG B NH1 1 
ATOM   276  N  NH2 . ARG A 1 45  ? -3.947  15.505  -5.942  1.00 36.45 ? 45  ARG B NH2 1 
ATOM   277  N  N   . GLN A 1 46  ? -1.098  9.620   0.468   1.00 15.52 ? 46  GLN B N   1 
ATOM   278  C  CA  . GLN A 1 46  ? -0.904  8.520   1.406   1.00 15.05 ? 46  GLN B CA  1 
ATOM   279  C  C   . GLN A 1 46  ? -1.782  8.678   2.644   1.00 15.52 ? 46  GLN B C   1 
ATOM   280  O  O   . GLN A 1 46  ? -2.241  9.774   2.983   1.00 16.94 ? 46  GLN B O   1 
ATOM   281  C  CB  . GLN A 1 46  ? 0.571   8.401   1.841   1.00 17.74 ? 46  GLN B CB  1 
ATOM   282  C  CG  . GLN A 1 46  ? 1.564   8.197   0.700   1.00 21.00 ? 46  GLN B CG  1 
ATOM   283  C  CD  . GLN A 1 46  ? 2.993   8.077   1.178   1.00 27.14 ? 46  GLN B CD  1 
ATOM   284  O  OE1 . GLN A 1 46  ? 3.251   7.639   2.300   1.00 23.03 ? 46  GLN B OE1 1 
ATOM   285  N  NE2 . GLN A 1 46  ? 3.934   8.468   0.331   1.00 34.92 ? 46  GLN B NE2 1 
ATOM   286  N  N   . LEU A 1 47  ? -2.010  7.549   3.321   1.00 14.46 ? 47  LEU B N   1 
ATOM   287  C  CA  . LEU A 1 47  ? -2.658  7.526   4.631   1.00 13.92 ? 47  LEU B CA  1 
ATOM   288  C  C   . LEU A 1 47  ? -2.122  6.331   5.410   1.00 17.37 ? 47  LEU B C   1 
ATOM   289  O  O   . LEU A 1 47  ? -2.190  5.200   4.914   1.00 15.52 ? 47  LEU B O   1 
ATOM   290  C  CB  . LEU A 1 47  ? -4.182  7.427   4.512   1.00 13.43 ? 47  LEU B CB  1 
ATOM   291  C  CG  . LEU A 1 47  ? -4.881  7.337   5.873   1.00 16.66 ? 47  LEU B CG  1 
ATOM   292  C  CD1 . LEU A 1 47  ? -4.772  8.678   6.583   1.00 17.83 ? 47  LEU B CD1 1 
ATOM   293  C  CD2 . LEU A 1 47  ? -6.338  6.938   5.685   1.00 15.63 ? 47  LEU B CD2 1 
ATOM   294  N  N   . ALA A 1 48  ? -1.598  6.571   6.617   1.00 13.14 ? 48  ALA B N   1 
ATOM   295  C  CA  . ALA A 1 48  ? -1.032  5.483   7.407   1.00 16.20 ? 48  ALA B CA  1 
ATOM   296  C  C   . ALA A 1 48  ? -2.150  4.687   8.070   1.00 15.86 ? 48  ALA B C   1 
ATOM   297  O  O   . ALA A 1 48  ? -3.009  5.255   8.747   1.00 20.08 ? 48  ALA B O   1 
ATOM   298  C  CB  . ALA A 1 48  ? -0.068  6.014   8.471   1.00 12.80 ? 48  ALA B CB  1 
ATOM   299  N  N   . LEU A 1 49  ? -2.133  3.367   7.882   1.00 13.12 ? 49  LEU B N   1 
ATOM   300  C  CA  . LEU A 1 49  ? -3.090  2.492   8.548   1.00 15.23 ? 49  LEU B CA  1 
ATOM   301  C  C   . LEU A 1 49  ? -2.507  1.821   9.791   1.00 17.08 ? 49  LEU B C   1 
ATOM   302  O  O   . LEU A 1 49  ? -3.260  1.195   10.549  1.00 17.61 ? 49  LEU B O   1 
ATOM   303  C  CB  . LEU A 1 49  ? -3.607  1.419   7.579   1.00 12.41 ? 49  LEU B CB  1 
ATOM   304  C  CG  . LEU A 1 49  ? -4.311  1.933   6.315   1.00 11.42 ? 49  LEU B CG  1 
ATOM   305  C  CD1 . LEU A 1 49  ? -4.922  0.764   5.536   1.00 12.64 ? 49  LEU B CD1 1 
ATOM   306  C  CD2 . LEU A 1 49  ? -5.391  2.998   6.638   1.00 12.32 ? 49  LEU B CD2 1 
ATOM   307  N  N   . GLN A 1 50  ? -1.195  1.911   9.993   1.00 13.92 ? 50  GLN B N   1 
ATOM   308  C  CA  . GLN A 1 50  ? -0.541  1.476   11.221  1.00 15.72 ? 50  GLN B CA  1 
ATOM   309  C  C   . GLN A 1 50  ? 0.249   2.633   11.809  1.00 20.14 ? 50  GLN B C   1 
ATOM   310  O  O   . GLN A 1 50  ? 0.746   3.501   11.083  1.00 16.84 ? 50  GLN B O   1 
ATOM   311  C  CB  . GLN A 1 50  ? 0.398   0.286   10.992  1.00 14.19 ? 50  GLN B CB  1 
ATOM   312  C  CG  . GLN A 1 50  ? -0.320  -1.018  10.736  1.00 13.08 ? 50  GLN B CG  1 
ATOM   313  C  CD  . GLN A 1 50  ? 0.628   -2.166  10.441  1.00 14.67 ? 50  GLN B CD  1 
ATOM   314  O  OE1 . GLN A 1 50  ? 1.222   -2.234  9.369   1.00 13.59 ? 50  GLN B OE1 1 
ATOM   315  N  NE2 . GLN A 1 50  ? 0.779   -3.073  11.401  1.00 15.05 ? 50  GLN B NE2 1 
ATOM   316  N  N   . HIS A 1 51  ? 0.376   2.635   13.138  1.00 19.82 ? 51  HIS B N   1 
ATOM   317  C  CA  . HIS A 1 51  ? 1.125   3.674   13.824  1.00 20.77 ? 51  HIS B CA  1 
ATOM   318  C  C   . HIS A 1 51  ? 2.049   3.053   14.862  1.00 20.65 ? 51  HIS B C   1 
ATOM   319  O  O   . HIS A 1 51  ? 1.877   1.905   15.268  1.00 19.47 ? 51  HIS B O   1 
ATOM   320  C  CB  . HIS A 1 51  ? 0.192   4.688   14.495  1.00 20.69 ? 51  HIS B CB  1 
ATOM   321  C  CG  . HIS A 1 51  ? -0.735  4.083   15.499  1.00 23.22 ? 51  HIS B CG  1 
ATOM   322  N  ND1 . HIS A 1 51  ? -0.390  3.913   16.824  1.00 28.08 ? 51  HIS B ND1 1 
ATOM   323  C  CD2 . HIS A 1 51  ? -2.000  3.619   15.377  1.00 22.76 ? 51  HIS B CD2 1 
ATOM   324  C  CE1 . HIS A 1 51  ? -1.406  3.372   17.473  1.00 24.40 ? 51  HIS B CE1 1 
ATOM   325  N  NE2 . HIS A 1 51  ? -2.391  3.176   16.617  1.00 24.87 ? 51  HIS B NE2 1 
ATOM   326  N  N   . ARG A 1 52  ? 3.052   3.823   15.264  1.00 21.90 ? 52  ARG B N   1 
ATOM   327  C  CA  . ARG A 1 52  ? 3.906   3.416   16.362  1.00 23.48 ? 52  ARG B CA  1 
ATOM   328  C  C   . ARG A 1 52  ? 3.117   3.459   17.669  1.00 23.19 ? 52  ARG B C   1 
ATOM   329  O  O   . ARG A 1 52  ? 2.145   4.210   17.789  1.00 22.42 ? 52  ARG B O   1 
ATOM   330  C  CB  . ARG A 1 52  ? 5.122   4.335   16.470  1.00 21.27 ? 52  ARG B CB  1 
ATOM   331  C  CG  . ARG A 1 52  ? 6.028   4.300   15.260  1.00 31.15 ? 52  ARG B CG  1 
ATOM   332  C  CD  . ARG A 1 52  ? 6.919   5.521   15.208  1.00 33.68 ? 52  ARG B CD  1 
ATOM   333  N  NE  . ARG A 1 52  ? 8.065   5.412   16.106  1.00 40.77 ? 52  ARG B NE  1 
ATOM   334  C  CZ  . ARG A 1 52  ? 8.671   6.459   16.655  1.00 47.32 ? 52  ARG B CZ  1 
ATOM   335  N  NH1 . ARG A 1 52  ? 8.226   7.684   16.399  1.00 40.09 ? 52  ARG B NH1 1 
ATOM   336  N  NH2 . ARG A 1 52  ? 9.710   6.279   17.463  1.00 49.96 ? 52  ARG B NH2 1 
ATOM   337  N  N   . PRO A 1 53  ? 3.516   2.664   18.660  1.00 25.23 ? 53  PRO B N   1 
ATOM   338  C  CA  . PRO A 1 53  ? 2.933   2.816   19.996  1.00 24.09 ? 53  PRO B CA  1 
ATOM   339  C  C   . PRO A 1 53  ? 3.035   4.262   20.458  1.00 22.83 ? 53  PRO B C   1 
ATOM   340  O  O   . PRO A 1 53  ? 4.074   4.909   20.296  1.00 24.97 ? 53  PRO B O   1 
ATOM   341  C  CB  . PRO A 1 53  ? 3.789   1.883   20.861  1.00 23.94 ? 53  PRO B CB  1 
ATOM   342  C  CG  . PRO A 1 53  ? 4.273   0.839   19.914  1.00 28.41 ? 53  PRO B CG  1 
ATOM   343  C  CD  . PRO A 1 53  ? 4.526   1.591   18.621  1.00 25.19 ? 53  PRO B CD  1 
ATOM   344  N  N   . GLU A 1 54  ? 1.936   4.773   21.009  1.00 19.01 ? 54  GLU B N   1 
ATOM   345  C  CA  . GLU A 1 54  ? 1.850   6.119   21.578  1.00 23.20 ? 54  GLU B CA  1 
ATOM   346  C  C   . GLU A 1 54  ? 2.072   7.228   20.555  1.00 29.80 ? 54  GLU B C   1 
ATOM   347  O  O   . GLU A 1 54  ? 2.451   8.346   20.924  1.00 29.91 ? 54  GLU B O   1 
ATOM   348  C  CB  . GLU A 1 54  ? 2.834   6.313   22.732  1.00 20.30 ? 54  GLU B CB  1 
ATOM   349  C  CG  . GLU A 1 54  ? 2.930   5.153   23.683  1.00 22.31 ? 54  GLU B CG  1 
ATOM   350  C  CD  . GLU A 1 54  ? 3.707   5.553   24.910  1.00 21.05 ? 54  GLU B CD  1 
ATOM   351  O  OE1 . GLU A 1 54  ? 3.061   6.017   25.866  1.00 20.12 ? 54  GLU B OE1 1 
ATOM   352  O  OE2 . GLU A 1 54  ? 4.955   5.464   24.882  1.00 19.52 ? 54  GLU B OE2 1 
ATOM   353  N  N   . ALA A 1 55  ? 1.834   6.963   19.272  1.00 28.50 ? 55  ALA B N   1 
ATOM   354  C  CA  . ALA A 1 55  ? 1.965   8.019   18.280  1.00 26.39 ? 55  ALA B CA  1 
ATOM   355  C  C   . ALA A 1 55  ? 0.985   9.152   18.562  1.00 23.36 ? 55  ALA B C   1 
ATOM   356  O  O   . ALA A 1 55  ? -0.171  8.925   18.921  1.00 28.68 ? 55  ALA B O   1 
ATOM   357  C  CB  . ALA A 1 55  ? 1.733   7.462   16.875  1.00 27.00 ? 55  ALA B CB  1 
ATOM   358  N  N   . THR A 1 56  ? 1.463   10.381  18.403  1.00 28.18 ? 56  THR B N   1 
ATOM   359  C  CA  . THR A 1 56  ? 0.620   11.561  18.521  1.00 29.99 ? 56  THR B CA  1 
ATOM   360  C  C   . THR A 1 56  ? -0.052  11.943  17.204  1.00 30.34 ? 56  THR B C   1 
ATOM   361  O  O   . THR A 1 56  ? -1.070  12.645  17.217  1.00 22.74 ? 56  THR B O   1 
ATOM   362  C  CB  . THR A 1 56  ? 1.457   12.735  19.039  1.00 29.03 ? 56  THR B CB  1 
ATOM   363  O  OG1 . THR A 1 56  ? 2.601   12.908  18.199  1.00 32.94 ? 56  THR B OG1 1 
ATOM   364  C  CG2 . THR A 1 56  ? 1.947   12.452  20.461  1.00 31.28 ? 56  THR B CG2 1 
ATOM   365  N  N   . ASP A 1 57  ? 0.492   11.499  16.073  1.00 29.28 ? 57  ASP B N   1 
ATOM   366  C  CA  . ASP A 1 57  ? -0.102  11.716  14.754  1.00 28.21 ? 57  ASP B CA  1 
ATOM   367  C  C   . ASP A 1 57  ? -0.192  10.363  14.055  1.00 24.97 ? 57  ASP B C   1 
ATOM   368  O  O   . ASP A 1 57  ? 0.562   10.083  13.116  1.00 27.77 ? 57  ASP B O   1 
ATOM   369  C  CB  . ASP A 1 57  ? 0.731   12.711  13.941  1.00 34.05 ? 57  ASP B CB  1 
ATOM   370  C  CG  . ASP A 1 57  ? 0.042   13.153  12.655  1.00 33.17 ? 57  ASP B CG  1 
ATOM   371  O  OD1 . ASP A 1 57  ? -1.142  12.806  12.445  1.00 32.86 ? 57  ASP B OD1 1 
ATOM   372  O  OD2 . ASP A 1 57  ? 0.699   13.857  11.858  1.00 37.73 ? 57  ASP B OD2 1 
ATOM   373  N  N   . PRO A 1 58  ? -1.105  9.497   14.500  1.00 26.94 ? 58  PRO B N   1 
ATOM   374  C  CA  . PRO A 1 58  ? -1.096  8.108   14.011  1.00 26.22 ? 58  PRO B CA  1 
ATOM   375  C  C   . PRO A 1 58  ? -1.459  7.963   12.545  1.00 23.28 ? 58  PRO B C   1 
ATOM   376  O  O   . PRO A 1 58  ? -0.956  7.043   11.887  1.00 21.65 ? 58  PRO B O   1 
ATOM   377  C  CB  . PRO A 1 58  ? -2.133  7.415   14.902  1.00 23.06 ? 58  PRO B CB  1 
ATOM   378  C  CG  . PRO A 1 58  ? -3.028  8.525   15.378  1.00 23.88 ? 58  PRO B CG  1 
ATOM   379  C  CD  . PRO A 1 58  ? -2.144  9.725   15.521  1.00 24.90 ? 58  PRO B CD  1 
ATOM   380  N  N   . TRP A 1 59  ? -2.336  8.813   12.020  1.00 22.01 ? 59  TRP B N   1 
ATOM   381  C  CA  . TRP A 1 59  ? -2.795  8.646   10.649  1.00 21.01 ? 59  TRP B CA  1 
ATOM   382  C  C   . TRP A 1 59  ? -1.769  9.097   9.614   1.00 20.54 ? 59  TRP B C   1 
ATOM   383  O  O   . TRP A 1 59  ? -1.913  8.754   8.435   1.00 23.24 ? 59  TRP B O   1 
ATOM   384  C  CB  . TRP A 1 59  ? -4.118  9.388   10.460  1.00 21.00 ? 59  TRP B CB  1 
ATOM   385  C  CG  . TRP A 1 59  ? -5.252  8.705   11.165  1.00 24.26 ? 59  TRP B CG  1 
ATOM   386  C  CD1 . TRP A 1 59  ? -5.767  9.024   12.393  1.00 25.51 ? 59  TRP B CD1 1 
ATOM   387  C  CD2 . TRP A 1 59  ? -5.986  7.559   10.712  1.00 26.54 ? 59  TRP B CD2 1 
ATOM   388  N  NE1 . TRP A 1 59  ? -6.786  8.157   12.721  1.00 27.94 ? 59  TRP B NE1 1 
ATOM   389  C  CE2 . TRP A 1 59  ? -6.943  7.250   11.707  1.00 26.14 ? 59  TRP B CE2 1 
ATOM   390  C  CE3 . TRP A 1 59  ? -5.944  6.773   9.553   1.00 26.60 ? 59  TRP B CE3 1 
ATOM   391  C  CZ2 . TRP A 1 59  ? -7.839  6.191   11.577  1.00 26.29 ? 59  TRP B CZ2 1 
ATOM   392  C  CZ3 . TRP A 1 59  ? -6.841  5.724   9.425   1.00 23.68 ? 59  TRP B CZ3 1 
ATOM   393  C  CH2 . TRP A 1 59  ? -7.774  5.442   10.433  1.00 26.55 ? 59  TRP B CH2 1 
ATOM   394  N  N   . TYR A 1 60  ? -0.722  9.827   10.009  1.00 22.65 ? 60  TYR B N   1 
ATOM   395  C  CA  . TYR A 1 60  ? 0.201   10.358  9.012   1.00 22.10 ? 60  TYR B CA  1 
ATOM   396  C  C   . TYR A 1 60  ? 1.673   10.196  9.339   1.00 24.96 ? 60  TYR B C   1 
ATOM   397  O  O   . TYR A 1 60  ? 2.492   10.393  8.440   1.00 20.41 ? 60  TYR B O   1 
ATOM   398  C  CB  . TYR A 1 60  ? -0.099  11.842  8.761   1.00 25.00 ? 60  TYR B CB  1 
ATOM   399  C  CG  . TYR A 1 60  ? -1.536  12.039  8.348   1.00 24.01 ? 60  TYR B CG  1 
ATOM   400  C  CD1 . TYR A 1 60  ? -1.962  11.697  7.071   1.00 21.30 ? 60  TYR B CD1 1 
ATOM   401  C  CD2 . TYR A 1 60  ? -2.474  12.519  9.244   1.00 24.87 ? 60  TYR B CD2 1 
ATOM   402  C  CE1 . TYR A 1 60  ? -3.277  11.857  6.694   1.00 18.27 ? 60  TYR B CE1 1 
ATOM   403  C  CE2 . TYR A 1 60  ? -3.788  12.685  8.876   1.00 20.30 ? 60  TYR B CE2 1 
ATOM   404  C  CZ  . TYR A 1 60  ? -4.189  12.344  7.595   1.00 26.13 ? 60  TYR B CZ  1 
ATOM   405  O  OH  . TYR A 1 60  ? -5.509  12.488  7.217   1.00 22.34 ? 60  TYR B OH  1 
ATOM   406  N  N   . GLU A 1 61  ? 2.046   9.845   10.572  1.00 22.12 ? 61  GLU B N   1 
ATOM   407  C  CA  . GLU A 1 61  ? 3.458   9.690   10.886  1.00 24.56 ? 61  GLU B CA  1 
ATOM   408  C  C   . GLU A 1 61  ? 4.123   8.683   9.957   1.00 24.03 ? 61  GLU B C   1 
ATOM   409  O  O   . GLU A 1 61  ? 5.251   8.902   9.499   1.00 23.09 ? 61  GLU B O   1 
ATOM   410  C  CB  . GLU A 1 61  ? 3.637   9.273   12.346  1.00 25.59 ? 61  GLU B CB  1 
ATOM   411  C  CG  . GLU A 1 61  ? 5.067   9.470   12.825  1.00 30.54 ? 61  GLU B CG  1 
ATOM   412  C  CD  . GLU A 1 61  ? 5.377   8.742   14.117  1.00 28.16 ? 61  GLU B CD  1 
ATOM   413  O  OE1 . GLU A 1 61  ? 6.576   8.579   14.414  1.00 31.13 ? 61  GLU B OE1 1 
ATOM   414  O  OE2 . GLU A 1 61  ? 4.427   8.338   14.824  1.00 29.76 ? 61  GLU B OE2 1 
ATOM   415  N  N   . GLY A 1 62  ? 3.435   7.583   9.654   1.00 21.27 ? 62  GLY B N   1 
ATOM   416  C  CA  . GLY A 1 62  ? 4.009   6.566   8.788   1.00 23.47 ? 62  GLY B CA  1 
ATOM   417  C  C   . GLY A 1 62  ? 4.225   7.005   7.356   1.00 20.57 ? 62  GLY B C   1 
ATOM   418  O  O   . GLY A 1 62  ? 4.937   6.316   6.618   1.00 22.88 ? 62  GLY B O   1 
ATOM   419  N  N   . CYS A 1 63  ? 3.649   8.133   6.952   1.00 21.41 ? 63  CYS B N   1 
ATOM   420  C  CA  . CYS A 1 63  ? 3.784   8.619   5.585   1.00 25.18 ? 63  CYS B CA  1 
ATOM   421  C  C   . CYS A 1 63  ? 5.031   9.481   5.365   1.00 28.93 ? 63  CYS B C   1 
ATOM   422  O  O   . CYS A 1 63  ? 5.270   9.910   4.233   1.00 24.54 ? 63  CYS B O   1 
ATOM   423  C  CB  . CYS A 1 63  ? 2.532   9.408   5.194   1.00 18.86 ? 63  CYS B CB  1 
ATOM   424  S  SG  . CYS A 1 63  ? 0.945   8.556   5.502   1.00 21.63 ? 63  CYS B SG  1 
ATOM   425  N  N   . GLN A 1 64  ? 5.835   9.723   6.398   1.00 28.60 ? 64  GLN B N   1 
ATOM   426  C  CA  . GLN A 1 64  ? 7.005   10.585  6.263   1.00 31.76 ? 64  GLN B CA  1 
ATOM   427  C  C   . GLN A 1 64  ? 8.122   9.901   5.481   1.00 35.48 ? 64  GLN B C   1 
ATOM   428  O  O   . GLN A 1 64  ? 8.162   8.675   5.338   1.00 37.80 ? 64  GLN B O   1 
ATOM   429  C  CB  . GLN A 1 64  ? 7.538   11.000  7.633   1.00 29.69 ? 64  GLN B CB  1 
ATOM   430  C  CG  . GLN A 1 64  ? 6.586   11.881  8.389   1.00 32.36 ? 64  GLN B CG  1 
ATOM   431  C  CD  . GLN A 1 64  ? 6.898   11.952  9.865   1.00 43.32 ? 64  GLN B CD  1 
ATOM   432  O  OE1 . GLN A 1 64  ? 7.989   11.583  10.308  1.00 45.20 ? 64  GLN B OE1 1 
ATOM   433  N  NE2 . GLN A 1 64  ? 5.930   12.429  10.643  1.00 38.19 ? 64  GLN B NE2 1 
ATOM   434  N  N   . ARG A 1 65  ? 9.052   10.722  4.988   1.00 33.46 ? 65  ARG B N   1 
ATOM   435  C  CA  . ARG A 1 65  ? 10.170  10.217  4.198   1.00 39.40 ? 65  ARG B CA  1 
ATOM   436  C  C   . ARG A 1 65  ? 11.007  9.231   5.007   1.00 38.47 ? 65  ARG B C   1 
ATOM   437  O  O   . ARG A 1 65  ? 11.120  9.330   6.233   1.00 38.23 ? 65  ARG B O   1 
ATOM   438  C  CB  . ARG A 1 65  ? 11.048  11.374  3.708   1.00 41.61 ? 65  ARG B CB  1 
ATOM   439  C  CG  . ARG A 1 65  ? 11.349  12.427  4.766   1.00 39.63 ? 65  ARG B CG  1 
ATOM   440  C  CD  . ARG A 1 65  ? 12.373  13.436  4.269   1.00 43.06 ? 65  ARG B CD  1 
ATOM   441  N  NE  . ARG A 1 65  ? 12.990  14.174  5.372   1.00 45.59 ? 65  ARG B NE  1 
ATOM   442  C  CZ  . ARG A 1 65  ? 12.875  15.486  5.551   1.00 46.09 ? 65  ARG B CZ  1 
ATOM   443  N  NH1 . ARG A 1 65  ? 13.467  16.073  6.584   1.00 46.44 ? 65  ARG B NH1 1 
ATOM   444  N  NH2 . ARG A 1 65  ? 12.172  16.214  4.693   1.00 52.01 ? 65  ARG B NH2 1 
ATOM   445  N  N   . GLN A 1 66  ? 11.609  8.272   4.297   1.00 39.63 ? 66  GLN B N   1 
ATOM   446  C  CA  . GLN A 1 66  ? 12.309  7.175   4.961   1.00 42.87 ? 66  GLN B CA  1 
ATOM   447  C  C   . GLN A 1 66  ? 13.483  7.661   5.801   1.00 45.35 ? 66  GLN B C   1 
ATOM   448  O  O   . GLN A 1 66  ? 13.791  7.064   6.839   1.00 45.64 ? 66  GLN B O   1 
ATOM   449  C  CB  . GLN A 1 66  ? 12.793  6.157   3.930   1.00 40.05 ? 66  GLN B CB  1 
ATOM   450  C  CG  . GLN A 1 66  ? 13.340  4.885   4.546   1.00 42.37 ? 66  GLN B CG  1 
ATOM   451  C  CD  . GLN A 1 66  ? 12.260  4.059   5.211   1.00 43.26 ? 66  GLN B CD  1 
ATOM   452  O  OE1 . GLN A 1 66  ? 11.121  4.016   4.743   1.00 44.06 ? 66  GLN B OE1 1 
ATOM   453  N  NE2 . GLN A 1 66  ? 12.610  3.395   6.310   1.00 40.49 ? 66  GLN B NE2 1 
ATOM   454  N  N   . SER A 1 67  ? 14.154  8.730   5.371   1.00 41.92 ? 67  SER B N   1 
ATOM   455  C  CA  . SER A 1 67  ? 15.251  9.276   6.161   1.00 47.35 ? 67  SER B CA  1 
ATOM   456  C  C   . SER A 1 67  ? 14.785  9.830   7.502   1.00 45.94 ? 67  SER B C   1 
ATOM   457  O  O   . SER A 1 67  ? 15.627  10.116  8.362   1.00 46.58 ? 67  SER B O   1 
ATOM   458  C  CB  . SER A 1 67  ? 15.977  10.359  5.360   1.00 41.49 ? 67  SER B CB  1 
ATOM   459  O  OG  . SER A 1 67  ? 15.074  11.358  4.914   1.00 43.22 ? 67  SER B OG  1 
ATOM   460  N  N   . LEU A 1 68  ? 13.473  9.980   7.699   1.00 47.47 ? 68  LEU B N   1 
ATOM   461  C  CA  . LEU A 1 68  ? 12.893  10.406  8.968   1.00 49.56 ? 68  LEU B CA  1 
ATOM   462  C  C   . LEU A 1 68  ? 12.222  9.273   9.727   1.00 50.54 ? 68  LEU B C   1 
ATOM   463  O  O   . LEU A 1 68  ? 11.701  9.508   10.825  1.00 49.17 ? 68  LEU B O   1 
ATOM   464  C  CB  . LEU A 1 68  ? 11.865  11.520  8.743   1.00 46.89 ? 68  LEU B CB  1 
ATOM   465  C  CG  . LEU A 1 68  ? 12.393  12.944  8.590   1.00 51.53 ? 68  LEU B CG  1 
ATOM   466  C  CD1 . LEU A 1 68  ? 11.235  13.934  8.495   1.00 44.33 ? 68  LEU B CD1 1 
ATOM   467  C  CD2 . LEU A 1 68  ? 13.332  13.292  9.747   1.00 50.06 ? 68  LEU B CD2 1 
ATOM   468  N  N   . ILE A 1 69  ? 12.191  8.066   9.174   1.00 47.38 ? 69  ILE B N   1 
ATOM   469  C  CA  . ILE A 1 69  ? 11.523  6.943   9.820   1.00 50.16 ? 69  ILE B CA  1 
ATOM   470  C  C   . ILE A 1 69  ? 12.528  6.241   10.720  1.00 48.29 ? 69  ILE B C   1 
ATOM   471  O  O   . ILE A 1 69  ? 13.597  5.823   10.260  1.00 48.00 ? 69  ILE B O   1 
ATOM   472  C  CB  . ILE A 1 69  ? 10.923  5.969   8.794   1.00 44.06 ? 69  ILE B CB  1 
ATOM   473  C  CG1 . ILE A 1 69  ? 9.856   6.674   7.951   1.00 44.60 ? 69  ILE B CG1 1 
ATOM   474  C  CG2 . ILE A 1 69  ? 10.309  4.769   9.503   1.00 41.31 ? 69  ILE B CG2 1 
ATOM   475  C  CD1 . ILE A 1 69  ? 8.562   6.943   8.697   1.00 40.95 ? 69  ILE B CD1 1 
ATOM   476  N  N   . SER A 1 70  ? 12.183  6.134   12.007  1.00 50.23 ? 70  SER B N   1 
ATOM   477  C  CA  . SER A 1 70  ? 12.998  5.393   12.957  1.00 48.20 ? 70  SER B CA  1 
ATOM   478  C  C   . SER A 1 70  ? 13.332  4.015   12.408  1.00 49.58 ? 70  SER B C   1 
ATOM   479  O  O   . SER A 1 70  ? 14.502  3.643   12.257  1.00 45.96 ? 70  SER B O   1 
ATOM   480  C  CB  . SER A 1 70  ? 12.240  5.285   14.283  1.00 51.82 ? 70  SER B CB  1 
ATOM   481  O  OG  . SER A 1 70  ? 10.857  5.068   14.048  1.00 44.51 ? 70  SER B OG  1 
ATOM   482  N  N   . SER A 1 71  ? 12.292  3.248   12.109  1.00 45.10 ? 71  SER B N   1 
ATOM   483  C  CA  . SER A 1 71  ? 12.343  1.914   11.539  1.00 38.19 ? 71  SER B CA  1 
ATOM   484  C  C   . SER A 1 71  ? 10.918  1.556   11.159  1.00 36.06 ? 71  SER B C   1 
ATOM   485  O  O   . SER A 1 71  ? 9.987   1.827   11.926  1.00 37.08 ? 71  SER B O   1 
ATOM   486  C  CB  . SER A 1 71  ? 12.906  0.900   12.544  1.00 36.76 ? 71  SER B CB  1 
ATOM   487  O  OG  . SER A 1 71  ? 12.676  -0.441  12.134  1.00 44.12 ? 71  SER B OG  1 
ATOM   488  N  N   . ASP A 1 72  ? 10.742  0.990   9.965   1.00 31.55 ? 72  ASP B N   1 
ATOM   489  C  CA  . ASP A 1 72  ? 9.419   0.505   9.589   1.00 31.44 ? 72  ASP B CA  1 
ATOM   490  C  C   . ASP A 1 72  ? 8.871   -0.463  10.628  1.00 23.46 ? 72  ASP B C   1 
ATOM   491  O  O   . ASP A 1 72  ? 7.654   -0.594  10.763  1.00 26.30 ? 72  ASP B O   1 
ATOM   492  C  CB  . ASP A 1 72  ? 9.469   -0.175  8.215   1.00 31.79 ? 72  ASP B CB  1 
ATOM   493  C  CG  . ASP A 1 72  ? 9.667   0.807   7.077   1.00 35.62 ? 72  ASP B CG  1 
ATOM   494  O  OD1 . ASP A 1 72  ? 9.726   2.030   7.326   1.00 39.39 ? 72  ASP B OD1 1 
ATOM   495  O  OD2 . ASP A 1 72  ? 9.773   0.349   5.923   1.00 35.53 ? 72  ASP B OD2 1 
ATOM   496  N  N   . SER A 1 73  ? 9.752   -1.140  11.378  1.00 27.36 ? 73  SER B N   1 
ATOM   497  C  CA  . SER A 1 73  ? 9.328   -2.156  12.335  1.00 26.02 ? 73  SER B CA  1 
ATOM   498  C  C   . SER A 1 73  ? 8.597   -1.584  13.543  1.00 25.35 ? 73  SER B C   1 
ATOM   499  O  O   . SER A 1 73  ? 7.919   -2.338  14.246  1.00 27.93 ? 73  SER B O   1 
ATOM   500  C  CB  . SER A 1 73  ? 10.531  -2.957  12.827  1.00 34.00 ? 73  SER B CB  1 
ATOM   501  O  OG  . SER A 1 73  ? 11.355  -3.355  11.748  1.00 42.76 ? 73  SER B OG  1 
ATOM   502  N  N   . ASP A 1 74  ? 8.737   -0.287  13.824  1.00 30.43 ? 74  ASP B N   1 
ATOM   503  C  CA  . ASP A 1 74  ? 8.018   0.298   14.950  1.00 28.34 ? 74  ASP B CA  1 
ATOM   504  C  C   . ASP A 1 74  ? 6.546   0.523   14.644  1.00 28.20 ? 74  ASP B C   1 
ATOM   505  O  O   . ASP A 1 74  ? 5.754   0.686   15.580  1.00 22.29 ? 74  ASP B O   1 
ATOM   506  C  CB  . ASP A 1 74  ? 8.641   1.638   15.364  1.00 33.57 ? 74  ASP B CB  1 
ATOM   507  C  CG  . ASP A 1 74  ? 10.085  1.503   15.844  1.00 43.86 ? 74  ASP B CG  1 
ATOM   508  O  OD1 . ASP A 1 74  ? 10.449  0.452   16.421  1.00 41.29 ? 74  ASP B OD1 1 
ATOM   509  O  OD2 . ASP A 1 74  ? 10.855  2.467   15.644  1.00 43.47 ? 74  ASP B OD2 1 
ATOM   510  N  N   . PHE A 1 75  ? 6.161   0.530   13.360  1.00 22.60 ? 75  PHE B N   1 
ATOM   511  C  CA  . PHE A 1 75  ? 4.803   0.888   12.948  1.00 20.29 ? 75  PHE B CA  1 
ATOM   512  C  C   . PHE A 1 75  ? 3.942   -0.373  12.936  1.00 22.83 ? 75  PHE B C   1 
ATOM   513  O  O   . PHE A 1 75  ? 3.587   -0.922  11.893  1.00 17.28 ? 75  PHE B O   1 
ATOM   514  C  CB  . PHE A 1 75  ? 4.823   1.585   11.588  1.00 18.62 ? 75  PHE B CB  1 
ATOM   515  C  CG  . PHE A 1 75  ? 5.433   2.950   11.627  1.00 20.01 ? 75  PHE B CG  1 
ATOM   516  C  CD1 . PHE A 1 75  ? 6.804   3.111   11.550  1.00 23.70 ? 75  PHE B CD1 1 
ATOM   517  C  CD2 . PHE A 1 75  ? 4.636   4.078   11.771  1.00 20.44 ? 75  PHE B CD2 1 
ATOM   518  C  CE1 . PHE A 1 75  ? 7.368   4.375   11.604  1.00 30.67 ? 75  PHE B CE1 1 
ATOM   519  C  CE2 . PHE A 1 75  ? 5.198   5.346   11.829  1.00 21.57 ? 75  PHE B CE2 1 
ATOM   520  C  CZ  . PHE A 1 75  ? 6.562   5.495   11.742  1.00 25.03 ? 75  PHE B CZ  1 
ATOM   521  N  N   . THR A 1 76  ? 3.567   -0.817  14.140  1.00 18.90 ? 76  THR B N   1 
ATOM   522  C  CA  . THR A 1 76  ? 2.923   -2.106  14.318  1.00 16.05 ? 76  THR B CA  1 
ATOM   523  C  C   . THR A 1 76  ? 1.440   -2.031  14.631  1.00 17.95 ? 76  THR B C   1 
ATOM   524  O  O   . THR A 1 76  ? 0.743   -3.024  14.416  1.00 21.68 ? 76  THR B O   1 
ATOM   525  C  CB  . THR A 1 76  ? 3.608   -2.879  15.454  1.00 22.26 ? 76  THR B CB  1 
ATOM   526  O  OG1 . THR A 1 76  ? 3.682   -2.031  16.607  1.00 23.17 ? 76  THR B OG1 1 
ATOM   527  C  CG2 . THR A 1 76  ? 5.004   -3.265  15.048  1.00 22.94 ? 76  THR B CG2 1 
ATOM   528  N  N   . GLU A 1 77  ? 0.946   -0.896  15.134  1.00 15.89 ? 77  GLU B N   1 
ATOM   529  C  CA  . GLU A 1 77  ? -0.417  -0.781  15.649  1.00 19.44 ? 77  GLU B CA  1 
ATOM   530  C  C   . GLU A 1 77  ? -1.396  -0.441  14.528  1.00 16.74 ? 77  GLU B C   1 
ATOM   531  O  O   . GLU A 1 77  ? -1.396  0.688   14.030  1.00 18.66 ? 77  GLU B O   1 
ATOM   532  C  CB  . GLU A 1 77  ? -0.498  0.315   16.708  1.00 24.26 ? 77  GLU B CB  1 
ATOM   533  C  CG  . GLU A 1 77  ? 0.046   -0.014  18.076  1.00 33.48 ? 77  GLU B CG  1 
ATOM   534  C  CD  . GLU A 1 77  ? -0.834  -1.002  18.808  1.00 38.38 ? 77  GLU B CD  1 
ATOM   535  O  OE1 . GLU A 1 77  ? -1.894  -0.597  19.358  1.00 33.21 ? 77  GLU B OE1 1 
ATOM   536  O  OE2 . GLU A 1 77  ? -0.463  -2.191  18.814  1.00 37.76 ? 77  GLU B OE2 1 
ATOM   537  N  N   . VAL A 1 78  ? -2.272  -1.383  14.179  1.00 16.91 ? 78  VAL B N   1 
ATOM   538  C  CA  . VAL A 1 78  ? -3.426  -1.059  13.344  1.00 17.07 ? 78  VAL B CA  1 
ATOM   539  C  C   . VAL A 1 78  ? -4.357  -0.147  14.127  1.00 24.29 ? 78  VAL B C   1 
ATOM   540  O  O   . VAL A 1 78  ? -4.679  -0.424  15.290  1.00 20.69 ? 78  VAL B O   1 
ATOM   541  C  CB  . VAL A 1 78  ? -4.156  -2.338  12.913  1.00 17.16 ? 78  VAL B CB  1 
ATOM   542  C  CG1 . VAL A 1 78  ? -5.384  -1.998  12.094  1.00 18.74 ? 78  VAL B CG1 1 
ATOM   543  C  CG2 . VAL A 1 78  ? -3.222  -3.249  12.136  1.00 20.80 ? 78  VAL B CG2 1 
ATOM   544  N  N   . HIS A 1 79  ? -4.787  0.948   13.501  1.00 19.71 ? 79  HIS B N   1 
ATOM   545  C  CA  . HIS A 1 79  ? -5.712  1.872   14.148  1.00 22.10 ? 79  HIS B CA  1 
ATOM   546  C  C   . HIS A 1 79  ? -6.917  1.134   14.707  1.00 23.25 ? 79  HIS B C   1 
ATOM   547  O  O   . HIS A 1 79  ? -7.539  0.326   14.014  1.00 21.03 ? 79  HIS B O   1 
ATOM   548  C  CB  . HIS A 1 79  ? -6.196  2.928   13.154  1.00 22.64 ? 79  HIS B CB  1 
ATOM   549  C  CG  . HIS A 1 79  ? -5.093  3.716   12.527  1.00 24.17 ? 79  HIS B CG  1 
ATOM   550  N  ND1 . HIS A 1 79  ? -4.088  4.307   13.261  1.00 25.20 ? 79  HIS B ND1 1 
ATOM   551  C  CD2 . HIS A 1 79  ? -4.834  4.007   11.233  1.00 22.75 ? 79  HIS B CD2 1 
ATOM   552  C  CE1 . HIS A 1 79  ? -3.259  4.935   12.444  1.00 23.94 ? 79  HIS B CE1 1 
ATOM   553  N  NE2 . HIS A 1 79  ? -3.693  4.774   11.209  1.00 19.92 ? 79  HIS B NE2 1 
ATOM   554  N  N   . GLY A 1 80  ? -7.265  1.443   15.960  1.00 23.11 ? 80  GLY B N   1 
ATOM   555  C  CA  . GLY A 1 80  ? -8.433  0.822   16.567  1.00 24.33 ? 80  GLY B CA  1 
ATOM   556  C  C   . GLY A 1 80  ? -9.719  1.047   15.792  1.00 20.41 ? 80  GLY B C   1 
ATOM   557  O  O   . GLY A 1 80  ? -10.585 0.174   15.748  1.00 27.01 ? 80  GLY B O   1 
ATOM   558  N  N   . GLU A 1 81  ? -9.866  2.206   15.162  1.00 26.67 ? 81  GLU B N   1 
ATOM   559  C  CA  . GLU A 1 81  ? -11.139 2.434   14.481  1.00 29.07 ? 81  GLU B CA  1 
ATOM   560  C  C   . GLU A 1 81  ? -11.311 1.586   13.222  1.00 30.90 ? 81  GLU B C   1 
ATOM   561  O  O   . GLU A 1 81  ? -12.389 1.629   12.618  1.00 28.43 ? 81  GLU B O   1 
ATOM   562  C  CB  . GLU A 1 81  ? -11.306 3.923   14.157  1.00 32.05 ? 81  GLU B CB  1 
ATOM   563  C  CG  . GLU A 1 81  ? -10.633 4.390   12.898  1.00 31.75 ? 81  GLU B CG  1 
ATOM   564  C  CD  . GLU A 1 81  ? -11.289 5.629   12.305  1.00 37.85 ? 81  GLU B CD  1 
ATOM   565  O  OE1 . GLU A 1 81  ? -11.411 6.644   13.028  1.00 41.16 ? 81  GLU B OE1 1 
ATOM   566  O  OE2 . GLU A 1 81  ? -11.680 5.589   11.114  1.00 39.21 ? 81  GLU B OE2 1 
ATOM   567  N  N   . LEU A 1 82  ? -10.310 0.799   12.822  1.00 21.88 ? 82  LEU B N   1 
ATOM   568  C  CA  . LEU A 1 82  ? -10.465 -0.093  11.678  1.00 25.51 ? 82  LEU B CA  1 
ATOM   569  C  C   . LEU A 1 82  ? -11.015 -1.464  12.038  1.00 27.49 ? 82  LEU B C   1 
ATOM   570  O  O   . LEU A 1 82  ? -11.437 -2.195  11.133  1.00 26.06 ? 82  LEU B O   1 
ATOM   571  C  CB  . LEU A 1 82  ? -9.121  -0.307  10.972  1.00 18.57 ? 82  LEU B CB  1 
ATOM   572  C  CG  . LEU A 1 82  ? -8.481  0.904   10.322  1.00 22.01 ? 82  LEU B CG  1 
ATOM   573  C  CD1 . LEU A 1 82  ? -7.211  0.467   9.582   1.00 17.70 ? 82  LEU B CD1 1 
ATOM   574  C  CD2 . LEU A 1 82  ? -9.460  1.598   9.400   1.00 20.28 ? 82  LEU B CD2 1 
ATOM   575  N  N   . ARG A 1 83  ? -11.004 -1.842  13.322  1.00 30.14 ? 83  ARG B N   1 
ATOM   576  C  CA  . ARG A 1 83  ? -11.126 -3.259  13.671  1.00 34.02 ? 83  ARG B CA  1 
ATOM   577  C  C   . ARG A 1 83  ? -12.493 -3.828  13.314  1.00 35.61 ? 83  ARG B C   1 
ATOM   578  O  O   . ARG A 1 83  ? -12.589 -4.996  12.920  1.00 41.37 ? 83  ARG B O   1 
ATOM   579  C  CB  . ARG A 1 83  ? -10.827 -3.471  15.157  1.00 40.63 ? 83  ARG B CB  1 
ATOM   580  C  CG  . ARG A 1 83  ? -11.622 -2.589  16.101  1.00 43.73 ? 83  ARG B CG  1 
ATOM   581  C  CD  . ARG A 1 83  ? -11.198 -2.807  17.557  1.00 42.41 ? 83  ARG B CD  1 
ATOM   582  N  NE  . ARG A 1 83  ? -11.773 -4.039  18.088  1.00 43.86 ? 83  ARG B NE  1 
ATOM   583  C  CZ  . ARG A 1 83  ? -13.043 -4.156  18.468  1.00 47.25 ? 83  ARG B CZ  1 
ATOM   584  N  NH1 . ARG A 1 83  ? -13.864 -3.116  18.379  1.00 40.12 ? 83  ARG B NH1 1 
ATOM   585  N  NH2 . ARG A 1 83  ? -13.493 -5.314  18.933  1.00 49.17 ? 83  ARG B NH2 1 
ATOM   586  N  N   . ASP A 1 84  ? -13.551 -3.027  13.423  1.00 36.23 ? 84  ASP B N   1 
ATOM   587  C  CA  . ASP A 1 84  ? -14.894 -3.449  13.051  1.00 39.06 ? 84  ASP B CA  1 
ATOM   588  C  C   . ASP A 1 84  ? -15.312 -2.909  11.685  1.00 42.43 ? 84  ASP B C   1 
ATOM   589  O  O   . ASP A 1 84  ? -16.493 -2.608  11.466  1.00 42.12 ? 84  ASP B O   1 
ATOM   590  C  CB  . ASP A 1 84  ? -15.890 -3.031  14.132  1.00 39.34 ? 84  ASP B CB  1 
ATOM   591  C  CG  . ASP A 1 84  ? -15.530 -3.596  15.496  1.00 45.41 ? 84  ASP B CG  1 
ATOM   592  O  OD1 . ASP A 1 84  ? -14.746 -4.575  15.540  1.00 45.79 ? 84  ASP B OD1 1 
ATOM   593  O  OD2 . ASP A 1 84  ? -16.015 -3.064  16.518  1.00 38.71 ? 84  ASP B OD2 1 
ATOM   594  N  N   . THR A 1 85  ? -14.357 -2.772  10.766  1.00 34.87 ? 85  THR B N   1 
ATOM   595  C  CA  . THR A 1 85  ? -14.620 -2.445  9.372   1.00 29.62 ? 85  THR B CA  1 
ATOM   596  C  C   . THR A 1 85  ? -14.098 -3.572  8.491   1.00 27.70 ? 85  THR B C   1 
ATOM   597  O  O   . THR A 1 85  ? -13.385 -4.468  8.948   1.00 24.69 ? 85  THR B O   1 
ATOM   598  C  CB  . THR A 1 85  ? -13.961 -1.122  8.966   1.00 30.75 ? 85  THR B CB  1 
ATOM   599  O  OG1 . THR A 1 85  ? -12.544 -1.318  8.831   1.00 28.38 ? 85  THR B OG1 1 
ATOM   600  C  CG2 . THR A 1 85  ? -14.229 -0.052  10.009  1.00 31.41 ? 85  THR B CG2 1 
ATOM   601  N  N   . TYR A 1 86  ? -14.444 -3.509  7.204   1.00 28.47 ? 86  TYR B N   1 
ATOM   602  C  CA  . TYR A 1 86  ? -13.909 -4.497  6.273   1.00 23.46 ? 86  TYR B CA  1 
ATOM   603  C  C   . TYR A 1 86  ? -12.384 -4.429  6.200   1.00 23.20 ? 86  TYR B C   1 
ATOM   604  O  O   . TYR A 1 86  ? -11.727 -5.453  6.000   1.00 22.15 ? 86  TYR B O   1 
ATOM   605  C  CB  . TYR A 1 86  ? -14.536 -4.312  4.893   1.00 22.66 ? 86  TYR B CB  1 
ATOM   606  C  CG  . TYR A 1 86  ? -14.410 -5.529  3.995   1.00 29.62 ? 86  TYR B CG  1 
ATOM   607  C  CD1 . TYR A 1 86  ? -14.812 -6.789  4.434   1.00 30.38 ? 86  TYR B CD1 1 
ATOM   608  C  CD2 . TYR A 1 86  ? -13.890 -5.418  2.709   1.00 27.49 ? 86  TYR B CD2 1 
ATOM   609  C  CE1 . TYR A 1 86  ? -14.693 -7.904  3.615   1.00 28.34 ? 86  TYR B CE1 1 
ATOM   610  C  CE2 . TYR A 1 86  ? -13.771 -6.519  1.884   1.00 22.56 ? 86  TYR B CE2 1 
ATOM   611  C  CZ  . TYR A 1 86  ? -14.170 -7.759  2.339   1.00 26.46 ? 86  TYR B CZ  1 
ATOM   612  O  OH  . TYR A 1 86  ? -14.058 -8.853  1.514   1.00 24.67 ? 86  TYR B OH  1 
ATOM   613  N  N   . LEU A 1 87  ? -11.797 -3.249  6.397   1.00 21.30 ? 87  LEU B N   1 
ATOM   614  C  CA  . LEU A 1 87  ? -10.335 -3.158  6.405   1.00 21.20 ? 87  LEU B CA  1 
ATOM   615  C  C   . LEU A 1 87  ? -9.727  -3.961  7.548   1.00 23.80 ? 87  LEU B C   1 
ATOM   616  O  O   . LEU A 1 87  ? -8.688  -4.610  7.376   1.00 21.39 ? 87  LEU B O   1 
ATOM   617  C  CB  . LEU A 1 87  ? -9.900  -1.699  6.479   1.00 19.33 ? 87  LEU B CB  1 
ATOM   618  C  CG  . LEU A 1 87  ? -10.178 -0.935  5.190   1.00 22.55 ? 87  LEU B CG  1 
ATOM   619  C  CD1 . LEU A 1 87  ? -9.858  0.530   5.376   1.00 26.18 ? 87  LEU B CD1 1 
ATOM   620  C  CD2 . LEU A 1 87  ? -9.359  -1.518  4.038   1.00 22.85 ? 87  LEU B CD2 1 
ATOM   621  N  N   . GLY A 1 88  ? -10.351 -3.936  8.725   1.00 25.54 ? 88  GLY B N   1 
ATOM   622  C  CA  . GLY A 1 88  ? -9.879  -4.787  9.805   1.00 24.95 ? 88  GLY B CA  1 
ATOM   623  C  C   . GLY A 1 88  ? -9.920  -6.257  9.436   1.00 25.69 ? 88  GLY B C   1 
ATOM   624  O  O   . GLY A 1 88  ? -9.042  -7.034  9.828   1.00 27.92 ? 88  GLY B O   1 
ATOM   625  N  N   . GLU A 1 89  ? -10.929 -6.660  8.662   1.00 24.50 ? 89  GLU B N   1 
ATOM   626  C  CA  . GLU A 1 89  ? -10.984 -8.051  8.226   1.00 28.35 ? 89  GLU B CA  1 
ATOM   627  C  C   . GLU A 1 89  ? -9.834  -8.375  7.281   1.00 28.14 ? 89  GLU B C   1 
ATOM   628  O  O   . GLU A 1 89  ? -9.256  -9.466  7.352   1.00 28.61 ? 89  GLU B O   1 
ATOM   629  C  CB  . GLU A 1 89  ? -12.319 -8.354  7.554   1.00 29.72 ? 89  GLU B CB  1 
ATOM   630  C  CG  . GLU A 1 89  ? -12.418 -9.786  7.045   1.00 34.51 ? 89  GLU B CG  1 
ATOM   631  C  CD  . GLU A 1 89  ? -12.156 -10.832 8.132   1.00 42.50 ? 89  GLU B CD  1 
ATOM   632  O  OE1 . GLU A 1 89  ? -11.643 -11.927 7.806   1.00 42.98 ? 89  GLU B OE1 1 
ATOM   633  O  OE2 . GLU A 1 89  ? -12.474 -10.571 9.313   1.00 43.59 ? 89  GLU B OE2 1 
ATOM   634  N  N   . VAL A 1 90  ? -9.499  -7.442  6.381   1.00 21.26 ? 90  VAL B N   1 
ATOM   635  C  CA  . VAL A 1 90  ? -8.328  -7.624  5.525   1.00 21.60 ? 90  VAL B CA  1 
ATOM   636  C  C   . VAL A 1 90  ? -7.094  -7.900  6.377   1.00 17.95 ? 90  VAL B C   1 
ATOM   637  O  O   . VAL A 1 90  ? -6.344  -8.852  6.135   1.00 21.05 ? 90  VAL B O   1 
ATOM   638  C  CB  . VAL A 1 90  ? -8.132  -6.393  4.615   1.00 19.18 ? 90  VAL B CB  1 
ATOM   639  C  CG1 . VAL A 1 90  ? -6.795  -6.481  3.913   1.00 20.50 ? 90  VAL B CG1 1 
ATOM   640  C  CG2 . VAL A 1 90  ? -9.268  -6.293  3.593   1.00 15.76 ? 90  VAL B CG2 1 
ATOM   641  N  N   . PHE A 1 91  ? -6.871  -7.081  7.404   1.00 18.71 ? 91  PHE B N   1 
ATOM   642  C  CA  . PHE A 1 91  ? -5.714  -7.311  8.265   1.00 21.44 ? 91  PHE B CA  1 
ATOM   643  C  C   . PHE A 1 91  ? -5.766  -8.700  8.897   1.00 21.45 ? 91  PHE B C   1 
ATOM   644  O  O   . PHE A 1 91  ? -4.735  -9.369  9.022   1.00 22.51 ? 91  PHE B O   1 
ATOM   645  C  CB  . PHE A 1 91  ? -5.624  -6.223  9.338   1.00 20.00 ? 91  PHE B CB  1 
ATOM   646  C  CG  . PHE A 1 91  ? -4.981  -4.945  8.858   1.00 18.72 ? 91  PHE B CG  1 
ATOM   647  C  CD1 . PHE A 1 91  ? -3.618  -4.871  8.667   1.00 18.72 ? 91  PHE B CD1 1 
ATOM   648  C  CD2 . PHE A 1 91  ? -5.750  -3.823  8.596   1.00 19.42 ? 91  PHE B CD2 1 
ATOM   649  C  CE1 . PHE A 1 91  ? -3.019  -3.698  8.226   1.00 17.22 ? 91  PHE B CE1 1 
ATOM   650  C  CE2 . PHE A 1 91  ? -5.167  -2.647  8.160   1.00 18.47 ? 91  PHE B CE2 1 
ATOM   651  C  CZ  . PHE A 1 91  ? -3.804  -2.583  7.963   1.00 16.27 ? 91  PHE B CZ  1 
ATOM   652  N  N   . ASP A 1 92  ? -6.958  -9.171  9.261   1.00 22.73 ? 92  ASP B N   1 
ATOM   653  C  CA  . ASP A 1 92  ? -7.059  -10.487 9.897   1.00 31.66 ? 92  ASP B CA  1 
ATOM   654  C  C   . ASP A 1 92  ? -6.656  -11.620 8.959   1.00 31.87 ? 92  ASP B C   1 
ATOM   655  O  O   . ASP A 1 92  ? -6.214  -12.678 9.425   1.00 32.26 ? 92  ASP B O   1 
ATOM   656  C  CB  . ASP A 1 92  ? -8.479  -10.718 10.409  1.00 34.23 ? 92  ASP B CB  1 
ATOM   657  C  CG  . ASP A 1 92  ? -8.830  -9.798  11.554  1.00 40.60 ? 92  ASP B CG  1 
ATOM   658  O  OD1 . ASP A 1 92  ? -7.902  -9.423  12.305  1.00 40.70 ? 92  ASP B OD1 1 
ATOM   659  O  OD2 . ASP A 1 92  ? -10.020 -9.440  11.693  1.00 46.12 ? 92  ASP B OD2 1 
ATOM   660  N  N   . ARG A 1 93  ? -6.792  -11.426 7.650   1.00 26.65 ? 93  ARG B N   1 
ATOM   661  C  CA  . ARG A 1 93  ? -6.533  -12.486 6.686   1.00 24.34 ? 93  ARG B CA  1 
ATOM   662  C  C   . ARG A 1 93  ? -5.086  -12.556 6.231   1.00 28.08 ? 93  ARG B C   1 
ATOM   663  O  O   . ARG A 1 93  ? -4.731  -13.498 5.514   1.00 24.76 ? 93  ARG B O   1 
ATOM   664  C  CB  . ARG A 1 93  ? -7.427  -12.305 5.457   1.00 27.12 ? 93  ARG B CB  1 
ATOM   665  C  CG  . ARG A 1 93  ? -8.900  -12.279 5.775   1.00 28.55 ? 93  ARG B CG  1 
ATOM   666  C  CD  . ARG A 1 93  ? -9.731  -12.711 4.579   1.00 32.40 ? 93  ARG B CD  1 
ATOM   667  N  NE  . ARG A 1 93  ? -11.134 -12.368 4.766   1.00 33.94 ? 93  ARG B NE  1 
ATOM   668  C  CZ  . ARG A 1 93  ? -12.050 -12.435 3.808   1.00 37.96 ? 93  ARG B CZ  1 
ATOM   669  N  NH1 . ARG A 1 93  ? -13.306 -12.089 4.060   1.00 43.55 ? 93  ARG B NH1 1 
ATOM   670  N  NH2 . ARG A 1 93  ? -11.707 -12.839 2.594   1.00 31.77 ? 93  ARG B NH2 1 
ATOM   671  N  N   . LEU A 1 94  ? -4.256  -11.583 6.614   1.00 24.20 ? 94  LEU B N   1 
ATOM   672  C  CA  . LEU A 1 94  ? -2.888  -11.522 6.121   1.00 26.28 ? 94  LEU B CA  1 
ATOM   673  C  C   . LEU A 1 94  ? -2.080  -12.707 6.626   1.00 25.99 ? 94  LEU B C   1 
ATOM   674  O  O   . LEU A 1 94  ? -2.074  -12.980 7.834   1.00 28.10 ? 94  LEU B O   1 
ATOM   675  C  CB  . LEU A 1 94  ? -2.198  -10.239 6.561   1.00 23.44 ? 94  LEU B CB  1 
ATOM   676  C  CG  . LEU A 1 94  ? -2.714  -8.907  6.041   1.00 18.06 ? 94  LEU B CG  1 
ATOM   677  C  CD1 . LEU A 1 94  ? -1.790  -7.819  6.573   1.00 17.01 ? 94  LEU B CD1 1 
ATOM   678  C  CD2 . LEU A 1 94  ? -2.763  -8.869  4.510   1.00 16.94 ? 94  LEU B CD2 1 
ATOM   679  N  N   . PRO A 1 95  ? -1.355  -13.401 5.750   1.00 27.59 ? 95  PRO B N   1 
ATOM   680  C  CA  . PRO A 1 95  ? -0.501  -14.516 6.177   1.00 29.09 ? 95  PRO B CA  1 
ATOM   681  C  C   . PRO A 1 95  ? 0.782   -14.102 6.876   1.00 33.24 ? 95  PRO B C   1 
ATOM   682  O  O   . PRO A 1 95  ? 1.556   -14.983 7.261   1.00 28.47 ? 95  PRO B O   1 
ATOM   683  C  CB  . PRO A 1 95  ? -0.178  -15.209 4.851   1.00 29.34 ? 95  PRO B CB  1 
ATOM   684  C  CG  . PRO A 1 95  ? -0.189  -14.075 3.851   1.00 26.30 ? 95  PRO B CG  1 
ATOM   685  C  CD  . PRO A 1 95  ? -1.327  -13.197 4.289   1.00 24.87 ? 95  PRO B CD  1 
ATOM   686  N  N   . PHE A 1 96  ? 1.045   -12.806 7.041   1.00 28.31 ? 96  PHE B N   1 
ATOM   687  C  CA  . PHE A 1 96  ? 2.287   -12.321 7.622   1.00 23.34 ? 96  PHE B CA  1 
ATOM   688  C  C   . PHE A 1 96  ? 1.959   -11.196 8.593   1.00 22.65 ? 96  PHE B C   1 
ATOM   689  O  O   . PHE A 1 96  ? 0.825   -10.716 8.663   1.00 22.33 ? 96  PHE B O   1 
ATOM   690  C  CB  . PHE A 1 96  ? 3.247   -11.813 6.543   1.00 24.25 ? 96  PHE B CB  1 
ATOM   691  C  CG  . PHE A 1 96  ? 2.705   -10.644 5.796   1.00 23.52 ? 96  PHE B CG  1 
ATOM   692  C  CD1 . PHE A 1 96  ? 1.821   -10.835 4.750   1.00 22.14 ? 96  PHE B CD1 1 
ATOM   693  C  CD2 . PHE A 1 96  ? 3.030   -9.351  6.173   1.00 24.22 ? 96  PHE B CD2 1 
ATOM   694  C  CE1 . PHE A 1 96  ? 1.290   -9.769  4.071   1.00 18.15 ? 96  PHE B CE1 1 
ATOM   695  C  CE2 . PHE A 1 96  ? 2.492   -8.274  5.492   1.00 21.45 ? 96  PHE B CE2 1 
ATOM   696  C  CZ  . PHE A 1 96  ? 1.620   -8.490  4.445   1.00 20.59 ? 96  PHE B CZ  1 
ATOM   697  N  N   . LYS A 1 97  ? 2.982   -10.757 9.324   1.00 22.17 ? 97  LYS B N   1 
ATOM   698  C  CA  . LYS A 1 97  ? 2.843   -9.668  10.283  1.00 23.32 ? 97  LYS B CA  1 
ATOM   699  C  C   . LYS A 1 97  ? 3.151   -8.352  9.580   1.00 21.13 ? 97  LYS B C   1 
ATOM   700  O  O   . LYS A 1 97  ? 4.322   -8.099  9.259   1.00 18.89 ? 97  LYS B O   1 
ATOM   701  C  CB  . LYS A 1 97  ? 3.799   -9.883  11.449  1.00 30.49 ? 97  LYS B CB  1 
ATOM   702  C  CG  . LYS A 1 97  ? 3.288   -9.493  12.820  1.00 36.80 ? 97  LYS B CG  1 
ATOM   703  C  CD  . LYS A 1 97  ? 4.135   -10.205 13.888  1.00 39.29 ? 97  LYS B CD  1 
ATOM   704  C  CE  . LYS A 1 97  ? 4.036   -9.529  15.246  1.00 47.32 ? 97  LYS B CE  1 
ATOM   705  N  NZ  . LYS A 1 97  ? 5.321   -9.634  16.000  1.00 53.01 ? 97  LYS B NZ  1 
ATOM   706  N  N   . PRO A 1 98  ? 2.166   -7.487  9.336   1.00 19.18 ? 98  PRO B N   1 
ATOM   707  C  CA  . PRO A 1 98  ? 2.432   -6.263  8.575   1.00 15.46 ? 98  PRO B CA  1 
ATOM   708  C  C   . PRO A 1 98  ? 3.041   -5.167  9.439   1.00 20.02 ? 98  PRO B C   1 
ATOM   709  O  O   . PRO A 1 98  ? 2.788   -5.061  10.643  1.00 17.62 ? 98  PRO B O   1 
ATOM   710  C  CB  . PRO A 1 98  ? 1.040   -5.856  8.085   1.00 20.00 ? 98  PRO B CB  1 
ATOM   711  C  CG  . PRO A 1 98  ? 0.129   -6.317  9.164   1.00 19.26 ? 98  PRO B CG  1 
ATOM   712  C  CD  . PRO A 1 98  ? 0.742   -7.601  9.707   1.00 19.76 ? 98  PRO B CD  1 
ATOM   713  N  N   . ILE A 1 99  ? 3.857   -4.337  8.800   1.00 14.75 ? 99  ILE B N   1 
ATOM   714  C  CA  . ILE A 1 99  ? 4.393   -3.140  9.429   1.00 14.64 ? 99  ILE B CA  1 
ATOM   715  C  C   . ILE A 1 99  ? 4.222   -1.966  8.474   1.00 19.00 ? 99  ILE B C   1 
ATOM   716  O  O   . ILE A 1 99  ? 4.255   -2.131  7.252   1.00 15.27 ? 99  ILE B O   1 
ATOM   717  C  CB  . ILE A 1 99  ? 5.871   -3.318  9.835   1.00 20.25 ? 99  ILE B CB  1 
ATOM   718  C  CG1 . ILE A 1 99  ? 6.725   -3.669  8.619   1.00 19.73 ? 99  ILE B CG1 1 
ATOM   719  C  CG2 . ILE A 1 99  ? 6.005   -4.398  10.913  1.00 20.81 ? 99  ILE B CG2 1 
ATOM   720  C  CD1 . ILE A 1 99  ? 8.186   -3.905  8.971   1.00 27.83 ? 99  ILE B CD1 1 
ATOM   721  N  N   . ARG A 1 100 ? 3.996   -0.783  9.047   1.00 15.96 ? 100 ARG B N   1 
ATOM   722  C  CA  . ARG A 1 100 ? 3.950   0.487   8.312   1.00 14.92 ? 100 ARG B CA  1 
ATOM   723  C  C   . ARG A 1 100 ? 3.031   0.426   7.089   1.00 15.45 ? 100 ARG B C   1 
ATOM   724  O  O   . ARG A 1 100 ? 3.348   0.948   6.013   1.00 15.82 ? 100 ARG B O   1 
ATOM   725  C  CB  . ARG A 1 100 ? 5.354   0.940   7.916   1.00 16.11 ? 100 ARG B CB  1 
ATOM   726  C  CG  . ARG A 1 100 ? 5.469   2.450   7.756   1.00 18.58 ? 100 ARG B CG  1 
ATOM   727  C  CD  . ARG A 1 100 ? 6.761   2.831   7.050   1.00 26.71 ? 100 ARG B CD  1 
ATOM   728  N  NE  . ARG A 1 100 ? 6.760   4.232   6.629   1.00 31.07 ? 100 ARG B NE  1 
ATOM   729  C  CZ  . ARG A 1 100 ? 7.541   4.725   5.670   1.00 33.72 ? 100 ARG B CZ  1 
ATOM   730  N  NH1 . ARG A 1 100 ? 8.399   3.931   5.038   1.00 36.34 ? 100 ARG B NH1 1 
ATOM   731  N  NH2 . ARG A 1 100 ? 7.464   6.010   5.344   1.00 29.22 ? 100 ARG B NH2 1 
ATOM   732  N  N   . THR A 1 101 ? 1.874   -0.207  7.261   1.00 13.19 ? 101 THR B N   1 
ATOM   733  C  CA  . THR A 1 101 ? 0.895   -0.282  6.187   1.00 14.12 ? 101 THR B CA  1 
ATOM   734  C  C   . THR A 1 101 ? 0.371   1.105   5.856   1.00 13.25 ? 101 THR B C   1 
ATOM   735  O  O   . THR A 1 101 ? 0.163   1.936   6.744   1.00 13.93 ? 101 THR B O   1 
ATOM   736  C  CB  . THR A 1 101 ? -0.241  -1.215  6.596   1.00 10.14 ? 101 THR B CB  1 
ATOM   737  O  OG1 . THR A 1 101 ? 0.317   -2.515  6.815   1.00 13.09 ? 101 THR B OG1 1 
ATOM   738  C  CG2 . THR A 1 101 ? -1.302  -1.300  5.517   1.00 11.80 ? 101 THR B CG2 1 
ATOM   739  N  N   . ARG A 1 102 ? 0.215   1.374   4.558   1.00 11.09 ? 102 ARG B N   1 
ATOM   740  C  CA  . ARG A 1 102 ? -0.264  2.668   4.094   1.00 13.27 ? 102 ARG B CA  1 
ATOM   741  C  C   . ARG A 1 102 ? -1.191  2.477   2.915   1.00 12.43 ? 102 ARG B C   1 
ATOM   742  O  O   . ARG A 1 102 ? -1.003  1.565   2.108   1.00 11.90 ? 102 ARG B O   1 
ATOM   743  C  CB  . ARG A 1 102 ? 0.878   3.593   3.646   1.00 13.74 ? 102 ARG B CB  1 
ATOM   744  C  CG  . ARG A 1 102 ? 1.748   4.117   4.760   1.00 14.24 ? 102 ARG B CG  1 
ATOM   745  C  CD  . ARG A 1 102 ? 2.987   4.747   4.172   1.00 16.56 ? 102 ARG B CD  1 
ATOM   746  N  NE  . ARG A 1 102 ? 4.000   3.757   3.833   1.00 24.64 ? 102 ARG B NE  1 
ATOM   747  C  CZ  . ARG A 1 102 ? 5.121   4.055   3.184   1.00 32.38 ? 102 ARG B CZ  1 
ATOM   748  N  NH1 . ARG A 1 102 ? 5.353   5.313   2.817   1.00 30.12 ? 102 ARG B NH1 1 
ATOM   749  N  NH2 . ARG A 1 102 ? 6.009   3.109   2.907   1.00 27.61 ? 102 ARG B NH2 1 
ATOM   750  N  N   . ILE A 1 103 ? -2.183  3.350   2.817   1.00 8.83  ? 103 ILE B N   1 
ATOM   751  C  CA  . ILE A 1 103 ? -2.845  3.574   1.541   1.00 10.45 ? 103 ILE B CA  1 
ATOM   752  C  C   . ILE A 1 103 ? -1.913  4.415   0.686   1.00 12.04 ? 103 ILE B C   1 
ATOM   753  O  O   . ILE A 1 103 ? -1.402  5.444   1.140   1.00 13.04 ? 103 ILE B O   1 
ATOM   754  C  CB  . ILE A 1 103 ? -4.204  4.265   1.734   1.00 11.45 ? 103 ILE B CB  1 
ATOM   755  C  CG1 . ILE A 1 103 ? -5.145  3.341   2.502   1.00 11.10 ? 103 ILE B CG1 1 
ATOM   756  C  CG2 . ILE A 1 103 ? -4.845  4.595   0.389   1.00 13.71 ? 103 ILE B CG2 1 
ATOM   757  C  CD1 . ILE A 1 103 ? -6.442  3.987   2.836   1.00 18.35 ? 103 ILE B CD1 1 
ATOM   758  N  N   . MET A 1 104 ? -1.652  3.957   -0.537  1.00 11.14 ? 104 MET B N   1 
ATOM   759  C  CA  . MET A 1 104 ? -0.757  4.644   -1.465  1.00 10.11 ? 104 MET B CA  1 
ATOM   760  C  C   . MET A 1 104 ? -1.525  4.893   -2.747  1.00 12.01 ? 104 MET B C   1 
ATOM   761  O  O   . MET A 1 104 ? -1.947  3.943   -3.416  1.00 9.50  ? 104 MET B O   1 
ATOM   762  C  CB  . MET A 1 104 ? 0.497   3.827   -1.765  1.00 13.09 ? 104 MET B CB  1 
ATOM   763  C  CG  . MET A 1 104 ? 1.214   3.363   -0.518  1.00 14.79 ? 104 MET B CG  1 
ATOM   764  S  SD  . MET A 1 104 ? 2.219   4.668   0.163   1.00 32.37 ? 104 MET B SD  1 
ATOM   765  C  CE  . MET A 1 104 ? 3.700   4.406   -0.820  1.00 25.54 ? 104 MET B CE  1 
ATOM   766  N  N   . ALA A 1 105 ? -1.726  6.162   -3.070  1.00 10.22 ? 105 ALA B N   1 
ATOM   767  C  CA  . ALA A 1 105 ? -2.549  6.546   -4.201  1.00 11.72 ? 105 ALA B CA  1 
ATOM   768  C  C   . ALA A 1 105 ? -1.689  7.296   -5.204  1.00 14.86 ? 105 ALA B C   1 
ATOM   769  O  O   . ALA A 1 105 ? -0.964  8.226   -4.832  1.00 20.25 ? 105 ALA B O   1 
ATOM   770  C  CB  . ALA A 1 105 ? -3.722  7.401   -3.748  1.00 15.94 ? 105 ALA B CB  1 
ATOM   771  N  N   . LEU A 1 106 ? -1.751  6.886   -6.462  1.00 12.25 ? 106 LEU B N   1 
ATOM   772  C  CA  . LEU A 1 106 ? -1.048  7.572   -7.540  1.00 14.19 ? 106 LEU B CA  1 
ATOM   773  C  C   . LEU A 1 106 ? -2.048  8.446   -8.286  1.00 16.04 ? 106 LEU B C   1 
ATOM   774  O  O   . LEU A 1 106 ? -3.058  7.945   -8.789  1.00 13.99 ? 106 LEU B O   1 
ATOM   775  C  CB  . LEU A 1 106 ? -0.390  6.576   -8.501  1.00 13.41 ? 106 LEU B CB  1 
ATOM   776  C  CG  . LEU A 1 106 ? 0.850   5.812   -8.064  1.00 18.87 ? 106 LEU B CG  1 
ATOM   777  C  CD1 . LEU A 1 106 ? 1.487   5.064   -9.242  1.00 15.19 ? 106 LEU B CD1 1 
ATOM   778  C  CD2 . LEU A 1 106 ? 1.848   6.766   -7.448  1.00 22.76 ? 106 LEU B CD2 1 
ATOM   779  N  N   . ASP A 1 107 ? -1.779  9.749   -8.343  1.00 13.16 ? 107 ASP B N   1 
ATOM   780  C  CA  . ASP A 1 107 ? -2.598  10.629  -9.156  1.00 13.34 ? 107 ASP B CA  1 
ATOM   781  C  C   . ASP A 1 107 ? -2.575  10.166  -10.613 1.00 12.34 ? 107 ASP B C   1 
ATOM   782  O  O   . ASP A 1 107 ? -1.642  9.476   -11.041 1.00 11.35 ? 107 ASP B O   1 
ATOM   783  C  CB  . ASP A 1 107 ? -2.071  12.058  -9.085  1.00 14.01 ? 107 ASP B CB  1 
ATOM   784  C  CG  . ASP A 1 107 ? -2.511  12.790  -7.847  1.00 20.98 ? 107 ASP B CG  1 
ATOM   785  O  OD1 . ASP A 1 107 ? -3.410  12.325  -7.126  1.00 22.04 ? 107 ASP B OD1 1 
ATOM   786  O  OD2 . ASP A 1 107 ? -1.939  13.863  -7.611  1.00 27.43 ? 107 ASP B OD2 1 
ATOM   787  N  N   . PRO A 1 108 ? -3.575  10.558  -11.397 1.00 12.19 ? 108 PRO B N   1 
ATOM   788  C  CA  . PRO A 1 108 ? -3.522  10.295  -12.841 1.00 11.21 ? 108 PRO B CA  1 
ATOM   789  C  C   . PRO A 1 108 ? -2.237  10.856  -13.445 1.00 11.04 ? 108 PRO B C   1 
ATOM   790  O  O   . PRO A 1 108 ? -1.803  11.955  -13.109 1.00 11.65 ? 108 PRO B O   1 
ATOM   791  C  CB  . PRO A 1 108 ? -4.767  11.015  -13.381 1.00 14.60 ? 108 PRO B CB  1 
ATOM   792  C  CG  . PRO A 1 108 ? -5.722  11.120  -12.160 1.00 14.98 ? 108 PRO B CG  1 
ATOM   793  C  CD  . PRO A 1 108 ? -4.801  11.279  -10.986 1.00 14.73 ? 108 PRO B CD  1 
ATOM   794  N  N   . LYS A 1 109 ? -1.606  10.063  -14.311 1.00 10.67 ? 109 LYS B N   1 
ATOM   795  C  CA  . LYS A 1 109 ? -0.374  10.429  -15.018 1.00 10.28 ? 109 LYS B CA  1 
ATOM   796  C  C   . LYS A 1 109 ? 0.832   10.613  -14.094 1.00 11.81 ? 109 LYS B C   1 
ATOM   797  O  O   . LYS A 1 109 ? 1.795   11.284  -14.462 1.00 13.57 ? 109 LYS B O   1 
ATOM   798  C  CB  . LYS A 1 109 ? -0.564  11.704  -15.859 1.00 14.60 ? 109 LYS B CB  1 
ATOM   799  C  CG  . LYS A 1 109 ? -1.823  11.732  -16.673 1.00 17.42 ? 109 LYS B CG  1 
ATOM   800  C  CD  . LYS A 1 109 ? -1.838  10.616  -17.701 1.00 14.74 ? 109 LYS B CD  1 
ATOM   801  C  CE  . LYS A 1 109 ? -3.202  10.583  -18.394 1.00 21.11 ? 109 LYS B CE  1 
ATOM   802  N  NZ  . LYS A 1 109 ? -3.274  9.519   -19.417 1.00 25.55 ? 109 LYS B NZ  1 
ATOM   803  N  N   . TYR A 1 110 ? 0.843   10.010  -12.915 1.00 10.91 ? 110 TYR B N   1 
ATOM   804  C  CA  . TYR A 1 110 ? 1.952   10.149  -11.989 1.00 10.26 ? 110 TYR B CA  1 
ATOM   805  C  C   . TYR A 1 110 ? 2.779   8.866   -11.945 1.00 12.19 ? 110 TYR B C   1 
ATOM   806  O  O   . TYR A 1 110 ? 2.248   7.760   -12.112 1.00 10.39 ? 110 TYR B O   1 
ATOM   807  C  CB  . TYR A 1 110 ? 1.437   10.498  -10.587 1.00 14.33 ? 110 TYR B CB  1 
ATOM   808  C  CG  . TYR A 1 110 ? 2.523   10.687  -9.563  1.00 22.02 ? 110 TYR B CG  1 
ATOM   809  C  CD1 . TYR A 1 110 ? 3.102   11.929  -9.348  1.00 23.65 ? 110 TYR B CD1 1 
ATOM   810  C  CD2 . TYR A 1 110 ? 2.977   9.609   -8.806  1.00 24.37 ? 110 TYR B CD2 1 
ATOM   811  C  CE1 . TYR A 1 110 ? 4.113   12.091  -8.391  1.00 22.82 ? 110 TYR B CE1 1 
ATOM   812  C  CE2 . TYR A 1 110 ? 3.975   9.754   -7.873  1.00 25.46 ? 110 TYR B CE2 1 
ATOM   813  C  CZ  . TYR A 1 110 ? 4.539   10.989  -7.661  1.00 25.94 ? 110 TYR B CZ  1 
ATOM   814  O  OH  . TYR A 1 110 ? 5.534   11.089  -6.715  1.00 34.15 ? 110 TYR B OH  1 
ATOM   815  N  N   . CYS A 1 111 ? 4.086   9.019   -11.705 1.00 9.78  ? 111 CYS B N   1 
ATOM   816  C  CA  . CYS A 1 111 ? 4.983   7.884   -11.519 1.00 10.30 ? 111 CYS B CA  1 
ATOM   817  C  C   . CYS A 1 111 ? 6.010   8.224   -10.451 1.00 13.36 ? 111 CYS B C   1 
ATOM   818  O  O   . CYS A 1 111 ? 6.219   9.390   -10.118 1.00 15.50 ? 111 CYS B O   1 
ATOM   819  C  CB  . CYS A 1 111 ? 5.718   7.496   -12.801 1.00 9.24  ? 111 CYS B CB  1 
ATOM   820  S  SG  . CYS A 1 111 ? 6.815   8.792   -13.368 1.00 13.76 ? 111 CYS B SG  1 
ATOM   821  N  N   . TYR A 1 112 ? 6.672   7.185   -9.939  1.00 12.85 ? 112 TYR B N   1 
ATOM   822  C  CA  . TYR A 1 112 ? 7.707   7.293   -8.919  1.00 11.54 ? 112 TYR B CA  1 
ATOM   823  C  C   . TYR A 1 112 ? 9.090   7.386   -9.549  1.00 10.59 ? 112 TYR B C   1 
ATOM   824  O  O   . TYR A 1 112 ? 9.320   6.960   -10.682 1.00 10.63 ? 112 TYR B O   1 
ATOM   825  C  CB  . TYR A 1 112 ? 7.713   6.062   -8.003  1.00 13.04 ? 112 TYR B CB  1 
ATOM   826  C  CG  . TYR A 1 112 ? 6.514   5.880   -7.120  1.00 14.15 ? 112 TYR B CG  1 
ATOM   827  C  CD1 . TYR A 1 112 ? 6.328   6.671   -6.004  1.00 21.73 ? 112 TYR B CD1 1 
ATOM   828  C  CD2 . TYR A 1 112 ? 5.586   4.886   -7.385  1.00 18.89 ? 112 TYR B CD2 1 
ATOM   829  C  CE1 . TYR A 1 112 ? 5.224   6.497   -5.174  1.00 19.78 ? 112 TYR B CE1 1 
ATOM   830  C  CE2 . TYR A 1 112 ? 4.477   4.697   -6.565  1.00 22.15 ? 112 TYR B CE2 1 
ATOM   831  C  CZ  . TYR A 1 112 ? 4.308   5.510   -5.462  1.00 24.35 ? 112 TYR B CZ  1 
ATOM   832  O  OH  . TYR A 1 112 ? 3.226   5.316   -4.644  1.00 23.71 ? 112 TYR B OH  1 
ATOM   833  N  N   . SER A 1 113 ? 10.047  7.863   -8.762  1.00 10.25 ? 113 SER B N   1 
ATOM   834  C  CA  . SER A 1 113 ? 11.427  7.701   -9.182  1.00 8.38  ? 113 SER B CA  1 
ATOM   835  C  C   . SER A 1 113 ? 11.778  6.213   -9.260  1.00 11.78 ? 113 SER B C   1 
ATOM   836  O  O   . SER A 1 113 ? 11.101  5.356   -8.695  1.00 12.13 ? 113 SER B O   1 
ATOM   837  C  CB  . SER A 1 113 ? 12.364  8.414   -8.214  1.00 16.20 ? 113 SER B CB  1 
ATOM   838  O  OG  . SER A 1 113 ? 12.269  7.810   -6.938  1.00 18.17 ? 113 SER B OG  1 
ATOM   839  N  N   . VAL A 1 114 ? 12.827  5.917   -10.010 1.00 8.50  ? 114 VAL B N   1 
ATOM   840  C  CA  . VAL A 1 114 ? 13.402  4.582   -10.074 1.00 11.02 ? 114 VAL B CA  1 
ATOM   841  C  C   . VAL A 1 114 ? 14.284  4.427   -8.841  1.00 13.31 ? 114 VAL B C   1 
ATOM   842  O  O   . VAL A 1 114 ? 15.250  5.177   -8.675  1.00 13.77 ? 114 VAL B O   1 
ATOM   843  C  CB  . VAL A 1 114 ? 14.213  4.405   -11.365 1.00 11.98 ? 114 VAL B CB  1 
ATOM   844  C  CG1 . VAL A 1 114 ? 15.025  3.097   -11.343 1.00 16.34 ? 114 VAL B CG1 1 
ATOM   845  C  CG2 . VAL A 1 114 ? 13.314  4.520   -12.612 1.00 10.35 ? 114 VAL B CG2 1 
ATOM   846  N  N   . HIS A 1 115 ? 13.930  3.500   -7.950  1.00 10.50 ? 115 HIS B N   1 
ATOM   847  C  CA  . HIS A 1 115 ? 14.560  3.471   -6.631  1.00 14.69 ? 115 HIS B CA  1 
ATOM   848  C  C   . HIS A 1 115 ? 14.529  2.062   -6.049  1.00 15.30 ? 115 HIS B C   1 
ATOM   849  O  O   . HIS A 1 115 ? 13.923  1.144   -6.602  1.00 11.65 ? 115 HIS B O   1 
ATOM   850  C  CB  . HIS A 1 115 ? 13.851  4.424   -5.668  1.00 13.19 ? 115 HIS B CB  1 
ATOM   851  C  CG  . HIS A 1 115 ? 12.458  3.993   -5.345  1.00 17.32 ? 115 HIS B CG  1 
ATOM   852  N  ND1 . HIS A 1 115 ? 11.411  4.142   -6.234  1.00 15.35 ? 115 HIS B ND1 1 
ATOM   853  C  CD2 . HIS A 1 115 ? 11.943  3.361   -4.261  1.00 18.55 ? 115 HIS B CD2 1 
ATOM   854  C  CE1 . HIS A 1 115 ? 10.311  3.635   -5.704  1.00 15.97 ? 115 HIS B CE1 1 
ATOM   855  N  NE2 . HIS A 1 115 ? 10.606  3.159   -4.506  1.00 16.01 ? 115 HIS B NE2 1 
ATOM   856  N  N   . ARG A 1 116 ? 15.197  1.912   -4.907  1.00 14.92 ? 116 ARG B N   1 
ATOM   857  C  CA  . ARG A 1 116 ? 15.142  0.712   -4.090  1.00 12.39 ? 116 ARG B CA  1 
ATOM   858  C  C   . ARG A 1 116 ? 14.609  1.081   -2.719  1.00 20.52 ? 116 ARG B C   1 
ATOM   859  O  O   . ARG A 1 116 ? 14.875  2.173   -2.212  1.00 19.31 ? 116 ARG B O   1 
ATOM   860  C  CB  . ARG A 1 116 ? 16.518  0.052   -3.916  1.00 20.46 ? 116 ARG B CB  1 
ATOM   861  C  CG  . ARG A 1 116 ? 17.195  -0.433  -5.172  1.00 17.49 ? 116 ARG B CG  1 
ATOM   862  C  CD  . ARG A 1 116 ? 18.643  -0.851  -4.842  1.00 21.16 ? 116 ARG B CD  1 
ATOM   863  N  NE  . ARG A 1 116 ? 19.402  -1.133  -6.051  1.00 20.05 ? 116 ARG B NE  1 
ATOM   864  C  CZ  . ARG A 1 116 ? 19.435  -2.314  -6.655  1.00 24.98 ? 116 ARG B CZ  1 
ATOM   865  N  NH1 . ARG A 1 116 ? 18.750  -3.337  -6.156  1.00 22.77 ? 116 ARG B NH1 1 
ATOM   866  N  NH2 . ARG A 1 116 ? 20.143  -2.474  -7.765  1.00 27.75 ? 116 ARG B NH2 1 
ATOM   867  N  N   . ASP A 1 117 ? 13.850  0.167   -2.125  1.00 18.68 ? 117 ASP B N   1 
ATOM   868  C  CA  . ASP A 1 117 ? 13.412  0.298   -0.746  1.00 19.69 ? 117 ASP B CA  1 
ATOM   869  C  C   . ASP A 1 117 ? 14.206  -0.655  0.133   1.00 20.06 ? 117 ASP B C   1 
ATOM   870  O  O   . ASP A 1 117 ? 14.902  -1.551  -0.351  1.00 18.57 ? 117 ASP B O   1 
ATOM   871  C  CB  . ASP A 1 117 ? 11.917  0.014   -0.611  1.00 20.83 ? 117 ASP B CB  1 
ATOM   872  C  CG  . ASP A 1 117 ? 11.067  1.013   -1.374  1.00 23.54 ? 117 ASP B CG  1 
ATOM   873  O  OD1 . ASP A 1 117 ? 11.054  2.216   -1.035  1.00 27.43 ? 117 ASP B OD1 1 
ATOM   874  O  OD2 . ASP A 1 117 ? 10.404  0.584   -2.316  1.00 22.05 ? 117 ASP B OD2 1 
ATOM   875  N  N   . LEU A 1 118 ? 14.084  -0.453  1.446   1.00 20.24 ? 118 LEU B N   1 
ATOM   876  C  CA  . LEU A 1 118 ? 14.863  -1.246  2.391   1.00 24.08 ? 118 LEU B CA  1 
ATOM   877  C  C   . LEU A 1 118 ? 14.337  -2.673  2.499   1.00 25.46 ? 118 LEU B C   1 
ATOM   878  O  O   . LEU A 1 118 ? 15.116  -3.615  2.692   1.00 25.94 ? 118 LEU B O   1 
ATOM   879  C  CB  . LEU A 1 118 ? 14.854  -0.560  3.755   1.00 26.32 ? 118 LEU B CB  1 
ATOM   880  C  CG  . LEU A 1 118 ? 15.603  0.773   3.758   1.00 28.69 ? 118 LEU B CG  1 
ATOM   881  C  CD1 . LEU A 1 118 ? 15.202  1.665   4.946   1.00 27.70 ? 118 LEU B CD1 1 
ATOM   882  C  CD2 . LEU A 1 118 ? 17.096  0.511   3.735   1.00 31.24 ? 118 LEU B CD2 1 
ATOM   883  N  N   . THR A 1 119 ? 13.027  -2.848  2.398   1.00 21.53 ? 119 THR B N   1 
ATOM   884  C  CA  . THR A 1 119 ? 12.374  -4.141  2.541   1.00 18.57 ? 119 THR B CA  1 
ATOM   885  C  C   . THR A 1 119 ? 11.416  -4.366  1.381   1.00 19.30 ? 119 THR B C   1 
ATOM   886  O  O   . THR A 1 119 ? 11.030  -3.417  0.693   1.00 19.93 ? 119 THR B O   1 
ATOM   887  C  CB  . THR A 1 119 ? 11.606  -4.215  3.873   1.00 23.09 ? 119 THR B CB  1 
ATOM   888  O  OG1 . THR A 1 119 ? 10.431  -3.400  3.803   1.00 29.24 ? 119 THR B OG1 1 
ATOM   889  C  CG2 . THR A 1 119 ? 12.474  -3.716  5.040   1.00 23.67 ? 119 THR B CG2 1 
ATOM   890  N  N   . PRO A 1 120 ? 11.019  -5.609  1.129   1.00 19.28 ? 120 PRO B N   1 
ATOM   891  C  CA  . PRO A 1 120 ? 9.921   -5.861  0.195   1.00 15.07 ? 120 PRO B CA  1 
ATOM   892  C  C   . PRO A 1 120 ? 8.586   -5.486  0.813   1.00 18.65 ? 120 PRO B C   1 
ATOM   893  O  O   . PRO A 1 120 ? 8.483   -5.130  1.988   1.00 20.95 ? 120 PRO B O   1 
ATOM   894  C  CB  . PRO A 1 120 ? 10.016  -7.366  -0.057  1.00 15.92 ? 120 PRO B CB  1 
ATOM   895  C  CG  . PRO A 1 120 ? 10.684  -7.896  1.184   1.00 16.98 ? 120 PRO B CG  1 
ATOM   896  C  CD  . PRO A 1 120 ? 11.670  -6.857  1.558   1.00 18.80 ? 120 PRO B CD  1 
ATOM   897  N  N   . ARG A 1 121 ? 7.539   -5.579  -0.005  1.00 12.59 ? 121 ARG B N   1 
ATOM   898  C  CA  . ARG A 1 121 ? 6.218   -5.098  0.369   1.00 14.29 ? 121 ARG B CA  1 
ATOM   899  C  C   . ARG A 1 121 ? 5.165   -5.923  -0.338  1.00 12.24 ? 121 ARG B C   1 
ATOM   900  O  O   . ARG A 1 121 ? 5.418   -6.502  -1.395  1.00 12.28 ? 121 ARG B O   1 
ATOM   901  C  CB  . ARG A 1 121 ? 6.019   -3.622  -0.010  1.00 18.64 ? 121 ARG B CB  1 
ATOM   902  C  CG  . ARG A 1 121 ? 6.971   -2.688  0.688   1.00 25.33 ? 121 ARG B CG  1 
ATOM   903  C  CD  . ARG A 1 121 ? 6.996   -1.324  0.054   1.00 25.24 ? 121 ARG B CD  1 
ATOM   904  N  NE  . ARG A 1 121 ? 7.779   -0.414  0.883   1.00 27.40 ? 121 ARG B NE  1 
ATOM   905  C  CZ  . ARG A 1 121 ? 7.854   0.896   0.685   1.00 31.89 ? 121 ARG B CZ  1 
ATOM   906  N  NH1 . ARG A 1 121 ? 8.603   1.639   1.487   1.00 33.58 ? 121 ARG B NH1 1 
ATOM   907  N  NH2 . ARG A 1 121 ? 7.182   1.461   -0.315  1.00 27.73 ? 121 ARG B NH2 1 
ATOM   908  N  N   . TYR A 1 122 ? 3.963   -5.943  0.244   1.00 10.59 ? 122 TYR B N   1 
ATOM   909  C  CA  . TYR A 1 122 ? 2.793   -6.534  -0.373  1.00 10.77 ? 122 TYR B CA  1 
ATOM   910  C  C   . TYR A 1 122 ? 1.847   -5.431  -0.825  1.00 10.83 ? 122 TYR B C   1 
ATOM   911  O  O   . TYR A 1 122 ? 1.671   -4.438  -0.116  1.00 11.00 ? 122 TYR B O   1 
ATOM   912  C  CB  . TYR A 1 122 ? 2.056   -7.444  0.607   1.00 15.12 ? 122 TYR B CB  1 
ATOM   913  C  CG  . TYR A 1 122 ? 2.821   -8.665  1.076   1.00 13.59 ? 122 TYR B CG  1 
ATOM   914  C  CD1 . TYR A 1 122 ? 3.784   -8.566  2.074   1.00 15.37 ? 122 TYR B CD1 1 
ATOM   915  C  CD2 . TYR A 1 122 ? 2.572   -9.917  0.526   1.00 13.39 ? 122 TYR B CD2 1 
ATOM   916  C  CE1 . TYR A 1 122 ? 4.465   -9.692  2.534   1.00 19.24 ? 122 TYR B CE1 1 
ATOM   917  C  CE2 . TYR A 1 122 ? 3.254   -11.054 0.980   1.00 15.20 ? 122 TYR B CE2 1 
ATOM   918  C  CZ  . TYR A 1 122 ? 4.193   -10.930 1.979   1.00 16.38 ? 122 TYR B CZ  1 
ATOM   919  O  OH  . TYR A 1 122 ? 4.882   -12.039 2.424   1.00 20.56 ? 122 TYR B OH  1 
ATOM   920  N  N   . HIS A 1 123 ? 1.245   -5.605  -1.999  1.00 10.06 ? 123 HIS B N   1 
ATOM   921  C  CA  . HIS A 1 123 ? 0.199   -4.722  -2.497  1.00 10.84 ? 123 HIS B CA  1 
ATOM   922  C  C   . HIS A 1 123 ? -1.146  -5.433  -2.559  1.00 11.74 ? 123 HIS B C   1 
ATOM   923  O  O   . HIS A 1 123 ? -1.245  -6.581  -3.017  1.00 10.80 ? 123 HIS B O   1 
ATOM   924  C  CB  . HIS A 1 123 ? 0.532   -4.188  -3.899  1.00 9.70  ? 123 HIS B CB  1 
ATOM   925  C  CG  . HIS A 1 123 ? 1.688   -3.239  -3.916  1.00 12.61 ? 123 HIS B CG  1 
ATOM   926  N  ND1 . HIS A 1 123 ? 1.597   -1.967  -4.433  1.00 12.81 ? 123 HIS B ND1 1 
ATOM   927  C  CD2 . HIS A 1 123 ? 2.950   -3.368  -3.451  1.00 14.08 ? 123 HIS B CD2 1 
ATOM   928  C  CE1 . HIS A 1 123 ? 2.757   -1.353  -4.291  1.00 15.27 ? 123 HIS B CE1 1 
ATOM   929  N  NE2 . HIS A 1 123 ? 3.595   -2.182  -3.697  1.00 14.41 ? 123 HIS B NE2 1 
ATOM   930  N  N   . LEU A 1 124 ? -2.189  -4.714  -2.151  1.00 9.87  ? 124 LEU B N   1 
ATOM   931  C  CA  . LEU A 1 124 ? -3.575  -5.092  -2.407  1.00 10.66 ? 124 LEU B CA  1 
ATOM   932  C  C   . LEU A 1 124 ? -4.184  -3.941  -3.188  1.00 12.07 ? 124 LEU B C   1 
ATOM   933  O  O   . LEU A 1 124 ? -4.343  -2.840  -2.648  1.00 11.30 ? 124 LEU B O   1 
ATOM   934  C  CB  . LEU A 1 124 ? -4.332  -5.352  -1.104  1.00 12.09 ? 124 LEU B CB  1 
ATOM   935  C  CG  . LEU A 1 124 ? -5.818  -5.688  -1.201  1.00 11.55 ? 124 LEU B CG  1 
ATOM   936  C  CD1 . LEU A 1 124 ? -6.015  -6.995  -1.936  1.00 15.27 ? 124 LEU B CD1 1 
ATOM   937  C  CD2 . LEU A 1 124 ? -6.430  -5.771  0.204   1.00 13.39 ? 124 LEU B CD2 1 
ATOM   938  N  N   . ALA A 1 125 ? -4.473  -4.169  -4.466  1.00 12.22 ? 125 ALA B N   1 
ATOM   939  C  CA  . ALA A 1 125 ? -4.996  -3.092  -5.298  1.00 11.53 ? 125 ALA B CA  1 
ATOM   940  C  C   . ALA A 1 125 ? -6.449  -2.797  -4.950  1.00 10.95 ? 125 ALA B C   1 
ATOM   941  O  O   . ALA A 1 125 ? -7.275  -3.711  -4.869  1.00 12.01 ? 125 ALA B O   1 
ATOM   942  C  CB  . ALA A 1 125 ? -4.887  -3.457  -6.774  1.00 8.99  ? 125 ALA B CB  1 
ATOM   943  N  N   . VAL A 1 126 ? -6.777  -1.521  -4.798  1.00 10.50 ? 126 VAL B N   1 
ATOM   944  C  CA  . VAL A 1 126 ? -8.146  -1.118  -4.486  1.00 9.97  ? 126 VAL B CA  1 
ATOM   945  C  C   . VAL A 1 126 ? -8.874  -0.626  -5.730  1.00 11.75 ? 126 VAL B C   1 
ATOM   946  O  O   . VAL A 1 126 ? -9.981  -1.073  -6.037  1.00 13.21 ? 126 VAL B O   1 
ATOM   947  C  CB  . VAL A 1 126 ? -8.148  -0.044  -3.375  1.00 10.64 ? 126 VAL B CB  1 
ATOM   948  C  CG1 . VAL A 1 126 ? -9.573  0.382   -3.044  1.00 11.31 ? 126 VAL B CG1 1 
ATOM   949  C  CG2 . VAL A 1 126 ? -7.418  -0.567  -2.122  1.00 11.69 ? 126 VAL B CG2 1 
ATOM   950  N  N   . THR A 1 127 ? -8.276  0.322   -6.450  1.00 10.44 ? 127 THR B N   1 
ATOM   951  C  CA  . THR A 1 127 ? -8.829  0.810   -7.712  1.00 13.30 ? 127 THR B CA  1 
ATOM   952  C  C   . THR A 1 127 ? -7.647  0.979   -8.640  1.00 12.85 ? 127 THR B C   1 
ATOM   953  O  O   . THR A 1 127 ? -6.631  1.552   -8.235  1.00 11.66 ? 127 THR B O   1 
ATOM   954  C  CB  . THR A 1 127 ? -9.563  2.145   -7.565  1.00 14.28 ? 127 THR B CB  1 
ATOM   955  O  OG1 . THR A 1 127 ? -8.635  3.131   -7.098  1.00 23.73 ? 127 THR B OG1 1 
ATOM   956  C  CG2 . THR A 1 127 ? -10.682 2.048   -6.562  1.00 13.74 ? 127 THR B CG2 1 
ATOM   957  N  N   . THR A 1 128 ? -7.770  0.474   -9.857  1.00 10.13 ? 128 THR B N   1 
ATOM   958  C  CA  . THR A 1 128 ? -6.653  0.502   -10.790 1.00 10.05 ? 128 THR B CA  1 
ATOM   959  C  C   . THR A 1 128 ? -7.235  0.401   -12.190 1.00 12.69 ? 128 THR B C   1 
ATOM   960  O  O   . THR A 1 128 ? -8.449  0.297   -12.370 1.00 13.13 ? 128 THR B O   1 
ATOM   961  C  CB  . THR A 1 128 ? -5.652  -0.618  -10.471 1.00 11.79 ? 128 THR B CB  1 
ATOM   962  O  OG1 . THR A 1 128 ? -4.488  -0.503  -11.308 1.00 11.66 ? 128 THR B OG1 1 
ATOM   963  C  CG2 . THR A 1 128 ? -6.294  -1.977  -10.653 1.00 10.43 ? 128 THR B CG2 1 
ATOM   964  N  N   . SER A 1 129 ? -6.360  0.444   -13.183 1.00 9.24  ? 129 SER B N   1 
ATOM   965  C  CA  . SER A 1 129 ? -6.764  0.303   -14.571 1.00 11.51 ? 129 SER B CA  1 
ATOM   966  C  C   . SER A 1 129 ? -5.618  -0.367  -15.302 1.00 11.20 ? 129 SER B C   1 
ATOM   967  O  O   . SER A 1 129 ? -4.556  -0.601  -14.734 1.00 8.68  ? 129 SER B O   1 
ATOM   968  C  CB  . SER A 1 129 ? -7.103  1.658   -15.189 1.00 13.30 ? 129 SER B CB  1 
ATOM   969  O  OG  . SER A 1 129 ? -5.911  2.442   -15.404 1.00 11.90 ? 129 SER B OG  1 
ATOM   970  N  N   . GLU A 1 130 ? -5.832  -0.640  -16.583 1.00 10.80 ? 130 GLU B N   1 
ATOM   971  C  CA  . GLU A 1 130 ? -4.778  -1.169  -17.442 1.00 10.69 ? 130 GLU B CA  1 
ATOM   972  C  C   . GLU A 1 130 ? -3.590  -0.223  -17.584 1.00 12.14 ? 130 GLU B C   1 
ATOM   973  O  O   . GLU A 1 130 ? -2.516  -0.654  -18.023 1.00 10.56 ? 130 GLU B O   1 
ATOM   974  C  CB  . GLU A 1 130 ? -5.391  -1.448  -18.813 1.00 16.01 ? 130 GLU B CB  1 
ATOM   975  C  CG  . GLU A 1 130 ? -6.205  -0.227  -19.287 1.00 17.82 ? 130 GLU B CG  1 
ATOM   976  C  CD  . GLU A 1 130 ? -7.756  -0.361  -19.154 1.00 35.64 ? 130 GLU B CD  1 
ATOM   977  O  OE1 . GLU A 1 130 ? -8.359  -0.525  -18.030 1.00 17.20 ? 130 GLU B OE1 1 
ATOM   978  O  OE2 . GLU A 1 130 ? -8.374  -0.292  -20.242 1.00 39.79 ? 130 GLU B OE2 1 
ATOM   979  N  N   . HIS A 1 131 ? -3.746  1.055   -17.222 1.00 6.90  ? 131 HIS B N   1 
ATOM   980  C  CA  . HIS A 1 131 ? -2.667  2.022   -17.365 1.00 8.91  ? 131 HIS B CA  1 
ATOM   981  C  C   . HIS A 1 131 ? -1.732  2.063   -16.163 1.00 8.44  ? 131 HIS B C   1 
ATOM   982  O  O   . HIS A 1 131 ? -0.777  2.848   -16.165 1.00 8.97  ? 131 HIS B O   1 
ATOM   983  C  CB  . HIS A 1 131 ? -3.262  3.408   -17.634 1.00 9.67  ? 131 HIS B CB  1 
ATOM   984  C  CG  . HIS A 1 131 ? -4.207  3.414   -18.799 1.00 11.11 ? 131 HIS B CG  1 
ATOM   985  N  ND1 . HIS A 1 131 ? -3.767  3.427   -20.106 1.00 10.12 ? 131 HIS B ND1 1 
ATOM   986  C  CD2 . HIS A 1 131 ? -5.563  3.350   -18.856 1.00 13.32 ? 131 HIS B CD2 1 
ATOM   987  C  CE1 . HIS A 1 131 ? -4.813  3.406   -20.921 1.00 12.18 ? 131 HIS B CE1 1 
ATOM   988  N  NE2 . HIS A 1 131 ? -5.912  3.344   -20.187 1.00 13.43 ? 131 HIS B NE2 1 
ATOM   989  N  N   . ALA A 1 132 ? -1.990  1.264   -15.139 1.00 9.16  ? 132 ALA B N   1 
ATOM   990  C  CA  . ALA A 1 132 ? -1.124  1.194   -13.962 1.00 9.55  ? 132 ALA B CA  1 
ATOM   991  C  C   . ALA A 1 132 ? -0.218  -0.021  -14.079 1.00 10.27 ? 132 ALA B C   1 
ATOM   992  O  O   . ALA A 1 132 ? -0.694  -1.129  -14.354 1.00 8.46  ? 132 ALA B O   1 
ATOM   993  C  CB  . ALA A 1 132 ? -1.947  1.100   -12.670 1.00 9.38  ? 132 ALA B CB  1 
ATOM   994  N  N   . ARG A 1 133 ? 1.090   0.190   -13.885 1.00 10.75 ? 133 ARG B N   1 
ATOM   995  C  CA  . ARG A 1 133 ? 2.052   -0.902  -13.902 1.00 11.08 ? 133 ARG B CA  1 
ATOM   996  C  C   . ARG A 1 133 ? 3.123   -0.673  -12.848 1.00 11.10 ? 133 ARG B C   1 
ATOM   997  O  O   . ARG A 1 133 ? 3.402   0.450   -12.436 1.00 7.69  ? 133 ARG B O   1 
ATOM   998  C  CB  . ARG A 1 133 ? 2.749   -1.078  -15.264 1.00 8.61  ? 133 ARG B CB  1 
ATOM   999  C  CG  . ARG A 1 133 ? 1.800   -1.224  -16.450 1.00 12.32 ? 133 ARG B CG  1 
ATOM   1000 C  CD  . ARG A 1 133 ? 1.071   -2.577  -16.462 1.00 12.49 ? 133 ARG B CD  1 
ATOM   1001 N  NE  . ARG A 1 133 ? -0.127  -2.481  -17.309 1.00 11.36 ? 133 ARG B NE  1 
ATOM   1002 C  CZ  . ARG A 1 133 ? -0.567  -3.446  -18.101 1.00 9.59  ? 133 ARG B CZ  1 
ATOM   1003 N  NH1 . ARG A 1 133 ? 0.070   -4.604  -18.167 1.00 12.59 ? 133 ARG B NH1 1 
ATOM   1004 N  NH2 . ARG A 1 133 ? -1.657  -3.247  -18.833 1.00 14.38 ? 133 ARG B NH2 1 
ATOM   1005 N  N   . PHE A 1 134 ? 3.718   -1.775  -12.436 1.00 8.54  ? 134 PHE B N   1 
ATOM   1006 C  CA  . PHE A 1 134 ? 4.878   -1.805  -11.569 1.00 10.41 ? 134 PHE B CA  1 
ATOM   1007 C  C   . PHE A 1 134 ? 6.020   -2.348  -12.415 1.00 11.46 ? 134 PHE B C   1 
ATOM   1008 O  O   . PHE A 1 134 ? 5.830   -3.318  -13.155 1.00 13.96 ? 134 PHE B O   1 
ATOM   1009 C  CB  . PHE A 1 134 ? 4.549   -2.685  -10.359 1.00 12.24 ? 134 PHE B CB  1 
ATOM   1010 C  CG  . PHE A 1 134 ? 5.584   -2.693  -9.296  1.00 11.61 ? 134 PHE B CG  1 
ATOM   1011 C  CD1 . PHE A 1 134 ? 6.727   -3.468  -9.436  1.00 16.24 ? 134 PHE B CD1 1 
ATOM   1012 C  CD2 . PHE A 1 134 ? 5.398   -1.967  -8.122  1.00 14.99 ? 134 PHE B CD2 1 
ATOM   1013 C  CE1 . PHE A 1 134 ? 7.702   -3.488  -8.429  1.00 15.47 ? 134 PHE B CE1 1 
ATOM   1014 C  CE2 . PHE A 1 134 ? 6.358   -1.986  -7.116  1.00 18.70 ? 134 PHE B CE2 1 
ATOM   1015 C  CZ  . PHE A 1 134 ? 7.511   -2.755  -7.273  1.00 15.16 ? 134 PHE B CZ  1 
ATOM   1016 N  N   . VAL A 1 135 ? 7.170   -1.683  -12.400 1.00 11.05 ? 135 VAL B N   1 
ATOM   1017 C  CA  . VAL A 1 135 ? 8.249   -2.022  -13.319 1.00 9.55  ? 135 VAL B CA  1 
ATOM   1018 C  C   . VAL A 1 135 ? 9.510   -2.355  -12.535 1.00 15.99 ? 135 VAL B C   1 
ATOM   1019 O  O   . VAL A 1 135 ? 9.952   -1.566  -11.691 1.00 11.64 ? 135 VAL B O   1 
ATOM   1020 C  CB  . VAL A 1 135 ? 8.526   -0.896  -14.338 1.00 16.02 ? 135 VAL B CB  1 
ATOM   1021 C  CG1 . VAL A 1 135 ? 7.322   -0.677  -15.233 1.00 15.72 ? 135 VAL B CG1 1 
ATOM   1022 C  CG2 . VAL A 1 135 ? 8.891   0.403   -13.647 1.00 18.64 ? 135 VAL B CG2 1 
ATOM   1023 N  N   . PHE A 1 136 ? 10.090  -3.517  -12.818 1.00 11.26 ? 136 PHE B N   1 
ATOM   1024 C  CA  . PHE A 1 136 ? 11.395  -3.887  -12.271 1.00 13.66 ? 136 PHE B CA  1 
ATOM   1025 C  C   . PHE A 1 136 ? 12.444  -3.535  -13.316 1.00 15.66 ? 136 PHE B C   1 
ATOM   1026 O  O   . PHE A 1 136 ? 12.408  -4.055  -14.432 1.00 19.71 ? 136 PHE B O   1 
ATOM   1027 C  CB  . PHE A 1 136 ? 11.460  -5.374  -11.929 1.00 12.88 ? 136 PHE B CB  1 
ATOM   1028 C  CG  . PHE A 1 136 ? 10.734  -5.744  -10.680 1.00 16.11 ? 136 PHE B CG  1 
ATOM   1029 C  CD1 . PHE A 1 136 ? 11.259  -5.431  -9.438  1.00 15.84 ? 136 PHE B CD1 1 
ATOM   1030 C  CD2 . PHE A 1 136 ? 9.526   -6.429  -10.744 1.00 17.73 ? 136 PHE B CD2 1 
ATOM   1031 C  CE1 . PHE A 1 136 ? 10.595  -5.794  -8.273  1.00 21.80 ? 136 PHE B CE1 1 
ATOM   1032 C  CE2 . PHE A 1 136 ? 8.858   -6.799  -9.583  1.00 20.06 ? 136 PHE B CE2 1 
ATOM   1033 C  CZ  . PHE A 1 136 ? 9.392   -6.483  -8.348  1.00 18.89 ? 136 PHE B CZ  1 
ATOM   1034 N  N   . ILE A 1 137 ? 13.370  -2.657  -12.956 1.00 16.95 ? 137 ILE B N   1 
ATOM   1035 C  CA  . ILE A 1 137 ? 14.237  -2.039  -13.954 1.00 20.87 ? 137 ILE B CA  1 
ATOM   1036 C  C   . ILE A 1 137 ? 15.342  -2.991  -14.394 1.00 22.71 ? 137 ILE B C   1 
ATOM   1037 O  O   . ILE A 1 137 ? 15.600  -3.150  -15.591 1.00 26.25 ? 137 ILE B O   1 
ATOM   1038 C  CB  . ILE A 1 137 ? 14.801  -0.720  -13.396 1.00 20.38 ? 137 ILE B CB  1 
ATOM   1039 C  CG1 . ILE A 1 137 ? 13.641  0.215   -13.065 1.00 16.46 ? 137 ILE B CG1 1 
ATOM   1040 C  CG2 . ILE A 1 137 ? 15.764  -0.087  -14.382 1.00 28.83 ? 137 ILE B CG2 1 
ATOM   1041 C  CD1 . ILE A 1 137 ? 12.929  0.743   -14.313 1.00 21.63 ? 137 ILE B CD1 1 
ATOM   1042 N  N   . GLU A 1 138 ? 16.002  -3.652  -13.447 1.00 21.95 ? 138 GLU B N   1 
ATOM   1043 C  CA  . GLU A 1 138 ? 17.114  -4.521  -13.804 1.00 24.51 ? 138 GLU B CA  1 
ATOM   1044 C  C   . GLU A 1 138 ? 16.662  -5.887  -14.291 1.00 28.60 ? 138 GLU B C   1 
ATOM   1045 O  O   . GLU A 1 138 ? 17.411  -6.552  -15.011 1.00 30.33 ? 138 GLU B O   1 
ATOM   1046 C  CB  . GLU A 1 138 ? 18.055  -4.691  -12.609 1.00 30.44 ? 138 GLU B CB  1 
ATOM   1047 C  CG  . GLU A 1 138 ? 18.749  -3.404  -12.216 1.00 31.49 ? 138 GLU B CG  1 
ATOM   1048 C  CD  . GLU A 1 138 ? 19.869  -3.618  -11.210 1.00 40.89 ? 138 GLU B CD  1 
ATOM   1049 O  OE1 . GLU A 1 138 ? 21.003  -3.170  -11.492 1.00 50.81 ? 138 GLU B OE1 1 
ATOM   1050 O  OE2 . GLU A 1 138 ? 19.620  -4.227  -10.143 1.00 37.56 ? 138 GLU B OE2 1 
ATOM   1051 N  N   . HIS A 1 139 ? 15.467  -6.329  -13.921 1.00 27.66 ? 139 HIS B N   1 
ATOM   1052 C  CA  . HIS A 1 139 ? 14.994  -7.636  -14.346 1.00 24.48 ? 139 HIS B CA  1 
ATOM   1053 C  C   . HIS A 1 139 ? 14.127  -7.571  -15.587 1.00 24.51 ? 139 HIS B C   1 
ATOM   1054 O  O   . HIS A 1 139 ? 13.685  -8.616  -16.069 1.00 24.70 ? 139 HIS B O   1 
ATOM   1055 C  CB  . HIS A 1 139 ? 14.237  -8.312  -13.204 1.00 26.39 ? 139 HIS B CB  1 
ATOM   1056 C  CG  . HIS A 1 139 ? 15.084  -8.549  -11.997 1.00 28.82 ? 139 HIS B CG  1 
ATOM   1057 N  ND1 . HIS A 1 139 ? 15.806  -9.709  -11.811 1.00 30.80 ? 139 HIS B ND1 1 
ATOM   1058 C  CD2 . HIS A 1 139 ? 15.353  -7.764  -10.927 1.00 23.09 ? 139 HIS B CD2 1 
ATOM   1059 C  CE1 . HIS A 1 139 ? 16.467  -9.636  -10.670 1.00 27.29 ? 139 HIS B CE1 1 
ATOM   1060 N  NE2 . HIS A 1 139 ? 16.204  -8.469  -10.111 1.00 24.48 ? 139 HIS B NE2 1 
ATOM   1061 N  N   . ASP A 1 140 ? 13.875  -6.376  -16.116 1.00 28.04 ? 140 ASP B N   1 
ATOM   1062 C  CA  . ASP A 1 140 ? 13.161  -6.229  -17.380 1.00 28.65 ? 140 ASP B CA  1 
ATOM   1063 C  C   . ASP A 1 140 ? 11.768  -6.852  -17.284 1.00 24.87 ? 140 ASP B C   1 
ATOM   1064 O  O   . ASP A 1 140 ? 11.341  -7.611  -18.151 1.00 30.17 ? 140 ASP B O   1 
ATOM   1065 C  CB  . ASP A 1 140 ? 13.965  -6.845  -18.531 1.00 30.39 ? 140 ASP B CB  1 
ATOM   1066 C  CG  . ASP A 1 140 ? 14.018  -5.953  -19.752 1.00 30.69 ? 140 ASP B CG  1 
ATOM   1067 O  OD1 . ASP A 1 140 ? 13.495  -4.827  -19.697 1.00 28.58 ? 140 ASP B OD1 1 
ATOM   1068 O  OD2 . ASP A 1 140 ? 14.592  -6.379  -20.774 1.00 46.90 ? 140 ASP B OD2 1 
ATOM   1069 N  N   . LYS A 1 141 ? 11.056  -6.523  -16.211 1.00 20.14 ? 141 LYS B N   1 
ATOM   1070 C  CA  . LYS A 1 141 ? 9.761   -7.121  -15.923 1.00 20.94 ? 141 LYS B CA  1 
ATOM   1071 C  C   . LYS A 1 141 ? 8.742   -6.026  -15.670 1.00 21.51 ? 141 LYS B C   1 
ATOM   1072 O  O   . LYS A 1 141 ? 9.002   -5.102  -14.891 1.00 14.01 ? 141 LYS B O   1 
ATOM   1073 C  CB  . LYS A 1 141 ? 9.835   -8.042  -14.705 1.00 23.64 ? 141 LYS B CB  1 
ATOM   1074 C  CG  . LYS A 1 141 ? 8.488   -8.542  -14.254 1.00 27.06 ? 141 LYS B CG  1 
ATOM   1075 C  CD  . LYS A 1 141 ? 8.611   -9.568  -13.149 1.00 27.10 ? 141 LYS B CD  1 
ATOM   1076 C  CE  . LYS A 1 141 ? 7.329   -10.399 -13.047 1.00 28.12 ? 141 LYS B CE  1 
ATOM   1077 N  NZ  . LYS A 1 141 ? 7.158   -11.349 -14.181 1.00 30.32 ? 141 LYS B NZ  1 
ATOM   1078 N  N   . VAL A 1 142 ? 7.591   -6.125  -16.337 1.00 17.02 ? 142 VAL B N   1 
ATOM   1079 C  CA  . VAL A 1 142 ? 6.477   -5.206  -16.155 1.00 12.65 ? 142 VAL B CA  1 
ATOM   1080 C  C   . VAL A 1 142 ? 5.318   -5.996  -15.563 1.00 19.27 ? 142 VAL B C   1 
ATOM   1081 O  O   . VAL A 1 142 ? 4.951   -7.055  -16.085 1.00 16.56 ? 142 VAL B O   1 
ATOM   1082 C  CB  . VAL A 1 142 ? 6.068   -4.541  -17.480 1.00 20.06 ? 142 VAL B CB  1 
ATOM   1083 C  CG1 . VAL A 1 142 ? 4.972   -3.505  -17.239 1.00 17.01 ? 142 VAL B CG1 1 
ATOM   1084 C  CG2 . VAL A 1 142 ? 7.276   -3.904  -18.172 1.00 19.05 ? 142 VAL B CG2 1 
ATOM   1085 N  N   . LEU A 1 143 ? 4.744   -5.490  -14.479 1.00 12.84 ? 143 LEU B N   1 
ATOM   1086 C  CA  . LEU A 1 143 ? 3.699   -6.191  -13.751 1.00 13.30 ? 143 LEU B CA  1 
ATOM   1087 C  C   . LEU A 1 143 ? 2.494   -5.274  -13.567 1.00 14.10 ? 143 LEU B C   1 
ATOM   1088 O  O   . LEU A 1 143 ? 2.644   -4.079  -13.309 1.00 16.44 ? 143 LEU B O   1 
ATOM   1089 C  CB  . LEU A 1 143 ? 4.250   -6.662  -12.379 1.00 14.22 ? 143 LEU B CB  1 
ATOM   1090 C  CG  . LEU A 1 143 ? 3.264   -6.954  -11.265 1.00 20.11 ? 143 LEU B CG  1 
ATOM   1091 C  CD1 . LEU A 1 143 ? 2.545   -8.263  -11.583 1.00 22.24 ? 143 LEU B CD1 1 
ATOM   1092 C  CD2 . LEU A 1 143 ? 3.988   -7.024  -9.913  1.00 21.76 ? 143 LEU B CD2 1 
ATOM   1093 N  N   . HIS A 1 144 ? 1.295   -5.817  -13.714 1.00 10.38 ? 144 HIS B N   1 
ATOM   1094 C  CA  . HIS A 1 144 ? 0.084   -5.097  -13.351 1.00 12.63 ? 144 HIS B CA  1 
ATOM   1095 C  C   . HIS A 1 144 ? -0.532  -5.782  -12.140 1.00 12.99 ? 144 HIS B C   1 
ATOM   1096 O  O   . HIS A 1 144 ? -0.757  -6.997  -12.165 1.00 13.79 ? 144 HIS B O   1 
ATOM   1097 C  CB  . HIS A 1 144 ? -0.934  -5.044  -14.498 1.00 11.05 ? 144 HIS B CB  1 
ATOM   1098 C  CG  . HIS A 1 144 ? -2.273  -4.536  -14.068 1.00 9.14  ? 144 HIS B CG  1 
ATOM   1099 N  ND1 . HIS A 1 144 ? -2.474  -3.243  -13.631 1.00 10.12 ? 144 HIS B ND1 1 
ATOM   1100 C  CD2 . HIS A 1 144 ? -3.470  -5.162  -13.950 1.00 10.52 ? 144 HIS B CD2 1 
ATOM   1101 C  CE1 . HIS A 1 144 ? -3.741  -3.088  -13.285 1.00 9.82  ? 144 HIS B CE1 1 
ATOM   1102 N  NE2 . HIS A 1 144 ? -4.364  -4.241  -13.459 1.00 11.80 ? 144 HIS B NE2 1 
ATOM   1103 N  N   . ILE A 1 145 ? -0.803  -5.015  -11.087 1.00 10.91 ? 145 ILE B N   1 
ATOM   1104 C  CA  . ILE A 1 145 ? -1.397  -5.556  -9.869  1.00 8.64  ? 145 ILE B CA  1 
ATOM   1105 C  C   . ILE A 1 145 ? -2.906  -5.329  -9.944  1.00 8.10  ? 145 ILE B C   1 
ATOM   1106 O  O   . ILE A 1 145 ? -3.363  -4.187  -9.760  1.00 9.09  ? 145 ILE B O   1 
ATOM   1107 C  CB  . ILE A 1 145 ? -0.789  -4.925  -8.614  1.00 11.23 ? 145 ILE B CB  1 
ATOM   1108 C  CG1 . ILE A 1 145 ? 0.700   -5.287  -8.547  1.00 11.59 ? 145 ILE B CG1 1 
ATOM   1109 C  CG2 . ILE A 1 145 ? -1.543  -5.407  -7.343  1.00 7.01  ? 145 ILE B CG2 1 
ATOM   1110 C  CD1 . ILE A 1 145 ? 1.499   -4.477  -7.560  1.00 14.57 ? 145 ILE B CD1 1 
ATOM   1111 N  N   . PRO A 1 146 ? -3.701  -6.358  -10.210 1.00 10.57 ? 146 PRO B N   1 
ATOM   1112 C  CA  . PRO A 1 146 ? -5.141  -6.160  -10.400 1.00 9.64  ? 146 PRO B CA  1 
ATOM   1113 C  C   . PRO A 1 146 ? -5.882  -6.051  -9.076  1.00 8.41  ? 146 PRO B C   1 
ATOM   1114 O  O   . PRO A 1 146 ? -5.427  -6.512  -8.032  1.00 9.61  ? 146 PRO B O   1 
ATOM   1115 C  CB  . PRO A 1 146 ? -5.584  -7.416  -11.173 1.00 13.92 ? 146 PRO B CB  1 
ATOM   1116 C  CG  . PRO A 1 146 ? -4.552  -8.449  -10.895 1.00 12.31 ? 146 PRO B CG  1 
ATOM   1117 C  CD  . PRO A 1 146 ? -3.293  -7.765  -10.381 1.00 12.76 ? 146 PRO B CD  1 
ATOM   1118 N  N   . ALA A 1 147 ? -7.036  -5.391  -9.144  1.00 9.71  ? 147 ALA B N   1 
ATOM   1119 C  CA  . ALA A 1 147 ? -7.940  -5.274  -8.005  1.00 11.45 ? 147 ALA B CA  1 
ATOM   1120 C  C   . ALA A 1 147 ? -8.816  -6.524  -7.964  1.00 13.81 ? 147 ALA B C   1 
ATOM   1121 O  O   . ALA A 1 147 ? -10.027 -6.488  -8.175  1.00 16.31 ? 147 ALA B O   1 
ATOM   1122 C  CB  . ALA A 1 147 ? -8.772  -4.005  -8.113  1.00 12.57 ? 147 ALA B CB  1 
ATOM   1123 N  N   . ASP A 1 148 ? -8.166  -7.661  -7.720  1.00 12.83 ? 148 ASP B N   1 
ATOM   1124 C  CA  . ASP A 1 148 ? -8.860  -8.944  -7.704  1.00 14.22 ? 148 ASP B CA  1 
ATOM   1125 C  C   . ASP A 1 148 ? -9.028  -9.480  -6.293  1.00 13.83 ? 148 ASP B C   1 
ATOM   1126 O  O   . ASP A 1 148 ? -9.396  -10.647 -6.122  1.00 17.19 ? 148 ASP B O   1 
ATOM   1127 C  CB  . ASP A 1 148 ? -8.122  -9.965  -8.574  1.00 13.38 ? 148 ASP B CB  1 
ATOM   1128 C  CG  . ASP A 1 148 ? -6.665  -10.168 -8.142  1.00 13.55 ? 148 ASP B CG  1 
ATOM   1129 O  OD1 . ASP A 1 148 ? -6.274  -9.681  -7.065  1.00 10.23 ? 148 ASP B OD1 1 
ATOM   1130 O  OD2 . ASP A 1 148 ? -5.908  -10.821 -8.880  1.00 12.87 ? 148 ASP B OD2 1 
ATOM   1131 N  N   . GLY A 1 149 ? -8.729  -8.674  -5.287  1.00 11.09 ? 149 GLY B N   1 
ATOM   1132 C  CA  . GLY A 1 149 ? -8.825  -9.116  -3.912  1.00 13.56 ? 149 GLY B CA  1 
ATOM   1133 C  C   . GLY A 1 149 ? -7.730  -10.046 -3.458  1.00 15.24 ? 149 GLY B C   1 
ATOM   1134 O  O   . GLY A 1 149 ? -7.856  -10.642 -2.391  1.00 15.42 ? 149 GLY B O   1 
ATOM   1135 N  N   . ASP A 1 150 ? -6.650  -10.189 -4.217  1.00 13.95 ? 150 ASP B N   1 
ATOM   1136 C  CA  . ASP A 1 150 ? -5.534  -11.010 -3.793  1.00 11.22 ? 150 ASP B CA  1 
ATOM   1137 C  C   . ASP A 1 150 ? -4.323  -10.133 -3.479  1.00 10.91 ? 150 ASP B C   1 
ATOM   1138 O  O   . ASP A 1 150 ? -4.263  -8.960  -3.840  1.00 11.13 ? 150 ASP B O   1 
ATOM   1139 C  CB  . ASP A 1 150 ? -5.195  -12.056 -4.859  1.00 11.85 ? 150 ASP B CB  1 
ATOM   1140 C  CG  . ASP A 1 150 ? -6.065  -13.300 -4.755  1.00 16.38 ? 150 ASP B CG  1 
ATOM   1141 O  OD1 . ASP A 1 150 ? -6.951  -13.375 -3.863  1.00 17.20 ? 150 ASP B OD1 1 
ATOM   1142 O  OD2 . ASP A 1 150 ? -5.842  -14.222 -5.557  1.00 15.34 ? 150 ASP B OD2 1 
ATOM   1143 N  N   . LEU A 1 151 ? -3.361  -10.716 -2.774  1.00 10.70 ? 151 LEU B N   1 
ATOM   1144 C  CA  . LEU A 1 151 ? -2.210  -9.996  -2.236  1.00 9.19  ? 151 LEU B CA  1 
ATOM   1145 C  C   . LEU A 1 151 ? -0.989  -10.257 -3.108  1.00 10.67 ? 151 LEU B C   1 
ATOM   1146 O  O   . LEU A 1 151 ? -0.667  -11.411 -3.398  1.00 12.44 ? 151 LEU B O   1 
ATOM   1147 C  CB  . LEU A 1 151 ? -1.955  -10.456 -0.801  1.00 12.47 ? 151 LEU B CB  1 
ATOM   1148 C  CG  . LEU A 1 151 ? -0.999  -9.680  0.087   1.00 19.47 ? 151 LEU B CG  1 
ATOM   1149 C  CD1 . LEU A 1 151 ? -1.581  -8.341  0.444   1.00 21.61 ? 151 LEU B CD1 1 
ATOM   1150 C  CD2 . LEU A 1 151 ? -0.725  -10.487 1.341   1.00 19.81 ? 151 LEU B CD2 1 
ATOM   1151 N  N   . TYR A 1 152 ? -0.306  -9.197  -3.522  1.00 11.23 ? 152 TYR B N   1 
ATOM   1152 C  CA  . TYR A 1 152 ? 0.770   -9.304  -4.501  1.00 9.55  ? 152 TYR B CA  1 
ATOM   1153 C  C   . TYR A 1 152 ? 2.065   -8.850  -3.851  1.00 13.33 ? 152 TYR B C   1 
ATOM   1154 O  O   . TYR A 1 152 ? 2.220   -7.669  -3.517  1.00 12.26 ? 152 TYR B O   1 
ATOM   1155 C  CB  . TYR A 1 152 ? 0.465   -8.485  -5.756  1.00 7.76  ? 152 TYR B CB  1 
ATOM   1156 C  CG  . TYR A 1 152 ? -0.537  -9.154  -6.644  1.00 11.89 ? 152 TYR B CG  1 
ATOM   1157 C  CD1 . TYR A 1 152 ? -1.902  -9.060  -6.386  1.00 8.09  ? 152 TYR B CD1 1 
ATOM   1158 C  CD2 . TYR A 1 152 ? -0.124  -9.913  -7.729  1.00 12.82 ? 152 TYR B CD2 1 
ATOM   1159 C  CE1 . TYR A 1 152 ? -2.818  -9.682  -7.191  1.00 9.28  ? 152 TYR B CE1 1 
ATOM   1160 C  CE2 . TYR A 1 152 ? -1.043  -10.535 -8.550  1.00 11.79 ? 152 TYR B CE2 1 
ATOM   1161 C  CZ  . TYR A 1 152 ? -2.384  -10.426 -8.266  1.00 10.77 ? 152 TYR B CZ  1 
ATOM   1162 O  OH  . TYR A 1 152 ? -3.294  -11.044 -9.078  1.00 11.93 ? 152 TYR B OH  1 
ATOM   1163 N  N   . TYR A 1 153 ? 2.981   -9.790  -3.662  1.00 9.82  ? 153 TYR B N   1 
ATOM   1164 C  CA  . TYR A 1 153 ? 4.289   -9.486  -3.118  1.00 7.51  ? 153 TYR B CA  1 
ATOM   1165 C  C   . TYR A 1 153 ? 5.198   -8.966  -4.220  1.00 8.86  ? 153 TYR B C   1 
ATOM   1166 O  O   . TYR A 1 153 ? 5.225   -9.508  -5.328  1.00 9.25  ? 153 TYR B O   1 
ATOM   1167 C  CB  . TYR A 1 153 ? 4.874   -10.737 -2.475  1.00 11.91 ? 153 TYR B CB  1 
ATOM   1168 C  CG  . TYR A 1 153 ? 6.300   -10.646 -1.984  1.00 10.90 ? 153 TYR B CG  1 
ATOM   1169 C  CD1 . TYR A 1 153 ? 6.580   -10.188 -0.715  1.00 12.64 ? 153 TYR B CD1 1 
ATOM   1170 C  CD2 . TYR A 1 153 ? 7.358   -11.089 -2.776  1.00 11.64 ? 153 TYR B CD2 1 
ATOM   1171 C  CE1 . TYR A 1 153 ? 7.874   -10.129 -0.250  1.00 15.59 ? 153 TYR B CE1 1 
ATOM   1172 C  CE2 . TYR A 1 153 ? 8.660   -11.037 -2.315  1.00 13.87 ? 153 TYR B CE2 1 
ATOM   1173 C  CZ  . TYR A 1 153 ? 8.906   -10.548 -1.055  1.00 18.28 ? 153 TYR B CZ  1 
ATOM   1174 O  OH  . TYR A 1 153 ? 10.195  -10.486 -0.591  1.00 21.38 ? 153 TYR B OH  1 
ATOM   1175 N  N   . VAL A 1 154 ? 5.934   -7.894  -3.919  1.00 8.79  ? 154 VAL B N   1 
ATOM   1176 C  CA  . VAL A 1 154 ? 6.952   -7.365  -4.824  1.00 10.07 ? 154 VAL B CA  1 
ATOM   1177 C  C   . VAL A 1 154 ? 8.217   -7.119  -4.016  1.00 10.40 ? 154 VAL B C   1 
ATOM   1178 O  O   . VAL A 1 154 ? 8.178   -6.447  -2.980  1.00 12.54 ? 154 VAL B O   1 
ATOM   1179 C  CB  . VAL A 1 154 ? 6.512   -6.067  -5.534  1.00 10.96 ? 154 VAL B CB  1 
ATOM   1180 C  CG1 . VAL A 1 154 ? 5.548   -6.376  -6.657  1.00 13.01 ? 154 VAL B CG1 1 
ATOM   1181 C  CG2 . VAL A 1 154 ? 5.866   -5.117  -4.550  1.00 11.55 ? 154 VAL B CG2 1 
ATOM   1182 N  N   . ASP A 1 155 ? 9.336   -7.659  -4.484  1.00 10.85 ? 155 ASP B N   1 
ATOM   1183 C  CA  . ASP A 1 155 ? 10.601  -7.439  -3.788  1.00 13.34 ? 155 ASP B CA  1 
ATOM   1184 C  C   . ASP A 1 155 ? 11.135  -6.071  -4.191  1.00 12.44 ? 155 ASP B C   1 
ATOM   1185 O  O   . ASP A 1 155 ? 11.967  -5.938  -5.091  1.00 12.03 ? 155 ASP B O   1 
ATOM   1186 C  CB  . ASP A 1 155 ? 11.616  -8.526  -4.095  1.00 11.64 ? 155 ASP B CB  1 
ATOM   1187 C  CG  . ASP A 1 155 ? 12.911  -8.332  -3.312  1.00 18.06 ? 155 ASP B CG  1 
ATOM   1188 O  OD1 . ASP A 1 155 ? 12.954  -7.408  -2.468  1.00 14.79 ? 155 ASP B OD1 1 
ATOM   1189 O  OD2 . ASP A 1 155 ? 13.870  -9.092  -3.535  1.00 17.89 ? 155 ASP B OD2 1 
ATOM   1190 N  N   . THR A 1 156 ? 10.683  -5.059  -3.475  1.00 9.79  ? 156 THR B N   1 
ATOM   1191 C  CA  . THR A 1 156 ? 11.028  -3.677  -3.765  1.00 13.84 ? 156 THR B CA  1 
ATOM   1192 C  C   . THR A 1 156 ? 12.438  -3.313  -3.300  1.00 17.09 ? 156 THR B C   1 
ATOM   1193 O  O   . THR A 1 156 ? 12.824  -2.143  -3.380  1.00 13.11 ? 156 THR B O   1 
ATOM   1194 C  CB  . THR A 1 156 ? 9.988   -2.750  -3.137  1.00 14.76 ? 156 THR B CB  1 
ATOM   1195 O  OG1 . THR A 1 156 ? 9.714   -3.166  -1.793  1.00 17.26 ? 156 THR B OG1 1 
ATOM   1196 C  CG2 . THR A 1 156 ? 8.709   -2.814  -3.945  1.00 14.63 ? 156 THR B CG2 1 
ATOM   1197 N  N   . ARG A 1 157 ? 13.200  -4.287  -2.802  1.00 12.43 ? 157 ARG B N   1 
ATOM   1198 C  CA  . ARG A 1 157 ? 14.632  -4.096  -2.664  1.00 15.80 ? 157 ARG B CA  1 
ATOM   1199 C  C   . ARG A 1 157 ? 15.309  -4.048  -4.026  1.00 15.10 ? 157 ARG B C   1 
ATOM   1200 O  O   . ARG A 1 157 ? 16.380  -3.442  -4.148  1.00 15.78 ? 157 ARG B O   1 
ATOM   1201 C  CB  . ARG A 1 157 ? 15.228  -5.204  -1.788  1.00 17.06 ? 157 ARG B CB  1 
ATOM   1202 C  CG  . ARG A 1 157 ? 14.632  -5.236  -0.375  1.00 17.78 ? 157 ARG B CG  1 
ATOM   1203 C  CD  . ARG A 1 157 ? 15.114  -6.457  0.385   1.00 22.86 ? 157 ARG B CD  1 
ATOM   1204 N  NE  . ARG A 1 157 ? 14.653  -7.685  -0.259  1.00 19.93 ? 157 ARG B NE  1 
ATOM   1205 C  CZ  . ARG A 1 157 ? 15.188  -8.886  -0.063  1.00 30.95 ? 157 ARG B CZ  1 
ATOM   1206 N  NH1 . ARG A 1 157 ? 16.218  -9.036  0.772   1.00 30.68 ? 157 ARG B NH1 1 
ATOM   1207 N  NH2 . ARG A 1 157 ? 14.698  -9.937  -0.703  1.00 22.43 ? 157 ARG B NH2 1 
ATOM   1208 N  N   . GLN A 1 158 ? 14.687  -4.633  -5.050  1.00 12.09 ? 158 GLN B N   1 
ATOM   1209 C  CA  . GLN A 1 158 ? 15.152  -4.526  -6.421  1.00 12.31 ? 158 GLN B CA  1 
ATOM   1210 C  C   . GLN A 1 158 ? 14.801  -3.155  -6.999  1.00 14.57 ? 158 GLN B C   1 
ATOM   1211 O  O   . GLN A 1 158 ? 13.836  -2.513  -6.581  1.00 10.53 ? 158 GLN B O   1 
ATOM   1212 C  CB  . GLN A 1 158 ? 14.530  -5.626  -7.283  1.00 12.45 ? 158 GLN B CB  1 
ATOM   1213 C  CG  . GLN A 1 158 ? 14.763  -7.039  -6.759  1.00 13.91 ? 158 GLN B CG  1 
ATOM   1214 C  CD  . GLN A 1 158 ? 16.243  -7.366  -6.724  1.00 24.30 ? 158 GLN B CD  1 
ATOM   1215 O  OE1 . GLN A 1 158 ? 16.941  -7.220  -7.731  1.00 27.67 ? 158 GLN B OE1 1 
ATOM   1216 N  NE2 . GLN A 1 158 ? 16.740  -7.763  -5.554  1.00 28.49 ? 158 GLN B NE2 1 
ATOM   1217 N  N   . LEU A 1 159 ? 15.593  -2.717  -7.976  1.00 14.85 ? 159 LEU B N   1 
ATOM   1218 C  CA  . LEU A 1 159 ? 15.367  -1.417  -8.600  1.00 15.64 ? 159 LEU B CA  1 
ATOM   1219 C  C   . LEU A 1 159 ? 14.033  -1.408  -9.341  1.00 11.52 ? 159 LEU B C   1 
ATOM   1220 O  O   . LEU A 1 159 ? 13.793  -2.251  -10.204 1.00 11.32 ? 159 LEU B O   1 
ATOM   1221 C  CB  . LEU A 1 159 ? 16.508  -1.106  -9.560  1.00 15.46 ? 159 LEU B CB  1 
ATOM   1222 C  CG  . LEU A 1 159 ? 16.754  0.338   -9.967  1.00 19.92 ? 159 LEU B CG  1 
ATOM   1223 C  CD1 . LEU A 1 159 ? 17.186  1.177   -8.759  1.00 20.08 ? 159 LEU B CD1 1 
ATOM   1224 C  CD2 . LEU A 1 159 ? 17.808  0.360   -11.059 1.00 23.89 ? 159 LEU B CD2 1 
ATOM   1225 N  N   . HIS A 1 160 ? 13.168  -0.449  -9.008  1.00 12.19 ? 160 HIS B N   1 
ATOM   1226 C  CA  . HIS A 1 160 ? 11.799  -0.460  -9.512  1.00 11.10 ? 160 HIS B CA  1 
ATOM   1227 C  C   . HIS A 1 160 ? 11.231  0.956   -9.576  1.00 12.61 ? 160 HIS B C   1 
ATOM   1228 O  O   . HIS A 1 160 ? 11.777  1.913   -9.014  1.00 11.50 ? 160 HIS B O   1 
ATOM   1229 C  CB  . HIS A 1 160 ? 10.883  -1.340  -8.628  1.00 9.15  ? 160 HIS B CB  1 
ATOM   1230 C  CG  . HIS A 1 160 ? 10.666  -0.787  -7.258  1.00 9.92  ? 160 HIS B CG  1 
ATOM   1231 N  ND1 . HIS A 1 160 ? 11.593  -0.931  -6.246  1.00 10.76 ? 160 HIS B ND1 1 
ATOM   1232 C  CD2 . HIS A 1 160 ? 9.647   -0.058  -6.736  1.00 9.05  ? 160 HIS B CD2 1 
ATOM   1233 C  CE1 . HIS A 1 160 ? 11.148  -0.327  -5.157  1.00 13.71 ? 160 HIS B CE1 1 
ATOM   1234 N  NE2 . HIS A 1 160 ? 9.968   0.205   -5.428  1.00 13.89 ? 160 HIS B NE2 1 
ATOM   1235 N  N   . SER A 1 161 ? 10.117  1.066   -10.289 1.00 10.79 ? 161 SER B N   1 
ATOM   1236 C  CA  . SER A 1 161 ? 9.221   2.213   -10.218 1.00 8.44  ? 161 SER B CA  1 
ATOM   1237 C  C   . SER A 1 161 ? 7.799   1.676   -10.385 1.00 11.35 ? 161 SER B C   1 
ATOM   1238 O  O   . SER A 1 161 ? 7.592   0.485   -10.617 1.00 10.00 ? 161 SER B O   1 
ATOM   1239 C  CB  . SER A 1 161 ? 9.569   3.263   -11.289 1.00 7.72  ? 161 SER B CB  1 
ATOM   1240 O  OG  . SER A 1 161 ? 8.689   4.370   -11.190 1.00 10.46 ? 161 SER B OG  1 
ATOM   1241 N  N   . ALA A 1 162 ? 6.814   2.556   -10.249 1.00 10.74 ? 162 ALA B N   1 
ATOM   1242 C  CA  . ALA A 1 162 ? 5.435   2.230   -10.586 1.00 9.27  ? 162 ALA B CA  1 
ATOM   1243 C  C   . ALA A 1 162 ? 4.816   3.475   -11.199 1.00 11.87 ? 162 ALA B C   1 
ATOM   1244 O  O   . ALA A 1 162 ? 5.250   4.589   -10.914 1.00 8.51  ? 162 ALA B O   1 
ATOM   1245 C  CB  . ALA A 1 162 ? 4.623   1.780   -9.360  1.00 10.57 ? 162 ALA B CB  1 
ATOM   1246 N  N   . PHE A 1 163 ? 3.819   3.290   -12.060 1.00 9.50  ? 163 PHE B N   1 
ATOM   1247 C  CA  . PHE A 1 163 ? 3.240   4.454   -12.707 1.00 7.95  ? 163 PHE B CA  1 
ATOM   1248 C  C   . PHE A 1 163 ? 1.753   4.220   -12.891 1.00 10.84 ? 163 PHE B C   1 
ATOM   1249 O  O   . PHE A 1 163 ? 1.271   3.088   -12.851 1.00 8.03  ? 163 PHE B O   1 
ATOM   1250 C  CB  . PHE A 1 163 ? 3.928   4.796   -14.045 1.00 7.91  ? 163 PHE B CB  1 
ATOM   1251 C  CG  . PHE A 1 163 ? 3.751   3.767   -15.135 1.00 8.68  ? 163 PHE B CG  1 
ATOM   1252 C  CD1 . PHE A 1 163 ? 2.623   3.771   -15.954 1.00 9.04  ? 163 PHE B CD1 1 
ATOM   1253 C  CD2 . PHE A 1 163 ? 4.740   2.825   -15.375 1.00 8.54  ? 163 PHE B CD2 1 
ATOM   1254 C  CE1 . PHE A 1 163 ? 2.477   2.826   -16.973 1.00 9.68  ? 163 PHE B CE1 1 
ATOM   1255 C  CE2 . PHE A 1 163 ? 4.610   1.892   -16.404 1.00 11.47 ? 163 PHE B CE2 1 
ATOM   1256 C  CZ  . PHE A 1 163 ? 3.476   1.887   -17.188 1.00 8.47  ? 163 PHE B CZ  1 
ATOM   1257 N  N   . ASN A 1 164 ? 1.033   5.324   -13.062 1.00 8.68  ? 164 ASN B N   1 
ATOM   1258 C  CA  . ASN A 1 164 ? -0.405  5.307   -13.311 1.00 9.38  ? 164 ASN B CA  1 
ATOM   1259 C  C   . ASN A 1 164 ? -0.672  6.208   -14.510 1.00 8.75  ? 164 ASN B C   1 
ATOM   1260 O  O   . ASN A 1 164 ? -0.804  7.424   -14.349 1.00 7.91  ? 164 ASN B O   1 
ATOM   1261 C  CB  . ASN A 1 164 ? -1.181  5.790   -12.089 1.00 9.84  ? 164 ASN B CB  1 
ATOM   1262 C  CG  . ASN A 1 164 ? -2.660  5.958   -12.383 1.00 10.65 ? 164 ASN B CG  1 
ATOM   1263 O  OD1 . ASN A 1 164 ? -3.188  5.330   -13.298 1.00 11.32 ? 164 ASN B OD1 1 
ATOM   1264 N  ND2 . ASN A 1 164 ? -3.335  6.796   -11.605 1.00 10.68 ? 164 ASN B ND2 1 
ATOM   1265 N  N   . GLY A 1 165 ? -0.768  5.619   -15.704 1.00 7.09  ? 165 GLY B N   1 
ATOM   1266 C  CA  . GLY A 1 165 ? -1.096  6.414   -16.868 1.00 9.93  ? 165 GLY B CA  1 
ATOM   1267 C  C   . GLY A 1 165 ? -2.576  6.622   -17.082 1.00 10.98 ? 165 GLY B C   1 
ATOM   1268 O  O   . GLY A 1 165 ? -2.981  7.084   -18.149 1.00 11.12 ? 165 GLY B O   1 
ATOM   1269 N  N   . GLY A 1 166 ? -3.397  6.290   -16.087 1.00 10.66 ? 166 GLY B N   1 
ATOM   1270 C  CA  . GLY A 1 166 ? -4.831  6.336   -16.240 1.00 10.97 ? 166 GLY B CA  1 
ATOM   1271 C  C   . GLY A 1 166 ? -5.368  7.726   -15.979 1.00 14.72 ? 166 GLY B C   1 
ATOM   1272 O  O   . GLY A 1 166 ? -4.639  8.661   -15.654 1.00 15.77 ? 166 GLY B O   1 
ATOM   1273 N  N   . ASP A 1 167 ? -6.686  7.846   -16.114 1.00 14.99 ? 167 ASP B N   1 
ATOM   1274 C  CA  . ASP A 1 167 ? -7.384  9.100   -15.892 1.00 19.28 ? 167 ASP B CA  1 
ATOM   1275 C  C   . ASP A 1 167 ? -7.867  9.280   -14.464 1.00 19.84 ? 167 ASP B C   1 
ATOM   1276 O  O   . ASP A 1 167 ? -8.199  10.404  -14.084 1.00 18.49 ? 167 ASP B O   1 
ATOM   1277 C  CB  . ASP A 1 167 ? -8.572  9.197   -16.847 1.00 21.80 ? 167 ASP B CB  1 
ATOM   1278 C  CG  . ASP A 1 167 ? -8.127  9.380   -18.284 1.00 29.07 ? 167 ASP B CG  1 
ATOM   1279 O  OD1 . ASP A 1 167 ? -7.048  9.995   -18.491 1.00 25.10 ? 167 ASP B OD1 1 
ATOM   1280 O  OD2 . ASP A 1 167 ? -8.837  8.903   -19.190 1.00 30.52 ? 167 ASP B OD2 1 
ATOM   1281 N  N   . ASP A 1 168 ? -7.920  8.213   -13.675 1.00 16.66 ? 168 ASP B N   1 
ATOM   1282 C  CA  . ASP A 1 168 ? -8.344  8.283   -12.281 1.00 16.59 ? 168 ASP B CA  1 
ATOM   1283 C  C   . ASP A 1 168 ? -7.200  7.878   -11.360 1.00 13.69 ? 168 ASP B C   1 
ATOM   1284 O  O   . ASP A 1 168 ? -6.198  7.314   -11.790 1.00 11.04 ? 168 ASP B O   1 
ATOM   1285 C  CB  . ASP A 1 168 ? -9.568  7.386   -12.045 1.00 19.75 ? 168 ASP B CB  1 
ATOM   1286 C  CG  . ASP A 1 168 ? -10.661 7.645   -13.054 1.00 30.21 ? 168 ASP B CG  1 
ATOM   1287 O  OD1 . ASP A 1 168 ? -11.177 8.787   -13.065 1.00 38.35 ? 168 ASP B OD1 1 
ATOM   1288 O  OD2 . ASP A 1 168 ? -10.980 6.729   -13.849 1.00 32.32 ? 168 ASP B OD2 1 
ATOM   1289 N  N   . MET A 1 169 ? -7.362  8.178   -10.072 1.00 15.63 ? 169 MET B N   1 
ATOM   1290 C  CA  . MET A 1 169 ? -6.382  7.748   -9.081  1.00 15.47 ? 169 MET B CA  1 
ATOM   1291 C  C   . MET A 1 169 ? -6.266  6.228   -9.056  1.00 13.26 ? 169 MET B C   1 
ATOM   1292 O  O   . MET A 1 169 ? -7.262  5.511   -9.166  1.00 15.36 ? 169 MET B O   1 
ATOM   1293 C  CB  . MET A 1 169 ? -6.776  8.238   -7.685  1.00 15.37 ? 169 MET B CB  1 
ATOM   1294 C  CG  . MET A 1 169 ? -6.718  9.737   -7.467  1.00 26.32 ? 169 MET B CG  1 
ATOM   1295 S  SD  . MET A 1 169 ? -6.664  10.036  -5.687  1.00 46.89 ? 169 MET B SD  1 
ATOM   1296 C  CE  . MET A 1 169 ? -4.897  10.090  -5.486  1.00 30.84 ? 169 MET B CE  1 
ATOM   1297 N  N   . ARG A 1 170 ? -5.036  5.739   -8.885  1.00 12.58 ? 170 ARG B N   1 
ATOM   1298 C  CA  . ARG A 1 170 ? -4.762  4.319   -8.676  1.00 10.64 ? 170 ARG B CA  1 
ATOM   1299 C  C   . ARG A 1 170 ? -4.462  4.127   -7.185  1.00 7.65  ? 170 ARG B C   1 
ATOM   1300 O  O   . ARG A 1 170 ? -3.457  4.637   -6.680  1.00 10.04 ? 170 ARG B O   1 
ATOM   1301 C  CB  . ARG A 1 170 ? -3.591  3.867   -9.557  1.00 8.50  ? 170 ARG B CB  1 
ATOM   1302 C  CG  . ARG A 1 170 ? -3.204  2.400   -9.411  1.00 10.10 ? 170 ARG B CG  1 
ATOM   1303 C  CD  . ARG A 1 170 ? -1.749  2.245   -9.047  1.00 10.33 ? 170 ARG B CD  1 
ATOM   1304 N  NE  . ARG A 1 170 ? -1.464  2.693   -7.689  1.00 8.71  ? 170 ARG B NE  1 
ATOM   1305 C  CZ  . ARG A 1 170 ? -0.322  2.488   -7.046  1.00 10.26 ? 170 ARG B CZ  1 
ATOM   1306 N  NH1 . ARG A 1 170 ? -0.178  2.935   -5.798  1.00 9.52  ? 170 ARG B NH1 1 
ATOM   1307 N  NH2 . ARG A 1 170 ? 0.678   1.848   -7.640  1.00 8.56  ? 170 ARG B NH2 1 
ATOM   1308 N  N   . ILE A 1 171 ? -5.337  3.415   -6.475  1.00 8.15  ? 171 ILE B N   1 
ATOM   1309 C  CA  . ILE A 1 171 ? -5.230  3.285   -5.020  1.00 8.23  ? 171 ILE B CA  1 
ATOM   1310 C  C   . ILE A 1 171 ? -4.810  1.857   -4.670  1.00 6.76  ? 171 ILE B C   1 
ATOM   1311 O  O   . ILE A 1 171 ? -5.482  0.894   -5.049  1.00 8.98  ? 171 ILE B O   1 
ATOM   1312 C  CB  . ILE A 1 171 ? -6.554  3.640   -4.325  1.00 10.97 ? 171 ILE B CB  1 
ATOM   1313 C  CG1 . ILE A 1 171 ? -6.995  5.074   -4.663  1.00 12.67 ? 171 ILE B CG1 1 
ATOM   1314 C  CG2 . ILE A 1 171 ? -6.405  3.448   -2.805  1.00 10.03 ? 171 ILE B CG2 1 
ATOM   1315 C  CD1 . ILE A 1 171 ? -8.319  5.471   -3.971  1.00 19.89 ? 171 ILE B CD1 1 
ATOM   1316 N  N   . HIS A 1 172 ? -3.712  1.717   -3.934  1.00 7.57  ? 172 HIS B N   1 
ATOM   1317 C  CA  . HIS A 1 172 ? -3.316  0.442   -3.356  1.00 7.95  ? 172 HIS B CA  1 
ATOM   1318 C  C   . HIS A 1 172 ? -3.249  0.579   -1.840  1.00 8.82  ? 172 HIS B C   1 
ATOM   1319 O  O   . HIS A 1 172 ? -3.022  1.663   -1.306  1.00 11.39 ? 172 HIS B O   1 
ATOM   1320 C  CB  . HIS A 1 172 ? -1.925  -0.023  -3.831  1.00 8.41  ? 172 HIS B CB  1 
ATOM   1321 C  CG  . HIS A 1 172 ? -1.859  -0.422  -5.273  1.00 8.57  ? 172 HIS B CG  1 
ATOM   1322 N  ND1 . HIS A 1 172 ? -0.750  -1.038  -5.816  1.00 9.37  ? 172 HIS B ND1 1 
ATOM   1323 C  CD2 . HIS A 1 172 ? -2.746  -0.277  -6.285  1.00 8.08  ? 172 HIS B CD2 1 
ATOM   1324 C  CE1 . HIS A 1 172 ? -0.966  -1.270  -7.100  1.00 7.95  ? 172 HIS B CE1 1 
ATOM   1325 N  NE2 . HIS A 1 172 ? -2.165  -0.811  -7.411  1.00 6.99  ? 172 HIS B NE2 1 
ATOM   1326 N  N   . ILE A 1 173 ? -3.402  -0.545  -1.159  1.00 10.88 ? 173 ILE B N   1 
ATOM   1327 C  CA  . ILE A 1 173 ? -2.931  -0.705  0.208   1.00 9.14  ? 173 ILE B CA  1 
ATOM   1328 C  C   . ILE A 1 173 ? -1.590  -1.417  0.122   1.00 8.76  ? 173 ILE B C   1 
ATOM   1329 O  O   . ILE A 1 173 ? -1.475  -2.437  -0.562  1.00 11.19 ? 173 ILE B O   1 
ATOM   1330 C  CB  . ILE A 1 173 ? -3.939  -1.492  1.062   1.00 9.68  ? 173 ILE B CB  1 
ATOM   1331 C  CG1 . ILE A 1 173 ? -5.295  -0.774  1.090   1.00 11.68 ? 173 ILE B CG1 1 
ATOM   1332 C  CG2 . ILE A 1 173 ? -3.400  -1.657  2.502   1.00 10.21 ? 173 ILE B CG2 1 
ATOM   1333 C  CD1 . ILE A 1 173 ? -6.458  -1.643  1.625   1.00 15.10 ? 173 ILE B CD1 1 
ATOM   1334 N  N   . VAL A 1 174 ? -0.569  -0.877  0.788   1.00 9.99  ? 174 VAL B N   1 
ATOM   1335 C  CA  . VAL A 1 174 ? 0.792   -1.403  0.700   1.00 11.20 ? 174 VAL B CA  1 
ATOM   1336 C  C   . VAL A 1 174 ? 1.263   -1.779  2.104   1.00 14.00 ? 174 VAL B C   1 
ATOM   1337 O  O   . VAL A 1 174 ? 1.397   -0.910  2.974   1.00 14.90 ? 174 VAL B O   1 
ATOM   1338 C  CB  . VAL A 1 174 ? 1.737   -0.384  0.048   1.00 10.67 ? 174 VAL B CB  1 
ATOM   1339 C  CG1 . VAL A 1 174 ? 3.167   -0.920  -0.006  1.00 13.07 ? 174 VAL B CG1 1 
ATOM   1340 C  CG2 . VAL A 1 174 ? 1.225   -0.043  -1.368  1.00 11.55 ? 174 VAL B CG2 1 
ATOM   1341 N  N   . PHE A 1 175 ? 1.535   -3.064  2.314   1.00 12.70 ? 175 PHE B N   1 
ATOM   1342 C  CA  . PHE A 1 175 ? 1.913   -3.603  3.621   1.00 13.95 ? 175 PHE B CA  1 
ATOM   1343 C  C   . PHE A 1 175 ? 3.418   -3.820  3.657   1.00 16.99 ? 175 PHE B C   1 
ATOM   1344 O  O   . PHE A 1 175 ? 3.956   -4.538  2.809   1.00 16.60 ? 175 PHE B O   1 
ATOM   1345 C  CB  . PHE A 1 175 ? 1.216   -4.939  3.908   1.00 13.78 ? 175 PHE B CB  1 
ATOM   1346 C  CG  . PHE A 1 175 ? -0.271  -4.940  3.672   1.00 14.59 ? 175 PHE B CG  1 
ATOM   1347 C  CD1 . PHE A 1 175 ? -0.791  -5.136  2.397   1.00 14.93 ? 175 PHE B CD1 1 
ATOM   1348 C  CD2 . PHE A 1 175 ? -1.153  -4.786  4.731   1.00 15.95 ? 175 PHE B CD2 1 
ATOM   1349 C  CE1 . PHE A 1 175 ? -2.153  -5.160  2.191   1.00 14.28 ? 175 PHE B CE1 1 
ATOM   1350 C  CE2 . PHE A 1 175 ? -2.517  -4.797  4.534   1.00 12.13 ? 175 PHE B CE2 1 
ATOM   1351 C  CZ  . PHE A 1 175 ? -3.026  -4.993  3.258   1.00 13.13 ? 175 PHE B CZ  1 
ATOM   1352 N  N   . GLY A 1 176 ? 4.100   -3.218  4.643   1.00 14.10 ? 176 GLY B N   1 
ATOM   1353 C  CA  . GLY A 1 176 ? 5.486   -3.568  4.872   1.00 16.51 ? 176 GLY B CA  1 
ATOM   1354 C  C   . GLY A 1 176 ? 5.599   -4.906  5.570   1.00 19.92 ? 176 GLY B C   1 
ATOM   1355 O  O   . GLY A 1 176 ? 4.631   -5.408  6.146   1.00 17.03 ? 176 GLY B O   1 
ATOM   1356 N  N   . THR A 1 177 ? 6.799   -5.486  5.539   1.00 21.03 ? 177 THR B N   1 
ATOM   1357 C  CA  . THR A 1 177 ? 6.972   -6.811  6.116   1.00 25.12 ? 177 THR B CA  1 
ATOM   1358 C  C   . THR A 1 177 ? 8.366   -6.965  6.711   1.00 32.34 ? 177 THR B C   1 
ATOM   1359 O  O   . THR A 1 177 ? 9.330   -6.335  6.262   1.00 30.06 ? 177 THR B O   1 
ATOM   1360 C  CB  . THR A 1 177 ? 6.734   -7.915  5.079   1.00 30.61 ? 177 THR B CB  1 
ATOM   1361 O  OG1 . THR A 1 177 ? 6.816   -9.199  5.717   1.00 28.96 ? 177 THR B OG1 1 
ATOM   1362 C  CG2 . THR A 1 177 ? 7.776   -7.833  3.957   1.00 26.75 ? 177 THR B CG2 1 
ATOM   1363 N  N   . ASP A 1 178 ? 8.439   -7.799  7.751   1.00 36.76 ? 178 ASP B N   1 
ATOM   1364 C  CA  . ASP A 1 178 ? 9.674   -8.319  8.331   1.00 45.01 ? 178 ASP B CA  1 
ATOM   1365 C  C   . ASP A 1 178 ? 9.838   -9.791  7.966   1.00 44.84 ? 178 ASP B C   1 
ATOM   1366 O  O   . ASP A 1 178 ? 10.697  -10.149 7.156   1.00 50.58 ? 178 ASP B O   1 
ATOM   1367 C  CB  . ASP A 1 178 ? 9.666   -8.186  9.857   1.00 47.05 ? 178 ASP B CB  1 
ATOM   1368 C  CG  . ASP A 1 178 ? 10.200  -6.862  10.337  1.00 51.55 ? 178 ASP B CG  1 
ATOM   1369 O  OD1 . ASP A 1 178 ? 10.866  -6.163  9.543   1.00 49.83 ? 178 ASP B OD1 1 
ATOM   1370 O  OD2 . ASP A 1 178 ? 9.957   -6.531  11.521  1.00 50.70 ? 178 ASP B OD2 1 
ATOM   1371 N  N   . GLY A 1 179 ? 9.017   -10.651 8.569   1.00 54.94 ? 179 GLY B N   1 
ATOM   1372 C  CA  . GLY A 1 179 ? 9.045   -12.079 8.302   1.00 45.73 ? 179 GLY B CA  1 
ATOM   1373 C  C   . GLY A 1 179 ? 8.171   -12.906 9.230   1.00 50.54 ? 179 GLY B C   1 
ATOM   1374 O  O   . GLY A 1 179 ? 7.214   -12.404 9.832   1.00 49.38 ? 179 GLY B O   1 
HETATM 1375 C  C1  . AKG B 2 .   ? 6.764   0.258   -3.482  1.00 24.96 ? 301 AKG B C1  1 
HETATM 1376 O  O1  . AKG B 2 .   ? 7.815   0.199   -2.819  1.00 23.63 ? 301 AKG B O1  1 
HETATM 1377 O  O2  . AKG B 2 .   ? 5.806   -0.530  -3.239  1.00 20.25 ? 301 AKG B O2  1 
HETATM 1378 C  C2  . AKG B 2 .   ? 6.658   1.340   -4.555  1.00 23.23 ? 301 AKG B C2  1 
HETATM 1379 O  O5  . AKG B 2 .   ? 7.583   2.119   -4.790  1.00 21.28 ? 301 AKG B O5  1 
HETATM 1380 C  C3  . AKG B 2 .   ? 5.329   1.407   -5.302  1.00 21.33 ? 301 AKG B C3  1 
HETATM 1381 C  C4  . AKG B 2 .   ? 4.299   2.026   -4.346  1.00 23.38 ? 301 AKG B C4  1 
HETATM 1382 C  C5  . AKG B 2 .   ? 2.978   2.109   -5.077  1.00 14.64 ? 301 AKG B C5  1 
HETATM 1383 O  O3  . AKG B 2 .   ? 2.797   1.265   -5.968  1.00 24.37 ? 301 AKG B O3  1 
HETATM 1384 O  O4  . AKG B 2 .   ? 2.243   3.074   -4.816  1.00 22.49 ? 301 AKG B O4  1 
HETATM 1385 K  K   . K   C 3 .   ? -1.699  -15.738 -11.088 0.50 45.82 ? 302 K   B K   1 
HETATM 1386 FE FE  . FE  D 4 .   ? 9.213   1.558   -3.714  1.00 22.82 ? 303 FE  B FE  1 
HETATM 1387 FE FE  . FE  E 4 .   ? 0.232   -1.919  -10.910 1.00 22.71 ? 304 FE  B FE  1 
HETATM 1388 P  P   . PO4 F 5 .   ? 3.106   -13.394 -10.233 1.00 41.15 ? 305 PO4 B P   1 
HETATM 1389 O  O1  . PO4 F 5 .   ? 4.257   -12.733 -10.952 1.00 22.96 ? 305 PO4 B O1  1 
HETATM 1390 O  O2  . PO4 F 5 .   ? 3.614   -14.527 -9.377  1.00 23.02 ? 305 PO4 B O2  1 
HETATM 1391 O  O3  . PO4 F 5 .   ? 2.156   -13.937 -11.287 1.00 30.40 ? 305 PO4 B O3  1 
HETATM 1392 O  O4  . PO4 F 5 .   ? 2.409   -12.384 -9.330  1.00 23.44 ? 305 PO4 B O4  1 
HETATM 1393 O  O   . HOH G 6 .   ? -17.561 10.735  -0.164  1.00 58.26 ? 401 HOH B O   1 
HETATM 1394 O  O   . HOH G 6 .   ? -14.573 -6.246  20.449  1.00 44.50 ? 402 HOH B O   1 
HETATM 1395 O  O   . HOH G 6 .   ? -2.880  11.665  12.930  1.00 24.74 ? 403 HOH B O   1 
HETATM 1396 O  O   . HOH G 6 .   ? 1.182   -12.128 -12.077 1.00 34.42 ? 404 HOH B O   1 
HETATM 1397 O  O   . HOH G 6 .   ? 1.575   -2.453  18.012  1.00 31.41 ? 405 HOH B O   1 
HETATM 1398 O  O   . HOH G 6 .   ? -9.696  -17.434 0.816   1.00 37.66 ? 406 HOH B O   1 
HETATM 1399 O  O   . HOH G 6 .   ? -13.660 -0.870  14.287  1.00 37.85 ? 407 HOH B O   1 
HETATM 1400 O  O   . HOH G 6 .   ? 5.743   -9.947  18.294  1.00 44.02 ? 408 HOH B O   1 
HETATM 1401 O  O   . HOH G 6 .   ? 6.259   4.006   20.365  1.00 35.06 ? 409 HOH B O   1 
HETATM 1402 O  O   . HOH G 6 .   ? 15.687  -2.855  -17.998 1.00 30.38 ? 410 HOH B O   1 
HETATM 1403 O  O   . HOH G 6 .   ? 2.771   10.725  15.723  1.00 31.67 ? 411 HOH B O   1 
HETATM 1404 O  O   . HOH G 6 .   ? 9.666   -1.251  2.192   1.00 38.99 ? 412 HOH B O   1 
HETATM 1405 O  O   . HOH G 6 .   ? 6.642   -8.898  9.314   1.00 36.77 ? 413 HOH B O   1 
HETATM 1406 O  O   . HOH G 6 .   ? 4.052   -12.271 -13.371 1.00 36.52 ? 414 HOH B O   1 
HETATM 1407 O  O   . HOH G 6 .   ? 17.437  -4.537  -8.995  1.00 18.95 ? 415 HOH B O   1 
HETATM 1408 O  O   . HOH G 6 .   ? 17.763  8.914   8.840   1.00 37.12 ? 416 HOH B O   1 
HETATM 1409 O  O   . HOH G 6 .   ? -12.541 3.401   10.246  1.00 32.90 ? 417 HOH B O   1 
HETATM 1410 O  O   . HOH G 6 .   ? 2.916   6.427   14.157  1.00 20.49 ? 418 HOH B O   1 
HETATM 1411 O  O   . HOH G 6 .   ? -11.629 -11.765 -4.566  1.00 28.00 ? 419 HOH B O   1 
HETATM 1412 O  O   . HOH G 6 .   ? 3.867   13.211  11.918  1.00 47.20 ? 420 HOH B O   1 
HETATM 1413 O  O   . HOH G 6 .   ? -5.583  10.002  -20.577 1.00 31.95 ? 421 HOH B O   1 
HETATM 1414 O  O   . HOH G 6 .   ? -2.542  -1.696  -10.098 1.00 9.89  ? 422 HOH B O   1 
HETATM 1415 O  O   . HOH G 6 .   ? -5.329  3.738   -13.227 1.00 17.48 ? 423 HOH B O   1 
HETATM 1416 O  O   . HOH G 6 .   ? 2.699   16.624  -1.984  1.00 35.76 ? 424 HOH B O   1 
HETATM 1417 O  O   . HOH G 6 .   ? -16.211 0.515   6.311   1.00 37.53 ? 425 HOH B O   1 
HETATM 1418 O  O   . HOH G 6 .   ? -1.570  6.708   18.713  1.00 33.59 ? 426 HOH B O   1 
HETATM 1419 O  O   . HOH G 6 .   ? -8.740  -5.897  -4.765  1.00 19.32 ? 427 HOH B O   1 
HETATM 1420 O  O   . HOH G 6 .   ? -18.112 -0.909  -4.210  1.00 35.68 ? 428 HOH B O   1 
HETATM 1421 O  O   . HOH G 6 .   ? 3.472   0.730   3.149   1.00 24.94 ? 429 HOH B O   1 
HETATM 1422 O  O   . HOH G 6 .   ? 6.508   13.529  -6.305  1.00 46.61 ? 430 HOH B O   1 
HETATM 1423 O  O   . HOH G 6 .   ? 2.337   -15.816 0.703   1.00 28.43 ? 431 HOH B O   1 
HETATM 1424 O  O   . HOH G 6 .   ? -4.525  -6.903  -5.506  1.00 9.64  ? 432 HOH B O   1 
HETATM 1425 O  O   . HOH G 6 .   ? 6.384   4.511   22.848  1.00 23.12 ? 433 HOH B O   1 
HETATM 1426 O  O   . HOH G 6 .   ? -8.099  6.014   -17.459 1.00 27.16 ? 434 HOH B O   1 
HETATM 1427 O  O   . HOH G 6 .   ? -9.512  -12.987 -4.547  1.00 41.39 ? 435 HOH B O   1 
HETATM 1428 O  O   . HOH G 6 .   ? -8.834  4.551   15.945  1.00 34.19 ? 436 HOH B O   1 
HETATM 1429 O  O   . HOH G 6 .   ? 15.121  -4.456  -10.966 1.00 16.15 ? 437 HOH B O   1 
HETATM 1430 O  O   . HOH G 6 .   ? -7.553  12.850  -15.005 1.00 27.64 ? 438 HOH B O   1 
HETATM 1431 O  O   . HOH G 6 .   ? -6.865  -11.387 -11.336 1.00 22.66 ? 439 HOH B O   1 
HETATM 1432 O  O   . HOH G 6 .   ? 14.000  -11.003 -5.442  1.00 27.49 ? 440 HOH B O   1 
HETATM 1433 O  O   . HOH G 6 .   ? 7.592   -0.756  4.763   1.00 33.84 ? 441 HOH B O   1 
HETATM 1434 O  O   . HOH G 6 .   ? 12.034  -11.698 -2.168  1.00 19.30 ? 442 HOH B O   1 
HETATM 1435 O  O   . HOH G 6 .   ? -11.077 12.500  1.366   1.00 36.34 ? 443 HOH B O   1 
HETATM 1436 O  O   . HOH G 6 .   ? -8.133  -14.877 -10.623 1.00 41.99 ? 444 HOH B O   1 
HETATM 1437 O  O   . HOH G 6 .   ? 14.127  -2.612  11.335  1.00 40.52 ? 445 HOH B O   1 
HETATM 1438 O  O   . HOH G 6 .   ? -4.143  15.238  -0.536  1.00 26.54 ? 446 HOH B O   1 
HETATM 1439 O  O   . HOH G 6 .   ? -2.354  -11.534 -11.610 1.00 22.64 ? 447 HOH B O   1 
HETATM 1440 O  O   . HOH G 6 .   ? -16.210 -1.704  6.105   1.00 35.86 ? 448 HOH B O   1 
HETATM 1441 O  O   . HOH G 6 .   ? 1.872   3.070   8.603   1.00 17.01 ? 449 HOH B O   1 
HETATM 1442 O  O   . HOH G 6 .   ? 6.671   -11.693 4.538   1.00 24.84 ? 450 HOH B O   1 
HETATM 1443 O  O   . HOH G 6 .   ? 1.679   6.074   11.460  1.00 18.44 ? 451 HOH B O   1 
HETATM 1444 O  O   . HOH G 6 .   ? -6.743  12.337  9.694   1.00 29.55 ? 452 HOH B O   1 
HETATM 1445 O  O   . HOH G 6 .   ? 20.987  0.005   -8.683  1.00 35.56 ? 453 HOH B O   1 
HETATM 1446 O  O   . HOH G 6 .   ? 14.553  8.284   -5.436  1.00 29.37 ? 454 HOH B O   1 
HETATM 1447 O  O   . HOH G 6 .   ? -9.792  5.820   -8.060  1.00 25.47 ? 455 HOH B O   1 
HETATM 1448 O  O   . HOH G 6 .   ? -15.471 -11.205 1.955   1.00 38.86 ? 456 HOH B O   1 
HETATM 1449 O  O   . HOH G 6 .   ? 2.269   -6.049  -17.262 1.00 21.26 ? 457 HOH B O   1 
HETATM 1450 O  O   . HOH G 6 .   ? -12.020 -4.775  -9.100  1.00 21.41 ? 458 HOH B O   1 
HETATM 1451 O  O   . HOH G 6 .   ? -9.716  9.582   -9.568  1.00 25.97 ? 459 HOH B O   1 
HETATM 1452 O  O   . HOH G 6 .   ? -10.857 7.037   -18.719 1.00 32.72 ? 460 HOH B O   1 
HETATM 1453 O  O   . HOH G 6 .   ? -10.015 4.249   -14.698 1.00 30.64 ? 461 HOH B O   1 
HETATM 1454 O  O   . HOH G 6 .   ? 5.593   -14.751 -1.003  1.00 29.92 ? 462 HOH B O   1 
HETATM 1455 O  O   . HOH G 6 .   ? -1.107  -11.023 10.674  1.00 37.72 ? 463 HOH B O   1 
HETATM 1456 O  O   . HOH G 6 .   ? 8.668   3.048   -2.283  1.00 22.01 ? 464 HOH B O   1 
HETATM 1457 O  O   . HOH G 6 .   ? 19.518  -6.151  -7.232  1.00 36.47 ? 465 HOH B O   1 
HETATM 1458 O  O   . HOH G 6 .   ? -7.480  5.477   -14.285 1.00 19.38 ? 466 HOH B O   1 
HETATM 1459 O  O   . HOH G 6 .   ? 1.737   -12.562 -2.252  1.00 13.07 ? 467 HOH B O   1 
HETATM 1460 O  O   . HOH G 6 .   ? -8.706  -13.472 -7.220  1.00 28.20 ? 468 HOH B O   1 
HETATM 1461 O  O   . HOH G 6 .   ? -3.077  14.438  -12.479 1.00 35.26 ? 469 HOH B O   1 
HETATM 1462 O  O   . HOH G 6 .   ? -2.359  -3.939  15.530  1.00 23.56 ? 470 HOH B O   1 
HETATM 1463 O  O   . HOH G 6 .   ? -9.872  2.801   -12.074 1.00 22.26 ? 471 HOH B O   1 
HETATM 1464 O  O   . HOH G 6 .   ? -5.843  -14.903 -12.670 1.00 38.31 ? 472 HOH B O   1 
HETATM 1465 O  O   . HOH G 6 .   ? -10.774 -3.582  -4.697  1.00 20.18 ? 473 HOH B O   1 
HETATM 1466 O  O   . HOH G 6 .   ? -7.281  3.652   -11.393 1.00 10.64 ? 474 HOH B O   1 
HETATM 1467 O  O   . HOH G 6 .   ? -3.289  -4.661  -20.770 1.00 33.05 ? 475 HOH B O   1 
HETATM 1468 O  O   . HOH G 6 .   ? -0.707  -9.812  -12.890 1.00 27.25 ? 476 HOH B O   1 
HETATM 1469 O  O   . HOH G 6 .   ? -3.149  -11.175 10.660  1.00 29.13 ? 477 HOH B O   1 
HETATM 1470 O  O   . HOH G 6 .   ? 7.687   -5.217  14.684  1.00 35.30 ? 478 HOH B O   1 
HETATM 1471 O  O   . HOH G 6 .   ? 17.032  6.257   -6.620  1.00 24.25 ? 479 HOH B O   1 
HETATM 1472 O  O   . HOH G 6 .   ? 1.021   1.044   -10.443 1.00 9.33  ? 480 HOH B O   1 
HETATM 1473 O  O   . HOH G 6 .   ? -6.164  3.702   17.519  1.00 33.79 ? 481 HOH B O   1 
HETATM 1474 O  O   . HOH G 6 .   ? 17.134  4.087   -4.380  1.00 21.77 ? 482 HOH B O   1 
HETATM 1475 O  O   . HOH G 6 .   ? -10.462 -0.748  -10.142 1.00 20.97 ? 483 HOH B O   1 
HETATM 1476 O  O   . HOH G 6 .   ? -8.620  12.023  0.597   1.00 34.45 ? 484 HOH B O   1 
HETATM 1477 O  O   . HOH G 6 .   ? -0.836  -6.607  -20.172 1.00 32.03 ? 485 HOH B O   1 
HETATM 1478 O  O   . HOH G 6 .   ? 5.295   -13.693 -13.574 1.00 41.11 ? 486 HOH B O   1 
HETATM 1479 O  O   . HOH G 6 .   ? 5.605   0.389   4.061   1.00 33.49 ? 487 HOH B O   1 
HETATM 1480 O  O   . HOH G 6 .   ? 17.761  -7.371  2.707   1.00 33.44 ? 488 HOH B O   1 
HETATM 1481 O  O   . HOH G 6 .   ? -1.171  17.428  1.942   1.00 30.59 ? 489 HOH B O   1 
HETATM 1482 O  O   . HOH G 6 .   ? 6.195   -1.807  18.207  1.00 30.03 ? 490 HOH B O   1 
HETATM 1483 O  O   . HOH G 6 .   ? -17.167 -0.617  -6.888  1.00 35.47 ? 491 HOH B O   1 
HETATM 1484 O  O   . HOH G 6 .   ? -13.646 9.283   -0.436  1.00 33.98 ? 492 HOH B O   1 
HETATM 1485 O  O   . HOH G 6 .   ? 17.908  -1.544  -0.406  1.00 37.71 ? 493 HOH B O   1 
HETATM 1486 O  O   . HOH G 6 .   ? -11.976 9.584   13.416  1.00 44.75 ? 494 HOH B O   1 
HETATM 1487 O  O   . HOH G 6 .   ? 13.915  9.985   2.440   1.00 39.84 ? 495 HOH B O   1 
HETATM 1488 O  O   . HOH G 6 .   ? 9.258   9.561   -6.337  1.00 24.17 ? 496 HOH B O   1 
HETATM 1489 O  O   . HOH G 6 .   ? 18.385  -3.250  -1.835  1.00 28.85 ? 497 HOH B O   1 
HETATM 1490 O  O   . HOH G 6 .   ? 18.175  -8.148  -1.422  1.00 39.22 ? 498 HOH B O   1 
HETATM 1491 O  O   . HOH G 6 .   ? -5.622  7.250   -19.723 1.00 24.01 ? 499 HOH B O   1 
HETATM 1492 O  O   . HOH G 6 .   ? 4.537   10.503  18.273  1.00 35.59 ? 500 HOH B O   1 
HETATM 1493 O  O   . HOH G 6 .   ? -5.927  -7.118  12.979  1.00 40.42 ? 501 HOH B O   1 
HETATM 1494 O  O   . HOH G 6 .   ? -6.898  -15.705 5.182   1.00 41.11 ? 502 HOH B O   1 
HETATM 1495 O  O   . HOH G 6 .   ? 0.912   -6.111  14.054  1.00 45.01 ? 503 HOH B O   1 
HETATM 1496 O  O   . HOH G 6 .   ? 1.102   -8.592  -15.134 1.00 18.67 ? 504 HOH B O   1 
HETATM 1497 O  O   . HOH G 6 .   ? 9.138   8.296   12.541  1.00 45.24 ? 505 HOH B O   1 
HETATM 1498 O  O   . HOH G 6 .   ? -4.789  -12.775 12.307  1.00 36.53 ? 506 HOH B O   1 
HETATM 1499 O  O   . HOH G 6 .   ? 18.433  -1.895  -16.990 1.00 44.29 ? 507 HOH B O   1 
HETATM 1500 O  O   . HOH G 6 .   ? 20.549  -0.592  -13.678 1.00 38.38 ? 508 HOH B O   1 
HETATM 1501 O  O   . HOH G 6 .   ? -11.875 3.943   -12.078 1.00 43.50 ? 509 HOH B O   1 
HETATM 1502 O  O   . HOH G 6 .   ? 20.455  2.088   -5.542  1.00 37.67 ? 510 HOH B O   1 
HETATM 1503 O  O   . HOH G 6 .   ? 7.409   -8.695  12.335  1.00 38.61 ? 511 HOH B O   1 
HETATM 1504 O  O   . HOH G 6 .   ? -1.302  5.953   20.857  1.00 37.73 ? 512 HOH B O   1 
HETATM 1505 O  O   . HOH G 6 .   ? 16.139  -11.563 -4.498  1.00 45.04 ? 513 HOH B O   1 
HETATM 1506 O  O   . HOH G 6 .   ? 3.849   13.219  14.950  1.00 46.03 ? 514 HOH B O   1 
HETATM 1507 O  O   . HOH G 6 .   ? -4.507  -12.302 -12.931 1.00 33.26 ? 515 HOH B O   1 
HETATM 1508 O  O   . HOH G 6 .   ? 8.160   3.316   18.955  1.00 36.13 ? 516 HOH B O   1 
HETATM 1509 O  O   . HOH G 6 .   ? -22.279 -9.527  0.595   1.00 43.24 ? 517 HOH B O   1 
HETATM 1510 O  O   . HOH G 6 .   ? 5.937   -6.773  13.952  1.00 34.63 ? 518 HOH B O   1 
HETATM 1511 O  O   . HOH G 6 .   ? -12.393 1.054   -10.037 1.00 27.63 ? 519 HOH B O   1 
HETATM 1512 O  O   . HOH G 6 .   ? 4.205   13.550  7.618   1.00 36.12 ? 520 HOH B O   1 
HETATM 1513 O  O   . HOH G 6 .   ? -0.598  -8.071  -16.897 1.00 43.20 ? 521 HOH B O   1 
HETATM 1514 O  O   . HOH G 6 .   ? -7.799  -4.890  12.897  1.00 37.61 ? 522 HOH B O   1 
HETATM 1515 O  O   . HOH G 6 .   ? 15.561  -12.935 -9.427  1.00 41.37 ? 523 HOH B O   1 
HETATM 1516 O  O   . HOH G 6 .   ? 10.096  7.137   21.407  1.00 38.53 ? 524 HOH B O   1 
HETATM 1517 O  O   . HOH G 6 .   ? -5.125  13.293  -17.087 1.00 36.38 ? 525 HOH B O   1 
HETATM 1518 O  O   . HOH G 6 .   ? -13.566 2.969   16.873  1.00 38.35 ? 526 HOH B O   1 
HETATM 1519 O  O   . HOH G 6 .   ? -5.497  12.910  12.048  1.00 36.38 ? 527 HOH B O   1 
HETATM 1520 O  O   . HOH G 6 .   ? 7.799   -15.043 -1.037  1.00 36.91 ? 528 HOH B O   1 
HETATM 1521 O  O   . HOH G 6 .   ? -9.824  2.940   19.522  1.00 33.40 ? 529 HOH B O   1 
HETATM 1522 O  O   . HOH G 6 .   ? -4.215  13.865  -20.390 1.00 43.53 ? 530 HOH B O   1 
HETATM 1523 O  O   . HOH G 6 .   ? -10.862 7.233   -6.177  1.00 36.99 ? 531 HOH B O   1 
HETATM 1524 O  O   . HOH G 6 .   ? -22.787 -6.831  -0.930  0.50 38.04 ? 532 HOH B O   1 
HETATM 1525 O  O   . HOH G 6 .   ? -4.212  15.139  -16.194 1.00 39.11 ? 533 HOH B O   1 
HETATM 1526 O  O   . HOH G 6 .   ? 16.265  -13.700 -6.728  1.00 48.20 ? 534 HOH B O   1 
HETATM 1527 O  O   . HOH G 6 .   ? 4.032   15.283  6.164   1.00 42.39 ? 535 HOH B O   1 
# 
loop_
_pdbx_poly_seq_scheme.asym_id 
_pdbx_poly_seq_scheme.entity_id 
_pdbx_poly_seq_scheme.seq_id 
_pdbx_poly_seq_scheme.mon_id 
_pdbx_poly_seq_scheme.ndb_seq_num 
_pdbx_poly_seq_scheme.pdb_seq_num 
_pdbx_poly_seq_scheme.auth_seq_num 
_pdbx_poly_seq_scheme.pdb_mon_id 
_pdbx_poly_seq_scheme.auth_mon_id 
_pdbx_poly_seq_scheme.pdb_strand_id 
_pdbx_poly_seq_scheme.pdb_ins_code 
_pdbx_poly_seq_scheme.hetero 
A 1 1   MET 1   1   ?   ?   ?   B . n 
A 1 2   PRO 2   2   ?   ?   ?   B . n 
A 1 3   GLY 3   3   ?   ?   ?   B . n 
A 1 4   ARG 4   4   ?   ?   ?   B . n 
A 1 5   ARG 5   5   ?   ?   ?   B . n 
A 1 6   LYS 6   6   ?   ?   ?   B . n 
A 1 7   ALA 7   7   ?   ?   ?   B . n 
A 1 8   CYS 8   8   ?   ?   ?   B . n 
A 1 9   PHE 9   9   ?   ?   ?   B . n 
A 1 10  VAL 10  10  ?   ?   ?   B . n 
A 1 11  THR 11  11  ?   ?   ?   B . n 
A 1 12  ALA 12  12  12  ALA ALA B . n 
A 1 13  LEU 13  13  13  LEU LEU B . n 
A 1 14  THR 14  14  14  THR THR B . n 
A 1 15  SER 15  15  15  SER SER B . n 
A 1 16  ARG 16  16  16  ARG ARG B . n 
A 1 17  THR 17  17  17  THR THR B . n 
A 1 18  GLU 18  18  18  GLU GLU B . n 
A 1 19  LEU 19  19  19  LEU LEU B . n 
A 1 20  ASP 20  20  20  ASP ASP B . n 
A 1 21  ILE 21  21  21  ILE ILE B . n 
A 1 22  ASP 22  22  22  ASP ASP B . n 
A 1 23  PRO 23  23  23  PRO PRO B . n 
A 1 24  ASP 24  24  24  ASP ASP B . n 
A 1 25  LYS 25  25  25  LYS LYS B . n 
A 1 26  LEU 26  26  26  LEU LEU B . n 
A 1 27  ARG 27  27  27  ARG ARG B . n 
A 1 28  GLU 28  28  28  GLU GLU B . n 
A 1 29  SER 29  29  29  SER SER B . n 
A 1 30  VAL 30  30  30  VAL VAL B . n 
A 1 31  VAL 31  31  31  VAL VAL B . n 
A 1 32  GLU 32  32  32  GLU GLU B . n 
A 1 33  LEU 33  33  33  LEU LEU B . n 
A 1 34  LEU 34  34  34  LEU LEU B . n 
A 1 35  GLU 35  35  35  GLU GLU B . n 
A 1 36  ARG 36  36  36  ARG ARG B . n 
A 1 37  HIS 37  37  37  HIS HIS B . n 
A 1 38  PRO 38  38  38  PRO PRO B . n 
A 1 39  LEU 39  39  39  LEU LEU B . n 
A 1 40  VAL 40  40  40  VAL VAL B . n 
A 1 41  PHE 41  41  41  PHE PHE B . n 
A 1 42  GLU 42  42  42  GLU GLU B . n 
A 1 43  GLY 43  43  43  GLY GLY B . n 
A 1 44  THR 44  44  44  THR THR B . n 
A 1 45  ARG 45  45  45  ARG ARG B . n 
A 1 46  GLN 46  46  46  GLN GLN B . n 
A 1 47  LEU 47  47  47  LEU LEU B . n 
A 1 48  ALA 48  48  48  ALA ALA B . n 
A 1 49  LEU 49  49  49  LEU LEU B . n 
A 1 50  GLN 50  50  50  GLN GLN B . n 
A 1 51  HIS 51  51  51  HIS HIS B . n 
A 1 52  ARG 52  52  52  ARG ARG B . n 
A 1 53  PRO 53  53  53  PRO PRO B . n 
A 1 54  GLU 54  54  54  GLU GLU B . n 
A 1 55  ALA 55  55  55  ALA ALA B . n 
A 1 56  THR 56  56  56  THR THR B . n 
A 1 57  ASP 57  57  57  ASP ASP B . n 
A 1 58  PRO 58  58  58  PRO PRO B . n 
A 1 59  TRP 59  59  59  TRP TRP B . n 
A 1 60  TYR 60  60  60  TYR TYR B . n 
A 1 61  GLU 61  61  61  GLU GLU B . n 
A 1 62  GLY 62  62  62  GLY GLY B . n 
A 1 63  CYS 63  63  63  CYS CYS B . n 
A 1 64  GLN 64  64  64  GLN GLN B . n 
A 1 65  ARG 65  65  65  ARG ARG B . n 
A 1 66  GLN 66  66  66  GLN GLN B . n 
A 1 67  SER 67  67  67  SER SER B . n 
A 1 68  LEU 68  68  68  LEU LEU B . n 
A 1 69  ILE 69  69  69  ILE ILE B . n 
A 1 70  SER 70  70  70  SER SER B . n 
A 1 71  SER 71  71  71  SER SER B . n 
A 1 72  ASP 72  72  72  ASP ASP B . n 
A 1 73  SER 73  73  73  SER SER B . n 
A 1 74  ASP 74  74  74  ASP ASP B . n 
A 1 75  PHE 75  75  75  PHE PHE B . n 
A 1 76  THR 76  76  76  THR THR B . n 
A 1 77  GLU 77  77  77  GLU GLU B . n 
A 1 78  VAL 78  78  78  VAL VAL B . n 
A 1 79  HIS 79  79  79  HIS HIS B . n 
A 1 80  GLY 80  80  80  GLY GLY B . n 
A 1 81  GLU 81  81  81  GLU GLU B . n 
A 1 82  LEU 82  82  82  LEU LEU B . n 
A 1 83  ARG 83  83  83  ARG ARG B . n 
A 1 84  ASP 84  84  84  ASP ASP B . n 
A 1 85  THR 85  85  85  THR THR B . n 
A 1 86  TYR 86  86  86  TYR TYR B . n 
A 1 87  LEU 87  87  87  LEU LEU B . n 
A 1 88  GLY 88  88  88  GLY GLY B . n 
A 1 89  GLU 89  89  89  GLU GLU B . n 
A 1 90  VAL 90  90  90  VAL VAL B . n 
A 1 91  PHE 91  91  91  PHE PHE B . n 
A 1 92  ASP 92  92  92  ASP ASP B . n 
A 1 93  ARG 93  93  93  ARG ARG B . n 
A 1 94  LEU 94  94  94  LEU LEU B . n 
A 1 95  PRO 95  95  95  PRO PRO B . n 
A 1 96  PHE 96  96  96  PHE PHE B . n 
A 1 97  LYS 97  97  97  LYS LYS B . n 
A 1 98  PRO 98  98  98  PRO PRO B . n 
A 1 99  ILE 99  99  99  ILE ILE B . n 
A 1 100 ARG 100 100 100 ARG ARG B . n 
A 1 101 THR 101 101 101 THR THR B . n 
A 1 102 ARG 102 102 102 ARG ARG B . n 
A 1 103 ILE 103 103 103 ILE ILE B . n 
A 1 104 MET 104 104 104 MET MET B . n 
A 1 105 ALA 105 105 105 ALA ALA B . n 
A 1 106 LEU 106 106 106 LEU LEU B . n 
A 1 107 ASP 107 107 107 ASP ASP B . n 
A 1 108 PRO 108 108 108 PRO PRO B . n 
A 1 109 LYS 109 109 109 LYS LYS B . n 
A 1 110 TYR 110 110 110 TYR TYR B . n 
A 1 111 CYS 111 111 111 CYS CYS B . n 
A 1 112 TYR 112 112 112 TYR TYR B . n 
A 1 113 SER 113 113 113 SER SER B . n 
A 1 114 VAL 114 114 114 VAL VAL B . n 
A 1 115 HIS 115 115 115 HIS HIS B . n 
A 1 116 ARG 116 116 116 ARG ARG B . n 
A 1 117 ASP 117 117 117 ASP ASP B . n 
A 1 118 LEU 118 118 118 LEU LEU B . n 
A 1 119 THR 119 119 119 THR THR B . n 
A 1 120 PRO 120 120 120 PRO PRO B . n 
A 1 121 ARG 121 121 121 ARG ARG B . n 
A 1 122 TYR 122 122 122 TYR TYR B . n 
A 1 123 HIS 123 123 123 HIS HIS B . n 
A 1 124 LEU 124 124 124 LEU LEU B . n 
A 1 125 ALA 125 125 125 ALA ALA B . n 
A 1 126 VAL 126 126 126 VAL VAL B . n 
A 1 127 THR 127 127 127 THR THR B . n 
A 1 128 THR 128 128 128 THR THR B . n 
A 1 129 SER 129 129 129 SER SER B . n 
A 1 130 GLU 130 130 130 GLU GLU B . n 
A 1 131 HIS 131 131 131 HIS HIS B . n 
A 1 132 ALA 132 132 132 ALA ALA B . n 
A 1 133 ARG 133 133 133 ARG ARG B . n 
A 1 134 PHE 134 134 134 PHE PHE B . n 
A 1 135 VAL 135 135 135 VAL VAL B . n 
A 1 136 PHE 136 136 136 PHE PHE B . n 
A 1 137 ILE 137 137 137 ILE ILE B . n 
A 1 138 GLU 138 138 138 GLU GLU B . n 
A 1 139 HIS 139 139 139 HIS HIS B . n 
A 1 140 ASP 140 140 140 ASP ASP B . n 
A 1 141 LYS 141 141 141 LYS LYS B . n 
A 1 142 VAL 142 142 142 VAL VAL B . n 
A 1 143 LEU 143 143 143 LEU LEU B . n 
A 1 144 HIS 144 144 144 HIS HIS B . n 
A 1 145 ILE 145 145 145 ILE ILE B . n 
A 1 146 PRO 146 146 146 PRO PRO B . n 
A 1 147 ALA 147 147 147 ALA ALA B . n 
A 1 148 ASP 148 148 148 ASP ASP B . n 
A 1 149 GLY 149 149 149 GLY GLY B . n 
A 1 150 ASP 150 150 150 ASP ASP B . n 
A 1 151 LEU 151 151 151 LEU LEU B . n 
A 1 152 TYR 152 152 152 TYR TYR B . n 
A 1 153 TYR 153 153 153 TYR TYR B . n 
A 1 154 VAL 154 154 154 VAL VAL B . n 
A 1 155 ASP 155 155 155 ASP ASP B . n 
A 1 156 THR 156 156 156 THR THR B . n 
A 1 157 ARG 157 157 157 ARG ARG B . n 
A 1 158 GLN 158 158 158 GLN GLN B . n 
A 1 159 LEU 159 159 159 LEU LEU B . n 
A 1 160 HIS 160 160 160 HIS HIS B . n 
A 1 161 SER 161 161 161 SER SER B . n 
A 1 162 ALA 162 162 162 ALA ALA B . n 
A 1 163 PHE 163 163 163 PHE PHE B . n 
A 1 164 ASN 164 164 164 ASN ASN B . n 
A 1 165 GLY 165 165 165 GLY GLY B . n 
A 1 166 GLY 166 166 166 GLY GLY B . n 
A 1 167 ASP 167 167 167 ASP ASP B . n 
A 1 168 ASP 168 168 168 ASP ASP B . n 
A 1 169 MET 169 169 169 MET MET B . n 
A 1 170 ARG 170 170 170 ARG ARG B . n 
A 1 171 ILE 171 171 171 ILE ILE B . n 
A 1 172 HIS 172 172 172 HIS HIS B . n 
A 1 173 ILE 173 173 173 ILE ILE B . n 
A 1 174 VAL 174 174 174 VAL VAL B . n 
A 1 175 PHE 175 175 175 PHE PHE B . n 
A 1 176 GLY 176 176 176 GLY GLY B . n 
A 1 177 THR 177 177 177 THR THR B . n 
A 1 178 ASP 178 178 178 ASP ASP B . n 
A 1 179 GLY 179 179 179 GLY GLY B . n 
A 1 180 GLU 180 180 ?   ?   ?   B . n 
A 1 181 SER 181 181 ?   ?   ?   B . n 
A 1 182 LYS 182 182 ?   ?   ?   B . n 
# 
_pdbx_contact_author.id                 2 
_pdbx_contact_author.email              tlli@gate.sinica.edu.tw 
_pdbx_contact_author.name_first         'Tsung Lin' 
_pdbx_contact_author.name_last          Li 
_pdbx_contact_author.name_mi            ? 
_pdbx_contact_author.role               'principal investigator/group leader' 
_pdbx_contact_author.identifier_ORCID   0000-0002-9739-9761 
# 
loop_
_pdbx_nonpoly_scheme.asym_id 
_pdbx_nonpoly_scheme.entity_id 
_pdbx_nonpoly_scheme.mon_id 
_pdbx_nonpoly_scheme.ndb_seq_num 
_pdbx_nonpoly_scheme.pdb_seq_num 
_pdbx_nonpoly_scheme.auth_seq_num 
_pdbx_nonpoly_scheme.pdb_mon_id 
_pdbx_nonpoly_scheme.auth_mon_id 
_pdbx_nonpoly_scheme.pdb_strand_id 
_pdbx_nonpoly_scheme.pdb_ins_code 
B 2 AKG 1   301 301 AKG LIG B . 
C 3 K   1   302 401 K   K   B . 
D 4 FE  1   303 1   FE  FE  B . 
E 4 FE  1   304 2   FE  FE  B . 
F 5 PO4 1   305 1   PO4 PO4 B . 
G 6 HOH 1   401 130 HOH HOH B . 
G 6 HOH 2   402 114 HOH HOH B . 
G 6 HOH 3   403 11  HOH HOH B . 
G 6 HOH 4   404 88  HOH HOH B . 
G 6 HOH 5   405 23  HOH HOH B . 
G 6 HOH 6   406 131 HOH HOH B . 
G 6 HOH 7   407 46  HOH HOH B . 
G 6 HOH 8   408 123 HOH HOH B . 
G 6 HOH 9   409 51  HOH HOH B . 
G 6 HOH 10  410 65  HOH HOH B . 
G 6 HOH 11  411 19  HOH HOH B . 
G 6 HOH 12  412 84  HOH HOH B . 
G 6 HOH 13  413 33  HOH HOH B . 
G 6 HOH 14  414 101 HOH HOH B . 
G 6 HOH 15  415 3   HOH HOH B . 
G 6 HOH 16  416 52  HOH HOH B . 
G 6 HOH 17  417 110 HOH HOH B . 
G 6 HOH 18  418 5   HOH HOH B . 
G 6 HOH 19  419 28  HOH HOH B . 
G 6 HOH 20  420 120 HOH HOH B . 
G 6 HOH 21  421 41  HOH HOH B . 
G 6 HOH 22  422 89  HOH HOH B . 
G 6 HOH 23  423 9   HOH HOH B . 
G 6 HOH 24  424 30  HOH HOH B . 
G 6 HOH 25  425 54  HOH HOH B . 
G 6 HOH 26  426 74  HOH HOH B . 
G 6 HOH 27  427 8   HOH HOH B . 
G 6 HOH 28  428 57  HOH HOH B . 
G 6 HOH 29  429 53  HOH HOH B . 
G 6 HOH 30  430 76  HOH HOH B . 
G 6 HOH 31  431 104 HOH HOH B . 
G 6 HOH 32  432 1   HOH HOH B . 
G 6 HOH 33  433 32  HOH HOH B . 
G 6 HOH 34  434 18  HOH HOH B . 
G 6 HOH 35  435 64  HOH HOH B . 
G 6 HOH 36  436 36  HOH HOH B . 
G 6 HOH 37  437 15  HOH HOH B . 
G 6 HOH 38  438 40  HOH HOH B . 
G 6 HOH 39  439 90  HOH HOH B . 
G 6 HOH 40  440 47  HOH HOH B . 
G 6 HOH 41  441 86  HOH HOH B . 
G 6 HOH 42  442 14  HOH HOH B . 
G 6 HOH 43  443 50  HOH HOH B . 
G 6 HOH 44  444 116 HOH HOH B . 
G 6 HOH 45  445 87  HOH HOH B . 
G 6 HOH 46  446 126 HOH HOH B . 
G 6 HOH 47  447 125 HOH HOH B . 
G 6 HOH 48  448 79  HOH HOH B . 
G 6 HOH 49  449 12  HOH HOH B . 
G 6 HOH 50  450 20  HOH HOH B . 
G 6 HOH 51  451 7   HOH HOH B . 
G 6 HOH 52  452 117 HOH HOH B . 
G 6 HOH 53  453 94  HOH HOH B . 
G 6 HOH 54  454 99  HOH HOH B . 
G 6 HOH 55  455 55  HOH HOH B . 
G 6 HOH 56  456 39  HOH HOH B . 
G 6 HOH 57  457 44  HOH HOH B . 
G 6 HOH 58  458 4   HOH HOH B . 
G 6 HOH 59  459 16  HOH HOH B . 
G 6 HOH 60  460 21  HOH HOH B . 
G 6 HOH 61  461 13  HOH HOH B . 
G 6 HOH 62  462 35  HOH HOH B . 
G 6 HOH 63  463 27  HOH HOH B . 
G 6 HOH 64  464 91  HOH HOH B . 
G 6 HOH 65  465 59  HOH HOH B . 
G 6 HOH 66  466 17  HOH HOH B . 
G 6 HOH 67  467 31  HOH HOH B . 
G 6 HOH 68  468 72  HOH HOH B . 
G 6 HOH 69  469 106 HOH HOH B . 
G 6 HOH 70  470 25  HOH HOH B . 
G 6 HOH 71  471 24  HOH HOH B . 
G 6 HOH 72  472 111 HOH HOH B . 
G 6 HOH 73  473 10  HOH HOH B . 
G 6 HOH 74  474 2   HOH HOH B . 
G 6 HOH 75  475 58  HOH HOH B . 
G 6 HOH 76  476 93  HOH HOH B . 
G 6 HOH 77  477 26  HOH HOH B . 
G 6 HOH 78  478 66  HOH HOH B . 
G 6 HOH 79  479 34  HOH HOH B . 
G 6 HOH 80  480 56  HOH HOH B . 
G 6 HOH 81  481 97  HOH HOH B . 
G 6 HOH 82  482 81  HOH HOH B . 
G 6 HOH 83  483 6   HOH HOH B . 
G 6 HOH 84  484 48  HOH HOH B . 
G 6 HOH 85  485 45  HOH HOH B . 
G 6 HOH 86  486 129 HOH HOH B . 
G 6 HOH 87  487 85  HOH HOH B . 
G 6 HOH 88  488 38  HOH HOH B . 
G 6 HOH 89  489 37  HOH HOH B . 
G 6 HOH 90  490 70  HOH HOH B . 
G 6 HOH 91  491 78  HOH HOH B . 
G 6 HOH 92  492 22  HOH HOH B . 
G 6 HOH 93  493 61  HOH HOH B . 
G 6 HOH 94  494 100 HOH HOH B . 
G 6 HOH 95  495 109 HOH HOH B . 
G 6 HOH 96  496 43  HOH HOH B . 
G 6 HOH 97  497 29  HOH HOH B . 
G 6 HOH 98  498 122 HOH HOH B . 
G 6 HOH 99  499 42  HOH HOH B . 
G 6 HOH 100 500 128 HOH HOH B . 
G 6 HOH 101 501 119 HOH HOH B . 
G 6 HOH 102 502 96  HOH HOH B . 
G 6 HOH 103 503 127 HOH HOH B . 
G 6 HOH 104 504 92  HOH HOH B . 
G 6 HOH 105 505 69  HOH HOH B . 
G 6 HOH 106 506 132 HOH HOH B . 
G 6 HOH 107 507 67  HOH HOH B . 
G 6 HOH 108 508 121 HOH HOH B . 
G 6 HOH 109 509 112 HOH HOH B . 
G 6 HOH 110 510 71  HOH HOH B . 
G 6 HOH 111 511 95  HOH HOH B . 
G 6 HOH 112 512 73  HOH HOH B . 
G 6 HOH 113 513 118 HOH HOH B . 
G 6 HOH 114 514 135 HOH HOH B . 
G 6 HOH 115 515 98  HOH HOH B . 
G 6 HOH 116 516 49  HOH HOH B . 
G 6 HOH 117 517 133 HOH HOH B . 
G 6 HOH 118 518 63  HOH HOH B . 
G 6 HOH 119 519 68  HOH HOH B . 
G 6 HOH 120 520 105 HOH HOH B . 
G 6 HOH 121 521 108 HOH HOH B . 
G 6 HOH 122 522 124 HOH HOH B . 
G 6 HOH 123 523 115 HOH HOH B . 
G 6 HOH 124 524 102 HOH HOH B . 
G 6 HOH 125 525 62  HOH HOH B . 
G 6 HOH 126 526 103 HOH HOH B . 
G 6 HOH 127 527 83  HOH HOH B . 
G 6 HOH 128 528 60  HOH HOH B . 
G 6 HOH 129 529 75  HOH HOH B . 
G 6 HOH 130 530 80  HOH HOH B . 
G 6 HOH 131 531 82  HOH HOH B . 
G 6 HOH 132 532 134 HOH HOH B . 
G 6 HOH 133 533 77  HOH HOH B . 
G 6 HOH 134 534 113 HOH HOH B . 
G 6 HOH 135 535 107 HOH HOH B . 
# 
_pdbx_struct_assembly.id                   1 
_pdbx_struct_assembly.details              author_and_software_defined_assembly 
_pdbx_struct_assembly.method_details       PISA 
_pdbx_struct_assembly.oligomeric_details   dimeric 
_pdbx_struct_assembly.oligomeric_count     2 
# 
_pdbx_struct_assembly_gen.assembly_id       1 
_pdbx_struct_assembly_gen.oper_expression   1,2 
_pdbx_struct_assembly_gen.asym_id_list      A,B,C,D,E,F,G 
# 
loop_
_pdbx_struct_assembly_prop.biol_id 
_pdbx_struct_assembly_prop.type 
_pdbx_struct_assembly_prop.value 
_pdbx_struct_assembly_prop.details 
1 'ABSA (A^2)' 3280  ? 
1 MORE         -83   ? 
1 'SSA (A^2)'  14700 ? 
# 
loop_
_pdbx_struct_oper_list.id 
_pdbx_struct_oper_list.type 
_pdbx_struct_oper_list.name 
_pdbx_struct_oper_list.symmetry_operation 
_pdbx_struct_oper_list.matrix[1][1] 
_pdbx_struct_oper_list.matrix[1][2] 
_pdbx_struct_oper_list.matrix[1][3] 
_pdbx_struct_oper_list.vector[1] 
_pdbx_struct_oper_list.matrix[2][1] 
_pdbx_struct_oper_list.matrix[2][2] 
_pdbx_struct_oper_list.matrix[2][3] 
_pdbx_struct_oper_list.vector[2] 
_pdbx_struct_oper_list.matrix[3][1] 
_pdbx_struct_oper_list.matrix[3][2] 
_pdbx_struct_oper_list.matrix[3][3] 
_pdbx_struct_oper_list.vector[3] 
1 'identity operation'         1_555 x,y,z       1.0000000000  0.0000000000  0.0000000000  0.0000000000  0.0000000000  1.0000000000 0.0000000000 0.0000000000  0.0000000000  0.0000000000 1.0000000000  0.0000000000   
2 'crystal symmetry operation' 3_554 -x,y,-z-1/2 -0.7440721765 -0.6390672511 -0.1948066855 10.2978174662 -0.6390672511 0.5957895701 0.4864440735 13.3277117862 -0.1948066855 0.4864440735 -0.8517173936 -30.1930403945 
# 
loop_
_pdbx_struct_special_symmetry.id 
_pdbx_struct_special_symmetry.PDB_model_num 
_pdbx_struct_special_symmetry.auth_asym_id 
_pdbx_struct_special_symmetry.auth_comp_id 
_pdbx_struct_special_symmetry.auth_seq_id 
_pdbx_struct_special_symmetry.PDB_ins_code 
_pdbx_struct_special_symmetry.label_asym_id 
_pdbx_struct_special_symmetry.label_comp_id 
_pdbx_struct_special_symmetry.label_seq_id 
1 1 B K   302 ? C K   . 
2 1 B HOH 532 ? G HOH . 
# 
loop_
_pdbx_struct_conn_angle.id 
_pdbx_struct_conn_angle.ptnr1_label_atom_id 
_pdbx_struct_conn_angle.ptnr1_label_alt_id 
_pdbx_struct_conn_angle.ptnr1_label_asym_id 
_pdbx_struct_conn_angle.ptnr1_label_comp_id 
_pdbx_struct_conn_angle.ptnr1_label_seq_id 
_pdbx_struct_conn_angle.ptnr1_auth_atom_id 
_pdbx_struct_conn_angle.ptnr1_auth_asym_id 
_pdbx_struct_conn_angle.ptnr1_auth_comp_id 
_pdbx_struct_conn_angle.ptnr1_auth_seq_id 
_pdbx_struct_conn_angle.ptnr1_PDB_ins_code 
_pdbx_struct_conn_angle.ptnr1_symmetry 
_pdbx_struct_conn_angle.ptnr2_label_atom_id 
_pdbx_struct_conn_angle.ptnr2_label_alt_id 
_pdbx_struct_conn_angle.ptnr2_label_asym_id 
_pdbx_struct_conn_angle.ptnr2_label_comp_id 
_pdbx_struct_conn_angle.ptnr2_label_seq_id 
_pdbx_struct_conn_angle.ptnr2_auth_atom_id 
_pdbx_struct_conn_angle.ptnr2_auth_asym_id 
_pdbx_struct_conn_angle.ptnr2_auth_comp_id 
_pdbx_struct_conn_angle.ptnr2_auth_seq_id 
_pdbx_struct_conn_angle.ptnr2_PDB_ins_code 
_pdbx_struct_conn_angle.ptnr2_symmetry 
_pdbx_struct_conn_angle.ptnr3_label_atom_id 
_pdbx_struct_conn_angle.ptnr3_label_alt_id 
_pdbx_struct_conn_angle.ptnr3_label_asym_id 
_pdbx_struct_conn_angle.ptnr3_label_comp_id 
_pdbx_struct_conn_angle.ptnr3_label_seq_id 
_pdbx_struct_conn_angle.ptnr3_auth_atom_id 
_pdbx_struct_conn_angle.ptnr3_auth_asym_id 
_pdbx_struct_conn_angle.ptnr3_auth_comp_id 
_pdbx_struct_conn_angle.ptnr3_auth_seq_id 
_pdbx_struct_conn_angle.ptnr3_PDB_ins_code 
_pdbx_struct_conn_angle.ptnr3_symmetry 
_pdbx_struct_conn_angle.value 
_pdbx_struct_conn_angle.value_esd 
1  NE2 ? A HIS 115 ? B HIS 115 ? 1_555 FE ? D FE . ? B FE 303 ? 1_555 OD2 ? A ASP 117 ? B ASP 117 ? 1_555 102.4 ? 
2  NE2 ? A HIS 115 ? B HIS 115 ? 1_555 FE ? D FE . ? B FE 303 ? 1_555 NE2 ? A HIS 160 ? B HIS 160 ? 1_555 87.3  ? 
3  OD2 ? A ASP 117 ? B ASP 117 ? 1_555 FE ? D FE . ? B FE 303 ? 1_555 NE2 ? A HIS 160 ? B HIS 160 ? 1_555 92.2  ? 
4  NE2 ? A HIS 115 ? B HIS 115 ? 1_555 FE ? D FE . ? B FE 303 ? 1_555 O1  ? B AKG .   ? B AKG 301 ? 1_555 173.9 ? 
5  OD2 ? A ASP 117 ? B ASP 117 ? 1_555 FE ? D FE . ? B FE 303 ? 1_555 O1  ? B AKG .   ? B AKG 301 ? 1_555 78.2  ? 
6  NE2 ? A HIS 160 ? B HIS 160 ? 1_555 FE ? D FE . ? B FE 303 ? 1_555 O1  ? B AKG .   ? B AKG 301 ? 1_555 98.7  ? 
7  NE2 ? A HIS 115 ? B HIS 115 ? 1_555 FE ? D FE . ? B FE 303 ? 1_555 O5  ? B AKG .   ? B AKG 301 ? 1_555 96.5  ? 
8  OD2 ? A ASP 117 ? B ASP 117 ? 1_555 FE ? D FE . ? B FE 303 ? 1_555 O5  ? B AKG .   ? B AKG 301 ? 1_555 160.9 ? 
9  NE2 ? A HIS 160 ? B HIS 160 ? 1_555 FE ? D FE . ? B FE 303 ? 1_555 O5  ? B AKG .   ? B AKG 301 ? 1_555 91.8  ? 
10 O1  ? B AKG .   ? B AKG 301 ? 1_555 FE ? D FE . ? B FE 303 ? 1_555 O5  ? B AKG .   ? B AKG 301 ? 1_555 82.7  ? 
# 
loop_
_pdbx_audit_revision_history.ordinal 
_pdbx_audit_revision_history.data_content_type 
_pdbx_audit_revision_history.major_revision 
_pdbx_audit_revision_history.minor_revision 
_pdbx_audit_revision_history.revision_date 
1 'Structure model' 1 0 2022-02-23 
2 'Structure model' 1 1 2022-08-10 
3 'Structure model' 1 2 2023-11-29 
# 
_pdbx_audit_revision_details.ordinal             1 
_pdbx_audit_revision_details.revision_ordinal    1 
_pdbx_audit_revision_details.data_content_type   'Structure model' 
_pdbx_audit_revision_details.provider            repository 
_pdbx_audit_revision_details.type                'Initial release' 
_pdbx_audit_revision_details.description         ? 
_pdbx_audit_revision_details.details             ? 
# 
loop_
_pdbx_audit_revision_group.ordinal 
_pdbx_audit_revision_group.revision_ordinal 
_pdbx_audit_revision_group.data_content_type 
_pdbx_audit_revision_group.group 
1 2 'Structure model' 'Database references'    
2 3 'Structure model' 'Data collection'        
3 3 'Structure model' 'Refinement description' 
# 
loop_
_pdbx_audit_revision_category.ordinal 
_pdbx_audit_revision_category.revision_ordinal 
_pdbx_audit_revision_category.data_content_type 
_pdbx_audit_revision_category.category 
1 2 'Structure model' citation                      
2 2 'Structure model' citation_author               
3 3 'Structure model' chem_comp_atom                
4 3 'Structure model' chem_comp_bond                
5 3 'Structure model' pdbx_initial_refinement_model 
# 
loop_
_pdbx_audit_revision_item.ordinal 
_pdbx_audit_revision_item.revision_ordinal 
_pdbx_audit_revision_item.data_content_type 
_pdbx_audit_revision_item.item 
1 2 'Structure model' '_citation.country'                 
2 2 'Structure model' '_citation.journal_abbrev'          
3 2 'Structure model' '_citation.journal_id_ISSN'         
4 2 'Structure model' '_citation.journal_volume'          
5 2 'Structure model' '_citation.page_first'              
6 2 'Structure model' '_citation.pdbx_database_id_DOI'    
7 2 'Structure model' '_citation.pdbx_database_id_PubMed' 
8 2 'Structure model' '_citation.title'                   
9 2 'Structure model' '_citation.year'                    
# 
loop_
_software.citation_id 
_software.classification 
_software.compiler_name 
_software.compiler_version 
_software.contact_author 
_software.contact_author_email 
_software.date 
_software.description 
_software.dependencies 
_software.hardware 
_software.language 
_software.location 
_software.mods 
_software.name 
_software.os 
_software.os_version 
_software.type 
_software.version 
_software.pdbx_ordinal 
? refinement       ? ? ? ? ? ? ? ? ? ? ? PHENIX   ? ? ? '(1.14_3260: ???)' 1 
? 'data reduction' ? ? ? ? ? ? ? ? ? ? ? HKL-2000 ? ? ? .                  2 
? 'data scaling'   ? ? ? ? ? ? ? ? ? ? ? HKL-2000 ? ? ? .                  3 
? phasing          ? ? ? ? ? ? ? ? ? ? ? PHENIX   ? ? ? .                  4 
# 
_pdbx_entry_details.entry_id                 7V4M 
_pdbx_entry_details.nonpolymer_details       ? 
_pdbx_entry_details.sequence_details         ? 
_pdbx_entry_details.compound_details         ? 
_pdbx_entry_details.source_details           ? 
_pdbx_entry_details.has_ligand_of_interest   Y 
# 
loop_
_pdbx_validate_close_contact.id 
_pdbx_validate_close_contact.PDB_model_num 
_pdbx_validate_close_contact.auth_atom_id_1 
_pdbx_validate_close_contact.auth_asym_id_1 
_pdbx_validate_close_contact.auth_comp_id_1 
_pdbx_validate_close_contact.auth_seq_id_1 
_pdbx_validate_close_contact.PDB_ins_code_1 
_pdbx_validate_close_contact.label_alt_id_1 
_pdbx_validate_close_contact.auth_atom_id_2 
_pdbx_validate_close_contact.auth_asym_id_2 
_pdbx_validate_close_contact.auth_comp_id_2 
_pdbx_validate_close_contact.auth_seq_id_2 
_pdbx_validate_close_contact.PDB_ins_code_2 
_pdbx_validate_close_contact.label_alt_id_2 
_pdbx_validate_close_contact.dist 
1 1 OE2 B GLU 35  ? ? O B HOH 401 ? ? 1.89 
2 1 O   B HOH 414 ? ? O B HOH 486 ? ? 1.90 
3 1 O   B HOH 463 ? ? O B HOH 477 ? ? 2.05 
4 1 NH2 B ARG 83  ? ? O B HOH 402 ? ? 2.08 
5 1 OD1 B ASP 57  ? ? O B HOH 403 ? ? 2.13 
6 1 FE  B FE  303 ? ? O B HOH 464 ? ? 2.14 
# 
loop_
_pdbx_validate_torsion.id 
_pdbx_validate_torsion.PDB_model_num 
_pdbx_validate_torsion.auth_comp_id 
_pdbx_validate_torsion.auth_asym_id 
_pdbx_validate_torsion.auth_seq_id 
_pdbx_validate_torsion.PDB_ins_code 
_pdbx_validate_torsion.label_alt_id 
_pdbx_validate_torsion.phi 
_pdbx_validate_torsion.psi 
1 1 PHE B 41  ? ? 76.45   166.57 
2 1 SER B 71  ? ? -170.35 135.42 
3 1 ASP B 178 ? ? -107.08 -71.75 
# 
loop_
_pdbx_unobs_or_zero_occ_residues.id 
_pdbx_unobs_or_zero_occ_residues.PDB_model_num 
_pdbx_unobs_or_zero_occ_residues.polymer_flag 
_pdbx_unobs_or_zero_occ_residues.occupancy_flag 
_pdbx_unobs_or_zero_occ_residues.auth_asym_id 
_pdbx_unobs_or_zero_occ_residues.auth_comp_id 
_pdbx_unobs_or_zero_occ_residues.auth_seq_id 
_pdbx_unobs_or_zero_occ_residues.PDB_ins_code 
_pdbx_unobs_or_zero_occ_residues.label_asym_id 
_pdbx_unobs_or_zero_occ_residues.label_comp_id 
_pdbx_unobs_or_zero_occ_residues.label_seq_id 
1  1 Y 1 B MET 1   ? A MET 1   
2  1 Y 1 B PRO 2   ? A PRO 2   
3  1 Y 1 B GLY 3   ? A GLY 3   
4  1 Y 1 B ARG 4   ? A ARG 4   
5  1 Y 1 B ARG 5   ? A ARG 5   
6  1 Y 1 B LYS 6   ? A LYS 6   
7  1 Y 1 B ALA 7   ? A ALA 7   
8  1 Y 1 B CYS 8   ? A CYS 8   
9  1 Y 1 B PHE 9   ? A PHE 9   
10 1 Y 1 B VAL 10  ? A VAL 10  
11 1 Y 1 B THR 11  ? A THR 11  
12 1 Y 1 B GLU 180 ? A GLU 180 
13 1 Y 1 B SER 181 ? A SER 181 
14 1 Y 1 B LYS 182 ? A LYS 182 
# 
loop_
_chem_comp_atom.comp_id 
_chem_comp_atom.atom_id 
_chem_comp_atom.type_symbol 
_chem_comp_atom.pdbx_aromatic_flag 
_chem_comp_atom.pdbx_stereo_config 
_chem_comp_atom.pdbx_ordinal 
AKG C1   C  N N 1   
AKG O1   O  N N 2   
AKG O2   O  N N 3   
AKG C2   C  N N 4   
AKG O5   O  N N 5   
AKG C3   C  N N 6   
AKG C4   C  N N 7   
AKG C5   C  N N 8   
AKG O3   O  N N 9   
AKG O4   O  N N 10  
AKG HO2  H  N N 11  
AKG H31  H  N N 12  
AKG H32  H  N N 13  
AKG H41  H  N N 14  
AKG H42  H  N N 15  
AKG HO4  H  N N 16  
ALA N    N  N N 17  
ALA CA   C  N S 18  
ALA C    C  N N 19  
ALA O    O  N N 20  
ALA CB   C  N N 21  
ALA OXT  O  N N 22  
ALA H    H  N N 23  
ALA H2   H  N N 24  
ALA HA   H  N N 25  
ALA HB1  H  N N 26  
ALA HB2  H  N N 27  
ALA HB3  H  N N 28  
ALA HXT  H  N N 29  
ARG N    N  N N 30  
ARG CA   C  N S 31  
ARG C    C  N N 32  
ARG O    O  N N 33  
ARG CB   C  N N 34  
ARG CG   C  N N 35  
ARG CD   C  N N 36  
ARG NE   N  N N 37  
ARG CZ   C  N N 38  
ARG NH1  N  N N 39  
ARG NH2  N  N N 40  
ARG OXT  O  N N 41  
ARG H    H  N N 42  
ARG H2   H  N N 43  
ARG HA   H  N N 44  
ARG HB2  H  N N 45  
ARG HB3  H  N N 46  
ARG HG2  H  N N 47  
ARG HG3  H  N N 48  
ARG HD2  H  N N 49  
ARG HD3  H  N N 50  
ARG HE   H  N N 51  
ARG HH11 H  N N 52  
ARG HH12 H  N N 53  
ARG HH21 H  N N 54  
ARG HH22 H  N N 55  
ARG HXT  H  N N 56  
ASN N    N  N N 57  
ASN CA   C  N S 58  
ASN C    C  N N 59  
ASN O    O  N N 60  
ASN CB   C  N N 61  
ASN CG   C  N N 62  
ASN OD1  O  N N 63  
ASN ND2  N  N N 64  
ASN OXT  O  N N 65  
ASN H    H  N N 66  
ASN H2   H  N N 67  
ASN HA   H  N N 68  
ASN HB2  H  N N 69  
ASN HB3  H  N N 70  
ASN HD21 H  N N 71  
ASN HD22 H  N N 72  
ASN HXT  H  N N 73  
ASP N    N  N N 74  
ASP CA   C  N S 75  
ASP C    C  N N 76  
ASP O    O  N N 77  
ASP CB   C  N N 78  
ASP CG   C  N N 79  
ASP OD1  O  N N 80  
ASP OD2  O  N N 81  
ASP OXT  O  N N 82  
ASP H    H  N N 83  
ASP H2   H  N N 84  
ASP HA   H  N N 85  
ASP HB2  H  N N 86  
ASP HB3  H  N N 87  
ASP HD2  H  N N 88  
ASP HXT  H  N N 89  
CYS N    N  N N 90  
CYS CA   C  N R 91  
CYS C    C  N N 92  
CYS O    O  N N 93  
CYS CB   C  N N 94  
CYS SG   S  N N 95  
CYS OXT  O  N N 96  
CYS H    H  N N 97  
CYS H2   H  N N 98  
CYS HA   H  N N 99  
CYS HB2  H  N N 100 
CYS HB3  H  N N 101 
CYS HG   H  N N 102 
CYS HXT  H  N N 103 
FE  FE   FE N N 104 
GLN N    N  N N 105 
GLN CA   C  N S 106 
GLN C    C  N N 107 
GLN O    O  N N 108 
GLN CB   C  N N 109 
GLN CG   C  N N 110 
GLN CD   C  N N 111 
GLN OE1  O  N N 112 
GLN NE2  N  N N 113 
GLN OXT  O  N N 114 
GLN H    H  N N 115 
GLN H2   H  N N 116 
GLN HA   H  N N 117 
GLN HB2  H  N N 118 
GLN HB3  H  N N 119 
GLN HG2  H  N N 120 
GLN HG3  H  N N 121 
GLN HE21 H  N N 122 
GLN HE22 H  N N 123 
GLN HXT  H  N N 124 
GLU N    N  N N 125 
GLU CA   C  N S 126 
GLU C    C  N N 127 
GLU O    O  N N 128 
GLU CB   C  N N 129 
GLU CG   C  N N 130 
GLU CD   C  N N 131 
GLU OE1  O  N N 132 
GLU OE2  O  N N 133 
GLU OXT  O  N N 134 
GLU H    H  N N 135 
GLU H2   H  N N 136 
GLU HA   H  N N 137 
GLU HB2  H  N N 138 
GLU HB3  H  N N 139 
GLU HG2  H  N N 140 
GLU HG3  H  N N 141 
GLU HE2  H  N N 142 
GLU HXT  H  N N 143 
GLY N    N  N N 144 
GLY CA   C  N N 145 
GLY C    C  N N 146 
GLY O    O  N N 147 
GLY OXT  O  N N 148 
GLY H    H  N N 149 
GLY H2   H  N N 150 
GLY HA2  H  N N 151 
GLY HA3  H  N N 152 
GLY HXT  H  N N 153 
HIS N    N  N N 154 
HIS CA   C  N S 155 
HIS C    C  N N 156 
HIS O    O  N N 157 
HIS CB   C  N N 158 
HIS CG   C  Y N 159 
HIS ND1  N  Y N 160 
HIS CD2  C  Y N 161 
HIS CE1  C  Y N 162 
HIS NE2  N  Y N 163 
HIS OXT  O  N N 164 
HIS H    H  N N 165 
HIS H2   H  N N 166 
HIS HA   H  N N 167 
HIS HB2  H  N N 168 
HIS HB3  H  N N 169 
HIS HD1  H  N N 170 
HIS HD2  H  N N 171 
HIS HE1  H  N N 172 
HIS HE2  H  N N 173 
HIS HXT  H  N N 174 
HOH O    O  N N 175 
HOH H1   H  N N 176 
HOH H2   H  N N 177 
ILE N    N  N N 178 
ILE CA   C  N S 179 
ILE C    C  N N 180 
ILE O    O  N N 181 
ILE CB   C  N S 182 
ILE CG1  C  N N 183 
ILE CG2  C  N N 184 
ILE CD1  C  N N 185 
ILE OXT  O  N N 186 
ILE H    H  N N 187 
ILE H2   H  N N 188 
ILE HA   H  N N 189 
ILE HB   H  N N 190 
ILE HG12 H  N N 191 
ILE HG13 H  N N 192 
ILE HG21 H  N N 193 
ILE HG22 H  N N 194 
ILE HG23 H  N N 195 
ILE HD11 H  N N 196 
ILE HD12 H  N N 197 
ILE HD13 H  N N 198 
ILE HXT  H  N N 199 
K   K    K  N N 200 
LEU N    N  N N 201 
LEU CA   C  N S 202 
LEU C    C  N N 203 
LEU O    O  N N 204 
LEU CB   C  N N 205 
LEU CG   C  N N 206 
LEU CD1  C  N N 207 
LEU CD2  C  N N 208 
LEU OXT  O  N N 209 
LEU H    H  N N 210 
LEU H2   H  N N 211 
LEU HA   H  N N 212 
LEU HB2  H  N N 213 
LEU HB3  H  N N 214 
LEU HG   H  N N 215 
LEU HD11 H  N N 216 
LEU HD12 H  N N 217 
LEU HD13 H  N N 218 
LEU HD21 H  N N 219 
LEU HD22 H  N N 220 
LEU HD23 H  N N 221 
LEU HXT  H  N N 222 
LYS N    N  N N 223 
LYS CA   C  N S 224 
LYS C    C  N N 225 
LYS O    O  N N 226 
LYS CB   C  N N 227 
LYS CG   C  N N 228 
LYS CD   C  N N 229 
LYS CE   C  N N 230 
LYS NZ   N  N N 231 
LYS OXT  O  N N 232 
LYS H    H  N N 233 
LYS H2   H  N N 234 
LYS HA   H  N N 235 
LYS HB2  H  N N 236 
LYS HB3  H  N N 237 
LYS HG2  H  N N 238 
LYS HG3  H  N N 239 
LYS HD2  H  N N 240 
LYS HD3  H  N N 241 
LYS HE2  H  N N 242 
LYS HE3  H  N N 243 
LYS HZ1  H  N N 244 
LYS HZ2  H  N N 245 
LYS HZ3  H  N N 246 
LYS HXT  H  N N 247 
MET N    N  N N 248 
MET CA   C  N S 249 
MET C    C  N N 250 
MET O    O  N N 251 
MET CB   C  N N 252 
MET CG   C  N N 253 
MET SD   S  N N 254 
MET CE   C  N N 255 
MET OXT  O  N N 256 
MET H    H  N N 257 
MET H2   H  N N 258 
MET HA   H  N N 259 
MET HB2  H  N N 260 
MET HB3  H  N N 261 
MET HG2  H  N N 262 
MET HG3  H  N N 263 
MET HE1  H  N N 264 
MET HE2  H  N N 265 
MET HE3  H  N N 266 
MET HXT  H  N N 267 
PHE N    N  N N 268 
PHE CA   C  N S 269 
PHE C    C  N N 270 
PHE O    O  N N 271 
PHE CB   C  N N 272 
PHE CG   C  Y N 273 
PHE CD1  C  Y N 274 
PHE CD2  C  Y N 275 
PHE CE1  C  Y N 276 
PHE CE2  C  Y N 277 
PHE CZ   C  Y N 278 
PHE OXT  O  N N 279 
PHE H    H  N N 280 
PHE H2   H  N N 281 
PHE HA   H  N N 282 
PHE HB2  H  N N 283 
PHE HB3  H  N N 284 
PHE HD1  H  N N 285 
PHE HD2  H  N N 286 
PHE HE1  H  N N 287 
PHE HE2  H  N N 288 
PHE HZ   H  N N 289 
PHE HXT  H  N N 290 
PO4 P    P  N N 291 
PO4 O1   O  N N 292 
PO4 O2   O  N N 293 
PO4 O3   O  N N 294 
PO4 O4   O  N N 295 
PRO N    N  N N 296 
PRO CA   C  N S 297 
PRO C    C  N N 298 
PRO O    O  N N 299 
PRO CB   C  N N 300 
PRO CG   C  N N 301 
PRO CD   C  N N 302 
PRO OXT  O  N N 303 
PRO H    H  N N 304 
PRO HA   H  N N 305 
PRO HB2  H  N N 306 
PRO HB3  H  N N 307 
PRO HG2  H  N N 308 
PRO HG3  H  N N 309 
PRO HD2  H  N N 310 
PRO HD3  H  N N 311 
PRO HXT  H  N N 312 
SER N    N  N N 313 
SER CA   C  N S 314 
SER C    C  N N 315 
SER O    O  N N 316 
SER CB   C  N N 317 
SER OG   O  N N 318 
SER OXT  O  N N 319 
SER H    H  N N 320 
SER H2   H  N N 321 
SER HA   H  N N 322 
SER HB2  H  N N 323 
SER HB3  H  N N 324 
SER HG   H  N N 325 
SER HXT  H  N N 326 
THR N    N  N N 327 
THR CA   C  N S 328 
THR C    C  N N 329 
THR O    O  N N 330 
THR CB   C  N R 331 
THR OG1  O  N N 332 
THR CG2  C  N N 333 
THR OXT  O  N N 334 
THR H    H  N N 335 
THR H2   H  N N 336 
THR HA   H  N N 337 
THR HB   H  N N 338 
THR HG1  H  N N 339 
THR HG21 H  N N 340 
THR HG22 H  N N 341 
THR HG23 H  N N 342 
THR HXT  H  N N 343 
TRP N    N  N N 344 
TRP CA   C  N S 345 
TRP C    C  N N 346 
TRP O    O  N N 347 
TRP CB   C  N N 348 
TRP CG   C  Y N 349 
TRP CD1  C  Y N 350 
TRP CD2  C  Y N 351 
TRP NE1  N  Y N 352 
TRP CE2  C  Y N 353 
TRP CE3  C  Y N 354 
TRP CZ2  C  Y N 355 
TRP CZ3  C  Y N 356 
TRP CH2  C  Y N 357 
TRP OXT  O  N N 358 
TRP H    H  N N 359 
TRP H2   H  N N 360 
TRP HA   H  N N 361 
TRP HB2  H  N N 362 
TRP HB3  H  N N 363 
TRP HD1  H  N N 364 
TRP HE1  H  N N 365 
TRP HE3  H  N N 366 
TRP HZ2  H  N N 367 
TRP HZ3  H  N N 368 
TRP HH2  H  N N 369 
TRP HXT  H  N N 370 
TYR N    N  N N 371 
TYR CA   C  N S 372 
TYR C    C  N N 373 
TYR O    O  N N 374 
TYR CB   C  N N 375 
TYR CG   C  Y N 376 
TYR CD1  C  Y N 377 
TYR CD2  C  Y N 378 
TYR CE1  C  Y N 379 
TYR CE2  C  Y N 380 
TYR CZ   C  Y N 381 
TYR OH   O  N N 382 
TYR OXT  O  N N 383 
TYR H    H  N N 384 
TYR H2   H  N N 385 
TYR HA   H  N N 386 
TYR HB2  H  N N 387 
TYR HB3  H  N N 388 
TYR HD1  H  N N 389 
TYR HD2  H  N N 390 
TYR HE1  H  N N 391 
TYR HE2  H  N N 392 
TYR HH   H  N N 393 
TYR HXT  H  N N 394 
VAL N    N  N N 395 
VAL CA   C  N S 396 
VAL C    C  N N 397 
VAL O    O  N N 398 
VAL CB   C  N N 399 
VAL CG1  C  N N 400 
VAL CG2  C  N N 401 
VAL OXT  O  N N 402 
VAL H    H  N N 403 
VAL H2   H  N N 404 
VAL HA   H  N N 405 
VAL HB   H  N N 406 
VAL HG11 H  N N 407 
VAL HG12 H  N N 408 
VAL HG13 H  N N 409 
VAL HG21 H  N N 410 
VAL HG22 H  N N 411 
VAL HG23 H  N N 412 
VAL HXT  H  N N 413 
# 
loop_
_chem_comp_bond.comp_id 
_chem_comp_bond.atom_id_1 
_chem_comp_bond.atom_id_2 
_chem_comp_bond.value_order 
_chem_comp_bond.pdbx_aromatic_flag 
_chem_comp_bond.pdbx_stereo_config 
_chem_comp_bond.pdbx_ordinal 
AKG C1  O1   doub N N 1   
AKG C1  O2   sing N N 2   
AKG C1  C2   sing N N 3   
AKG O2  HO2  sing N N 4   
AKG C2  O5   doub N N 5   
AKG C2  C3   sing N N 6   
AKG C3  C4   sing N N 7   
AKG C3  H31  sing N N 8   
AKG C3  H32  sing N N 9   
AKG C4  C5   sing N N 10  
AKG C4  H41  sing N N 11  
AKG C4  H42  sing N N 12  
AKG C5  O3   doub N N 13  
AKG C5  O4   sing N N 14  
AKG O4  HO4  sing N N 15  
ALA N   CA   sing N N 16  
ALA N   H    sing N N 17  
ALA N   H2   sing N N 18  
ALA CA  C    sing N N 19  
ALA CA  CB   sing N N 20  
ALA CA  HA   sing N N 21  
ALA C   O    doub N N 22  
ALA C   OXT  sing N N 23  
ALA CB  HB1  sing N N 24  
ALA CB  HB2  sing N N 25  
ALA CB  HB3  sing N N 26  
ALA OXT HXT  sing N N 27  
ARG N   CA   sing N N 28  
ARG N   H    sing N N 29  
ARG N   H2   sing N N 30  
ARG CA  C    sing N N 31  
ARG CA  CB   sing N N 32  
ARG CA  HA   sing N N 33  
ARG C   O    doub N N 34  
ARG C   OXT  sing N N 35  
ARG CB  CG   sing N N 36  
ARG CB  HB2  sing N N 37  
ARG CB  HB3  sing N N 38  
ARG CG  CD   sing N N 39  
ARG CG  HG2  sing N N 40  
ARG CG  HG3  sing N N 41  
ARG CD  NE   sing N N 42  
ARG CD  HD2  sing N N 43  
ARG CD  HD3  sing N N 44  
ARG NE  CZ   sing N N 45  
ARG NE  HE   sing N N 46  
ARG CZ  NH1  sing N N 47  
ARG CZ  NH2  doub N N 48  
ARG NH1 HH11 sing N N 49  
ARG NH1 HH12 sing N N 50  
ARG NH2 HH21 sing N N 51  
ARG NH2 HH22 sing N N 52  
ARG OXT HXT  sing N N 53  
ASN N   CA   sing N N 54  
ASN N   H    sing N N 55  
ASN N   H2   sing N N 56  
ASN CA  C    sing N N 57  
ASN CA  CB   sing N N 58  
ASN CA  HA   sing N N 59  
ASN C   O    doub N N 60  
ASN C   OXT  sing N N 61  
ASN CB  CG   sing N N 62  
ASN CB  HB2  sing N N 63  
ASN CB  HB3  sing N N 64  
ASN CG  OD1  doub N N 65  
ASN CG  ND2  sing N N 66  
ASN ND2 HD21 sing N N 67  
ASN ND2 HD22 sing N N 68  
ASN OXT HXT  sing N N 69  
ASP N   CA   sing N N 70  
ASP N   H    sing N N 71  
ASP N   H2   sing N N 72  
ASP CA  C    sing N N 73  
ASP CA  CB   sing N N 74  
ASP CA  HA   sing N N 75  
ASP C   O    doub N N 76  
ASP C   OXT  sing N N 77  
ASP CB  CG   sing N N 78  
ASP CB  HB2  sing N N 79  
ASP CB  HB3  sing N N 80  
ASP CG  OD1  doub N N 81  
ASP CG  OD2  sing N N 82  
ASP OD2 HD2  sing N N 83  
ASP OXT HXT  sing N N 84  
CYS N   CA   sing N N 85  
CYS N   H    sing N N 86  
CYS N   H2   sing N N 87  
CYS CA  C    sing N N 88  
CYS CA  CB   sing N N 89  
CYS CA  HA   sing N N 90  
CYS C   O    doub N N 91  
CYS C   OXT  sing N N 92  
CYS CB  SG   sing N N 93  
CYS CB  HB2  sing N N 94  
CYS CB  HB3  sing N N 95  
CYS SG  HG   sing N N 96  
CYS OXT HXT  sing N N 97  
GLN N   CA   sing N N 98  
GLN N   H    sing N N 99  
GLN N   H2   sing N N 100 
GLN CA  C    sing N N 101 
GLN CA  CB   sing N N 102 
GLN CA  HA   sing N N 103 
GLN C   O    doub N N 104 
GLN C   OXT  sing N N 105 
GLN CB  CG   sing N N 106 
GLN CB  HB2  sing N N 107 
GLN CB  HB3  sing N N 108 
GLN CG  CD   sing N N 109 
GLN CG  HG2  sing N N 110 
GLN CG  HG3  sing N N 111 
GLN CD  OE1  doub N N 112 
GLN CD  NE2  sing N N 113 
GLN NE2 HE21 sing N N 114 
GLN NE2 HE22 sing N N 115 
GLN OXT HXT  sing N N 116 
GLU N   CA   sing N N 117 
GLU N   H    sing N N 118 
GLU N   H2   sing N N 119 
GLU CA  C    sing N N 120 
GLU CA  CB   sing N N 121 
GLU CA  HA   sing N N 122 
GLU C   O    doub N N 123 
GLU C   OXT  sing N N 124 
GLU CB  CG   sing N N 125 
GLU CB  HB2  sing N N 126 
GLU CB  HB3  sing N N 127 
GLU CG  CD   sing N N 128 
GLU CG  HG2  sing N N 129 
GLU CG  HG3  sing N N 130 
GLU CD  OE1  doub N N 131 
GLU CD  OE2  sing N N 132 
GLU OE2 HE2  sing N N 133 
GLU OXT HXT  sing N N 134 
GLY N   CA   sing N N 135 
GLY N   H    sing N N 136 
GLY N   H2   sing N N 137 
GLY CA  C    sing N N 138 
GLY CA  HA2  sing N N 139 
GLY CA  HA3  sing N N 140 
GLY C   O    doub N N 141 
GLY C   OXT  sing N N 142 
GLY OXT HXT  sing N N 143 
HIS N   CA   sing N N 144 
HIS N   H    sing N N 145 
HIS N   H2   sing N N 146 
HIS CA  C    sing N N 147 
HIS CA  CB   sing N N 148 
HIS CA  HA   sing N N 149 
HIS C   O    doub N N 150 
HIS C   OXT  sing N N 151 
HIS CB  CG   sing N N 152 
HIS CB  HB2  sing N N 153 
HIS CB  HB3  sing N N 154 
HIS CG  ND1  sing Y N 155 
HIS CG  CD2  doub Y N 156 
HIS ND1 CE1  doub Y N 157 
HIS ND1 HD1  sing N N 158 
HIS CD2 NE2  sing Y N 159 
HIS CD2 HD2  sing N N 160 
HIS CE1 NE2  sing Y N 161 
HIS CE1 HE1  sing N N 162 
HIS NE2 HE2  sing N N 163 
HIS OXT HXT  sing N N 164 
HOH O   H1   sing N N 165 
HOH O   H2   sing N N 166 
ILE N   CA   sing N N 167 
ILE N   H    sing N N 168 
ILE N   H2   sing N N 169 
ILE CA  C    sing N N 170 
ILE CA  CB   sing N N 171 
ILE CA  HA   sing N N 172 
ILE C   O    doub N N 173 
ILE C   OXT  sing N N 174 
ILE CB  CG1  sing N N 175 
ILE CB  CG2  sing N N 176 
ILE CB  HB   sing N N 177 
ILE CG1 CD1  sing N N 178 
ILE CG1 HG12 sing N N 179 
ILE CG1 HG13 sing N N 180 
ILE CG2 HG21 sing N N 181 
ILE CG2 HG22 sing N N 182 
ILE CG2 HG23 sing N N 183 
ILE CD1 HD11 sing N N 184 
ILE CD1 HD12 sing N N 185 
ILE CD1 HD13 sing N N 186 
ILE OXT HXT  sing N N 187 
LEU N   CA   sing N N 188 
LEU N   H    sing N N 189 
LEU N   H2   sing N N 190 
LEU CA  C    sing N N 191 
LEU CA  CB   sing N N 192 
LEU CA  HA   sing N N 193 
LEU C   O    doub N N 194 
LEU C   OXT  sing N N 195 
LEU CB  CG   sing N N 196 
LEU CB  HB2  sing N N 197 
LEU CB  HB3  sing N N 198 
LEU CG  CD1  sing N N 199 
LEU CG  CD2  sing N N 200 
LEU CG  HG   sing N N 201 
LEU CD1 HD11 sing N N 202 
LEU CD1 HD12 sing N N 203 
LEU CD1 HD13 sing N N 204 
LEU CD2 HD21 sing N N 205 
LEU CD2 HD22 sing N N 206 
LEU CD2 HD23 sing N N 207 
LEU OXT HXT  sing N N 208 
LYS N   CA   sing N N 209 
LYS N   H    sing N N 210 
LYS N   H2   sing N N 211 
LYS CA  C    sing N N 212 
LYS CA  CB   sing N N 213 
LYS CA  HA   sing N N 214 
LYS C   O    doub N N 215 
LYS C   OXT  sing N N 216 
LYS CB  CG   sing N N 217 
LYS CB  HB2  sing N N 218 
LYS CB  HB3  sing N N 219 
LYS CG  CD   sing N N 220 
LYS CG  HG2  sing N N 221 
LYS CG  HG3  sing N N 222 
LYS CD  CE   sing N N 223 
LYS CD  HD2  sing N N 224 
LYS CD  HD3  sing N N 225 
LYS CE  NZ   sing N N 226 
LYS CE  HE2  sing N N 227 
LYS CE  HE3  sing N N 228 
LYS NZ  HZ1  sing N N 229 
LYS NZ  HZ2  sing N N 230 
LYS NZ  HZ3  sing N N 231 
LYS OXT HXT  sing N N 232 
MET N   CA   sing N N 233 
MET N   H    sing N N 234 
MET N   H2   sing N N 235 
MET CA  C    sing N N 236 
MET CA  CB   sing N N 237 
MET CA  HA   sing N N 238 
MET C   O    doub N N 239 
MET C   OXT  sing N N 240 
MET CB  CG   sing N N 241 
MET CB  HB2  sing N N 242 
MET CB  HB3  sing N N 243 
MET CG  SD   sing N N 244 
MET CG  HG2  sing N N 245 
MET CG  HG3  sing N N 246 
MET SD  CE   sing N N 247 
MET CE  HE1  sing N N 248 
MET CE  HE2  sing N N 249 
MET CE  HE3  sing N N 250 
MET OXT HXT  sing N N 251 
PHE N   CA   sing N N 252 
PHE N   H    sing N N 253 
PHE N   H2   sing N N 254 
PHE CA  C    sing N N 255 
PHE CA  CB   sing N N 256 
PHE CA  HA   sing N N 257 
PHE C   O    doub N N 258 
PHE C   OXT  sing N N 259 
PHE CB  CG   sing N N 260 
PHE CB  HB2  sing N N 261 
PHE CB  HB3  sing N N 262 
PHE CG  CD1  doub Y N 263 
PHE CG  CD2  sing Y N 264 
PHE CD1 CE1  sing Y N 265 
PHE CD1 HD1  sing N N 266 
PHE CD2 CE2  doub Y N 267 
PHE CD2 HD2  sing N N 268 
PHE CE1 CZ   doub Y N 269 
PHE CE1 HE1  sing N N 270 
PHE CE2 CZ   sing Y N 271 
PHE CE2 HE2  sing N N 272 
PHE CZ  HZ   sing N N 273 
PHE OXT HXT  sing N N 274 
PO4 P   O1   doub N N 275 
PO4 P   O2   sing N N 276 
PO4 P   O3   sing N N 277 
PO4 P   O4   sing N N 278 
PRO N   CA   sing N N 279 
PRO N   CD   sing N N 280 
PRO N   H    sing N N 281 
PRO CA  C    sing N N 282 
PRO CA  CB   sing N N 283 
PRO CA  HA   sing N N 284 
PRO C   O    doub N N 285 
PRO C   OXT  sing N N 286 
PRO CB  CG   sing N N 287 
PRO CB  HB2  sing N N 288 
PRO CB  HB3  sing N N 289 
PRO CG  CD   sing N N 290 
PRO CG  HG2  sing N N 291 
PRO CG  HG3  sing N N 292 
PRO CD  HD2  sing N N 293 
PRO CD  HD3  sing N N 294 
PRO OXT HXT  sing N N 295 
SER N   CA   sing N N 296 
SER N   H    sing N N 297 
SER N   H2   sing N N 298 
SER CA  C    sing N N 299 
SER CA  CB   sing N N 300 
SER CA  HA   sing N N 301 
SER C   O    doub N N 302 
SER C   OXT  sing N N 303 
SER CB  OG   sing N N 304 
SER CB  HB2  sing N N 305 
SER CB  HB3  sing N N 306 
SER OG  HG   sing N N 307 
SER OXT HXT  sing N N 308 
THR N   CA   sing N N 309 
THR N   H    sing N N 310 
THR N   H2   sing N N 311 
THR CA  C    sing N N 312 
THR CA  CB   sing N N 313 
THR CA  HA   sing N N 314 
THR C   O    doub N N 315 
THR C   OXT  sing N N 316 
THR CB  OG1  sing N N 317 
THR CB  CG2  sing N N 318 
THR CB  HB   sing N N 319 
THR OG1 HG1  sing N N 320 
THR CG2 HG21 sing N N 321 
THR CG2 HG22 sing N N 322 
THR CG2 HG23 sing N N 323 
THR OXT HXT  sing N N 324 
TRP N   CA   sing N N 325 
TRP N   H    sing N N 326 
TRP N   H2   sing N N 327 
TRP CA  C    sing N N 328 
TRP CA  CB   sing N N 329 
TRP CA  HA   sing N N 330 
TRP C   O    doub N N 331 
TRP C   OXT  sing N N 332 
TRP CB  CG   sing N N 333 
TRP CB  HB2  sing N N 334 
TRP CB  HB3  sing N N 335 
TRP CG  CD1  doub Y N 336 
TRP CG  CD2  sing Y N 337 
TRP CD1 NE1  sing Y N 338 
TRP CD1 HD1  sing N N 339 
TRP CD2 CE2  doub Y N 340 
TRP CD2 CE3  sing Y N 341 
TRP NE1 CE2  sing Y N 342 
TRP NE1 HE1  sing N N 343 
TRP CE2 CZ2  sing Y N 344 
TRP CE3 CZ3  doub Y N 345 
TRP CE3 HE3  sing N N 346 
TRP CZ2 CH2  doub Y N 347 
TRP CZ2 HZ2  sing N N 348 
TRP CZ3 CH2  sing Y N 349 
TRP CZ3 HZ3  sing N N 350 
TRP CH2 HH2  sing N N 351 
TRP OXT HXT  sing N N 352 
TYR N   CA   sing N N 353 
TYR N   H    sing N N 354 
TYR N   H2   sing N N 355 
TYR CA  C    sing N N 356 
TYR CA  CB   sing N N 357 
TYR CA  HA   sing N N 358 
TYR C   O    doub N N 359 
TYR C   OXT  sing N N 360 
TYR CB  CG   sing N N 361 
TYR CB  HB2  sing N N 362 
TYR CB  HB3  sing N N 363 
TYR CG  CD1  doub Y N 364 
TYR CG  CD2  sing Y N 365 
TYR CD1 CE1  sing Y N 366 
TYR CD1 HD1  sing N N 367 
TYR CD2 CE2  doub Y N 368 
TYR CD2 HD2  sing N N 369 
TYR CE1 CZ   doub Y N 370 
TYR CE1 HE1  sing N N 371 
TYR CE2 CZ   sing Y N 372 
TYR CE2 HE2  sing N N 373 
TYR CZ  OH   sing N N 374 
TYR OH  HH   sing N N 375 
TYR OXT HXT  sing N N 376 
VAL N   CA   sing N N 377 
VAL N   H    sing N N 378 
VAL N   H2   sing N N 379 
VAL CA  C    sing N N 380 
VAL CA  CB   sing N N 381 
VAL CA  HA   sing N N 382 
VAL C   O    doub N N 383 
VAL C   OXT  sing N N 384 
VAL CB  CG1  sing N N 385 
VAL CB  CG2  sing N N 386 
VAL CB  HB   sing N N 387 
VAL CG1 HG11 sing N N 388 
VAL CG1 HG12 sing N N 389 
VAL CG1 HG13 sing N N 390 
VAL CG2 HG21 sing N N 391 
VAL CG2 HG22 sing N N 392 
VAL CG2 HG23 sing N N 393 
VAL OXT HXT  sing N N 394 
# 
_pdbx_audit_support.funding_organization   'Academia Sinica (Taiwan)' 
_pdbx_audit_support.country                Taiwan 
_pdbx_audit_support.grant_number           108-2113-M-001-021-MY3 
_pdbx_audit_support.ordinal                1 
# 
loop_
_pdbx_entity_nonpoly.entity_id 
_pdbx_entity_nonpoly.name 
_pdbx_entity_nonpoly.comp_id 
2 '2-OXOGLUTARIC ACID' AKG 
3 'POTASSIUM ION'      K   
4 'FE (III) ION'       FE  
5 'PHOSPHATE ION'      PO4 
6 water                HOH 
# 
_pdbx_initial_refinement_model.id               1 
_pdbx_initial_refinement_model.entity_id_list   ? 
_pdbx_initial_refinement_model.type             'experimental model' 
_pdbx_initial_refinement_model.source_name      PDB 
_pdbx_initial_refinement_model.accession_code   7V4F 
_pdbx_initial_refinement_model.details          ? 
# 
_pdbx_struct_assembly_auth_evidence.id                     1 
_pdbx_struct_assembly_auth_evidence.assembly_id            1 
_pdbx_struct_assembly_auth_evidence.experimental_support   'mass spectrometry' 
_pdbx_struct_assembly_auth_evidence.details                ? 
# 
